data_3NIP
#
_entry.id   3NIP
#
_cell.length_a   264.748
_cell.length_b   134.719
_cell.length_c   87.785
_cell.angle_alpha   90.00
_cell.angle_beta   104.37
_cell.angle_gamma   90.00
#
_symmetry.space_group_name_H-M   'C 1 2 1'
#
loop_
_entity.id
_entity.type
_entity.pdbx_description
1 polymer 3-guanidinopropionase
2 non-polymer HEXANE-1,6-DIAMINE
3 water water
#
_entity_poly.entity_id   1
_entity_poly.type   'polypeptide(L)'
_entity_poly.pdbx_seq_one_letter_code
;MSNDHPQPLDAAEIPRFAGIPTFMRLPAFTDPAALQVGLIGVPWDGGTTNRAGARHGPREVRNLSSLMRKVHHVSRIAPY
DLVRVGDLGDAPVNPIDLLDSLRRIEGFYRQVHAAGTLPLSVGGDHLVTLPIFRALGRERPLGMVHFDAHSDTNDRYFGD
NPYTHGTPFRRAIEEGLLDPLRTVQIGIRGSVYSPDDDAFARECGIRVIHMEEFVELGVEATLAEARRVVGAGPTYVSFD
VDVLDPAFAPGTGTPEIGGMTSLQAQQLVRGLRGLDLVGADVVEVSPPFDVGGATALVGATMMFELLCLLAESAARSALE
HHHHHH
;
_entity_poly.pdbx_strand_id   A,B,C,D,E,F
#
loop_
_chem_comp.id
_chem_comp.type
_chem_comp.name
_chem_comp.formula
16D non-polymer HEXANE-1,6-DIAMINE 'C6 H16 N2'
#
# COMPACT_ATOMS: atom_id res chain seq x y z
N ASN A 3 34.82 -27.91 -4.47
CA ASN A 3 33.67 -28.58 -5.15
C ASN A 3 32.70 -29.22 -4.14
N ASP A 4 33.07 -29.09 -2.86
CA ASP A 4 32.22 -29.50 -1.75
C ASP A 4 31.80 -28.25 -0.95
N HIS A 5 31.79 -27.10 -1.64
CA HIS A 5 31.44 -25.81 -1.05
C HIS A 5 29.93 -25.77 -0.76
N PRO A 6 29.52 -25.01 0.27
CA PRO A 6 28.09 -24.81 0.50
C PRO A 6 27.46 -24.18 -0.74
N GLN A 7 26.26 -24.65 -1.09
CA GLN A 7 25.59 -24.21 -2.30
C GLN A 7 24.18 -23.69 -1.98
N PRO A 8 23.70 -22.72 -2.79
CA PRO A 8 22.31 -22.31 -2.67
C PRO A 8 21.41 -23.48 -2.95
N LEU A 9 20.19 -23.43 -2.45
CA LEU A 9 19.18 -24.40 -2.84
C LEU A 9 19.12 -24.48 -4.37
N ASP A 10 18.97 -25.69 -4.89
CA ASP A 10 18.97 -25.93 -6.32
C ASP A 10 17.65 -25.51 -6.95
N ALA A 11 17.67 -24.34 -7.59
CA ALA A 11 16.46 -23.72 -8.15
C ALA A 11 15.80 -24.52 -9.29
N ALA A 12 16.54 -25.46 -9.87
CA ALA A 12 15.99 -26.34 -10.90
C ALA A 12 15.19 -27.50 -10.28
N GLU A 13 15.20 -27.57 -8.95
CA GLU A 13 14.43 -28.57 -8.22
C GLU A 13 13.48 -27.96 -7.19
N ILE A 14 13.97 -26.93 -6.48
CA ILE A 14 13.20 -26.26 -5.43
C ILE A 14 12.92 -24.84 -5.88
N PRO A 15 11.63 -24.48 -6.01
CA PRO A 15 11.31 -23.14 -6.51
C PRO A 15 11.67 -22.01 -5.53
N ARG A 16 11.86 -20.81 -6.09
CA ARG A 16 12.44 -19.70 -5.34
C ARG A 16 11.55 -19.21 -4.18
N PHE A 17 10.25 -19.44 -4.27
CA PHE A 17 9.34 -19.08 -3.20
C PHE A 17 9.35 -20.09 -2.05
N ALA A 18 9.96 -21.25 -2.25
CA ALA A 18 10.00 -22.27 -1.21
C ALA A 18 11.34 -22.27 -0.50
N GLY A 19 11.41 -22.94 0.65
CA GLY A 19 12.64 -23.01 1.44
C GLY A 19 12.70 -21.92 2.49
N ILE A 20 13.41 -22.20 3.58
CA ILE A 20 13.62 -21.23 4.64
C ILE A 20 14.46 -20.08 4.08
N PRO A 21 14.03 -18.84 4.33
CA PRO A 21 14.79 -17.69 3.82
C PRO A 21 16.10 -17.43 4.56
N THR A 22 17.21 -17.78 3.91
CA THR A 22 18.54 -17.48 4.39
C THR A 22 19.14 -16.56 3.31
N PHE A 23 20.28 -15.92 3.59
CA PHE A 23 20.96 -15.15 2.54
C PHE A 23 21.31 -16.03 1.33
N MET A 24 20.73 -15.68 0.19
CA MET A 24 21.03 -16.33 -1.09
C MET A 24 20.65 -17.81 -1.10
N ARG A 25 19.72 -18.19 -0.21
CA ARG A 25 19.25 -19.57 -0.08
C ARG A 25 20.36 -20.57 0.29
N LEU A 26 21.34 -20.07 1.04
CA LEU A 26 22.53 -20.83 1.41
C LEU A 26 22.29 -21.57 2.73
N PRO A 27 23.17 -22.52 3.08
CA PRO A 27 23.08 -23.13 4.42
C PRO A 27 23.41 -22.12 5.52
N ALA A 28 22.91 -22.38 6.72
CA ALA A 28 23.14 -21.54 7.88
C ALA A 28 24.33 -22.08 8.64
N PHE A 29 25.17 -21.17 9.09
CA PHE A 29 26.34 -21.52 9.87
C PHE A 29 26.37 -20.70 11.12
N THR A 30 27.03 -21.25 12.13
CA THR A 30 27.17 -20.61 13.42
C THR A 30 28.66 -20.40 13.76
N ASP A 31 29.53 -21.02 12.96
CA ASP A 31 30.97 -20.99 13.16
C ASP A 31 31.66 -20.32 11.96
N PRO A 32 32.24 -19.12 12.16
CA PRO A 32 32.84 -18.33 11.08
C PRO A 32 33.98 -19.02 10.34
N ALA A 33 34.70 -19.90 11.03
CA ALA A 33 35.87 -20.56 10.45
C ALA A 33 35.49 -21.55 9.35
N ALA A 34 34.22 -21.92 9.30
CA ALA A 34 33.71 -22.82 8.28
C ALA A 34 33.53 -22.13 6.92
N LEU A 35 33.72 -20.81 6.89
CA LEU A 35 33.49 -19.99 5.69
C LEU A 35 34.64 -18.99 5.47
N GLN A 36 34.81 -18.65 4.19
CA GLN A 36 35.76 -17.62 3.78
C GLN A 36 35.05 -16.24 3.67
N VAL A 37 33.77 -16.26 3.29
CA VAL A 37 32.93 -15.05 3.21
C VAL A 37 31.63 -15.29 4.00
N GLY A 38 31.42 -14.52 5.07
CA GLY A 38 30.24 -14.73 5.89
C GLY A 38 29.18 -13.68 5.65
N LEU A 39 27.96 -14.12 5.37
CA LEU A 39 26.83 -13.20 5.19
C LEU A 39 26.16 -12.95 6.53
N ILE A 40 26.20 -11.70 6.99
CA ILE A 40 25.78 -11.34 8.35
C ILE A 40 24.73 -10.23 8.35
N GLY A 41 23.70 -10.40 9.15
CA GLY A 41 22.73 -9.34 9.36
C GLY A 41 23.03 -8.58 10.63
N VAL A 42 22.94 -7.25 10.56
CA VAL A 42 23.07 -6.46 11.76
C VAL A 42 21.78 -5.67 11.94
N PRO A 43 20.78 -6.30 12.55
CA PRO A 43 19.45 -5.72 12.70
C PRO A 43 19.44 -4.66 13.82
N TRP A 44 20.01 -3.49 13.54
CA TRP A 44 20.24 -2.48 14.55
C TRP A 44 20.00 -1.07 14.02
N ASP A 45 19.15 -0.31 14.72
CA ASP A 45 18.87 1.08 14.31
C ASP A 45 18.73 2.05 15.48
N GLY A 46 19.35 1.70 16.61
CA GLY A 46 19.39 2.60 17.77
C GLY A 46 20.17 3.88 17.50
N GLY A 47 20.81 3.97 16.33
CA GLY A 47 21.54 5.15 15.95
C GLY A 47 20.71 6.12 15.14
N THR A 48 19.44 5.79 14.92
CA THR A 48 18.56 6.56 14.05
C THR A 48 17.78 7.63 14.81
N THR A 49 17.85 8.86 14.31
CA THR A 49 17.32 10.02 15.02
C THR A 49 15.97 10.49 14.51
N ASN A 50 15.61 10.02 13.33
CA ASN A 50 14.30 10.36 12.79
C ASN A 50 13.52 9.11 12.40
N ARG A 51 13.52 8.76 11.10
CA ARG A 51 12.77 7.62 10.60
C ARG A 51 13.54 6.30 10.77
N ALA A 52 13.10 5.51 11.76
CA ALA A 52 13.71 4.22 12.09
C ALA A 52 13.07 3.07 11.30
N GLY A 53 13.52 1.84 11.51
CA GLY A 53 12.99 0.67 10.82
C GLY A 53 14.03 -0.23 10.15
N ALA A 54 15.28 0.25 10.06
CA ALA A 54 16.36 -0.55 9.47
C ALA A 54 16.69 -1.79 10.30
N ARG A 55 16.21 -1.85 11.55
CA ARG A 55 16.34 -3.09 12.31
C ARG A 55 15.70 -4.28 11.56
N HIS A 56 14.74 -4.00 10.67
CA HIS A 56 14.05 -5.05 9.90
C HIS A 56 14.74 -5.34 8.57
N GLY A 57 15.74 -4.54 8.23
CA GLY A 57 16.48 -4.71 6.98
C GLY A 57 16.95 -6.12 6.68
N PRO A 58 17.75 -6.72 7.59
CA PRO A 58 18.31 -8.03 7.24
C PRO A 58 17.26 -9.10 6.94
N ARG A 59 16.13 -9.10 7.65
CA ARG A 59 15.11 -10.09 7.40
C ARG A 59 14.53 -9.98 5.99
N GLU A 60 14.18 -8.76 5.60
CA GLU A 60 13.60 -8.54 4.29
C GLU A 60 14.61 -8.75 3.18
N VAL A 61 15.88 -8.41 3.44
CA VAL A 61 16.92 -8.71 2.46
C VAL A 61 17.12 -10.21 2.32
N ARG A 62 17.06 -10.95 3.42
CA ARG A 62 17.06 -12.43 3.38
C ARG A 62 15.93 -12.92 2.46
N ASN A 63 14.71 -12.47 2.72
CA ASN A 63 13.56 -12.79 1.87
C ASN A 63 13.79 -12.57 0.40
N LEU A 64 14.15 -11.33 0.06
CA LEU A 64 14.25 -10.96 -1.32
C LEU A 64 15.47 -11.51 -2.03
N SER A 65 16.52 -11.85 -1.27
CA SER A 65 17.69 -12.54 -1.84
C SER A 65 17.36 -13.88 -2.50
N SER A 66 16.18 -14.43 -2.22
CA SER A 66 15.66 -15.61 -2.94
C SER A 66 15.68 -15.46 -4.44
N LEU A 67 15.67 -14.22 -4.90
CA LEU A 67 15.63 -13.93 -6.33
C LEU A 67 17.02 -13.99 -7.01
N MET A 68 18.08 -13.91 -6.22
CA MET A 68 19.44 -13.95 -6.75
C MET A 68 19.80 -15.34 -7.29
N ARG A 69 20.60 -15.37 -8.36
CA ARG A 69 21.08 -16.63 -8.91
C ARG A 69 22.58 -16.83 -8.62
N LYS A 70 23.14 -17.95 -9.12
CA LYS A 70 24.50 -18.43 -8.77
C LYS A 70 25.67 -17.70 -9.46
N VAL A 71 25.45 -17.21 -10.68
CA VAL A 71 26.55 -16.71 -11.53
C VAL A 71 26.29 -15.30 -12.07
N HIS A 72 27.22 -14.39 -11.78
CA HIS A 72 27.18 -13.03 -12.29
C HIS A 72 27.24 -13.07 -13.79
N HIS A 73 26.36 -12.36 -14.48
CA HIS A 73 26.26 -12.47 -15.93
C HIS A 73 27.31 -11.68 -16.74
N VAL A 74 27.99 -10.72 -16.12
CA VAL A 74 29.02 -9.97 -16.82
C VAL A 74 30.40 -10.58 -16.53
N SER A 75 30.81 -10.57 -15.27
CA SER A 75 32.12 -11.07 -14.88
C SER A 75 32.25 -12.61 -14.95
N ARG A 76 31.12 -13.31 -14.93
CA ARG A 76 31.08 -14.79 -14.94
C ARG A 76 31.59 -15.41 -13.63
N ILE A 77 31.74 -14.60 -12.60
CA ILE A 77 32.13 -15.09 -11.27
C ILE A 77 31.03 -15.94 -10.63
N ALA A 78 31.39 -17.20 -10.32
CA ALA A 78 30.53 -18.10 -9.58
C ALA A 78 31.04 -18.15 -8.13
N PRO A 79 30.53 -17.25 -7.27
CA PRO A 79 31.14 -17.03 -5.96
C PRO A 79 31.18 -18.25 -5.05
N TYR A 80 30.17 -19.11 -5.16
CA TYR A 80 30.07 -20.27 -4.27
C TYR A 80 31.02 -21.39 -4.68
N ASP A 81 31.37 -21.42 -5.98
CA ASP A 81 32.42 -22.29 -6.50
C ASP A 81 33.83 -21.78 -6.12
N LEU A 82 34.03 -20.46 -6.19
CA LEU A 82 35.32 -19.88 -5.86
C LEU A 82 35.71 -20.08 -4.39
N VAL A 83 34.79 -19.77 -3.48
CA VAL A 83 35.06 -19.81 -2.03
C VAL A 83 33.89 -20.39 -1.26
N ARG A 84 34.05 -20.49 0.06
CA ARG A 84 33.02 -21.00 0.94
C ARG A 84 32.22 -19.84 1.53
N VAL A 85 30.97 -19.76 1.11
CA VAL A 85 30.07 -18.67 1.49
C VAL A 85 28.90 -19.24 2.29
N GLY A 86 28.43 -18.49 3.28
CA GLY A 86 27.28 -18.91 4.07
C GLY A 86 26.60 -17.81 4.85
N ASP A 87 25.40 -18.13 5.34
CA ASP A 87 24.64 -17.22 6.19
C ASP A 87 25.05 -17.42 7.66
N LEU A 88 25.77 -16.44 8.21
CA LEU A 88 26.23 -16.50 9.60
C LEU A 88 25.21 -16.00 10.62
N GLY A 89 23.99 -15.75 10.19
CA GLY A 89 22.95 -15.35 11.13
C GLY A 89 23.01 -13.86 11.42
N ASP A 90 22.63 -13.47 12.63
CA ASP A 90 22.62 -12.07 13.00
C ASP A 90 23.60 -11.82 14.12
N ALA A 91 24.32 -10.72 14.01
CA ALA A 91 25.12 -10.20 15.10
C ALA A 91 24.22 -9.82 16.27
N PRO A 92 24.70 -10.05 17.50
CA PRO A 92 23.87 -9.76 18.68
C PRO A 92 23.52 -8.28 18.79
N VAL A 93 22.26 -8.00 19.09
CA VAL A 93 21.77 -6.64 19.17
C VAL A 93 20.94 -6.47 20.45
N ASN A 94 21.02 -5.30 21.06
CA ASN A 94 20.18 -4.93 22.17
C ASN A 94 19.42 -3.68 21.73
N PRO A 95 18.12 -3.84 21.40
CA PRO A 95 17.34 -2.76 20.77
C PRO A 95 17.17 -1.59 21.71
N ILE A 96 17.49 -1.81 22.97
CA ILE A 96 17.18 -0.87 24.03
C ILE A 96 18.43 -0.29 24.73
N ASP A 97 19.60 -0.78 24.39
CA ASP A 97 20.87 -0.30 24.96
C ASP A 97 21.91 -0.12 23.86
N LEU A 98 22.13 1.13 23.47
CA LEU A 98 23.07 1.45 22.41
C LEU A 98 24.51 0.99 22.69
N LEU A 99 25.00 1.26 23.89
CA LEU A 99 26.38 0.92 24.22
C LEU A 99 26.62 -0.58 24.27
N ASP A 100 25.64 -1.30 24.80
CA ASP A 100 25.70 -2.76 24.88
C ASP A 100 25.74 -3.38 23.49
N SER A 101 24.96 -2.80 22.56
CA SER A 101 24.96 -3.25 21.17
C SER A 101 26.31 -3.03 20.50
N LEU A 102 26.89 -1.84 20.68
CA LEU A 102 28.23 -1.56 20.17
C LEU A 102 29.21 -2.63 20.66
N ARG A 103 29.21 -2.86 21.97
CA ARG A 103 30.07 -3.85 22.62
C ARG A 103 29.92 -5.25 22.00
N ARG A 104 28.67 -5.69 21.85
CA ARG A 104 28.40 -7.05 21.40
C ARG A 104 28.61 -7.24 19.91
N ILE A 105 28.26 -6.23 19.12
CA ILE A 105 28.49 -6.31 17.68
C ILE A 105 29.99 -6.41 17.40
N GLU A 106 30.79 -5.62 18.11
CA GLU A 106 32.24 -5.68 17.97
C GLU A 106 32.74 -7.07 18.33
N GLY A 107 32.28 -7.57 19.49
CA GLY A 107 32.61 -8.91 19.97
C GLY A 107 32.42 -9.95 18.89
N PHE A 108 31.20 -9.99 18.34
CA PHE A 108 30.87 -10.92 17.27
C PHE A 108 31.78 -10.76 16.07
N TYR A 109 32.07 -9.52 15.70
CA TYR A 109 32.90 -9.28 14.52
C TYR A 109 34.38 -9.62 14.72
N ARG A 110 34.92 -9.46 15.93
CA ARG A 110 36.30 -9.94 16.16
C ARG A 110 36.46 -11.46 16.04
N GLN A 111 35.44 -12.22 16.47
CA GLN A 111 35.41 -13.67 16.22
C GLN A 111 35.44 -13.96 14.71
N VAL A 112 34.65 -13.23 13.94
CA VAL A 112 34.64 -13.37 12.48
C VAL A 112 36.03 -13.05 11.90
N HIS A 113 36.62 -11.96 12.37
CA HIS A 113 37.95 -11.54 11.93
C HIS A 113 39.05 -12.54 12.34
N ALA A 114 39.02 -13.00 13.59
CA ALA A 114 40.00 -13.99 14.09
C ALA A 114 40.03 -15.30 13.29
N ALA A 115 38.93 -15.59 12.58
CA ALA A 115 38.82 -16.80 11.77
C ALA A 115 39.23 -16.60 10.30
N GLY A 116 39.67 -15.39 9.96
CA GLY A 116 40.01 -15.02 8.57
C GLY A 116 38.81 -14.95 7.61
N THR A 117 37.62 -14.83 8.16
CA THR A 117 36.41 -14.74 7.35
C THR A 117 36.15 -13.31 6.93
N LEU A 118 36.00 -13.08 5.63
CA LEU A 118 35.60 -11.76 5.13
C LEU A 118 34.09 -11.55 5.39
N PRO A 119 33.74 -10.44 6.07
CA PRO A 119 32.33 -10.19 6.34
C PRO A 119 31.62 -9.40 5.25
N LEU A 120 30.44 -9.87 4.84
CA LEU A 120 29.52 -9.10 3.99
C LEU A 120 28.24 -8.86 4.79
N SER A 121 28.04 -7.61 5.22
CA SER A 121 26.99 -7.31 6.20
C SER A 121 25.82 -6.51 5.64
N VAL A 122 24.63 -6.83 6.14
CA VAL A 122 23.42 -6.08 5.81
C VAL A 122 22.91 -5.43 7.07
N GLY A 123 22.72 -4.12 7.02
CA GLY A 123 22.19 -3.37 8.15
C GLY A 123 20.67 -3.42 8.23
N GLY A 124 20.08 -2.69 9.19
CA GLY A 124 20.81 -1.82 10.11
C GLY A 124 21.06 -0.43 9.55
N ASP A 125 21.08 0.57 10.42
CA ASP A 125 21.44 1.92 9.98
C ASP A 125 22.96 2.03 9.95
N HIS A 126 23.50 3.16 9.45
CA HIS A 126 24.94 3.24 9.17
C HIS A 126 25.87 3.13 10.39
N LEU A 127 25.32 3.28 11.60
CA LEU A 127 26.11 3.14 12.81
C LEU A 127 26.75 1.74 12.91
N VAL A 128 26.04 0.75 12.39
CA VAL A 128 26.53 -0.63 12.34
C VAL A 128 27.97 -0.77 11.83
N THR A 129 28.37 0.12 10.95
CA THR A 129 29.68 0.02 10.33
C THR A 129 30.81 0.26 11.34
N LEU A 130 30.51 1.01 12.42
CA LEU A 130 31.52 1.36 13.41
C LEU A 130 32.02 0.12 14.17
N PRO A 131 31.10 -0.66 14.80
CA PRO A 131 31.55 -1.83 15.53
C PRO A 131 32.33 -2.75 14.61
N ILE A 132 31.88 -2.85 13.36
CA ILE A 132 32.55 -3.70 12.40
C ILE A 132 34.00 -3.20 12.27
N PHE A 133 34.14 -1.90 12.02
CA PHE A 133 35.43 -1.25 11.85
C PHE A 133 36.34 -1.43 13.06
N ARG A 134 35.76 -1.35 14.25
CA ARG A 134 36.51 -1.56 15.48
C ARG A 134 37.10 -2.97 15.54
N ALA A 135 36.46 -3.94 14.90
CA ALA A 135 37.01 -5.28 14.82
C ALA A 135 37.95 -5.51 13.63
N LEU A 136 37.73 -4.80 12.52
CA LEU A 136 38.51 -5.05 11.29
C LEU A 136 39.72 -4.14 11.10
N GLY A 137 39.76 -3.04 11.85
CA GLY A 137 40.85 -2.07 11.71
C GLY A 137 41.72 -1.85 12.92
N ARG A 138 41.79 -2.82 13.84
CA ARG A 138 42.68 -2.71 15.00
C ARG A 138 44.16 -2.69 14.58
N GLU A 139 44.53 -3.60 13.68
CA GLU A 139 45.93 -3.79 13.31
C GLU A 139 46.45 -2.71 12.36
N ARG A 140 45.78 -2.57 11.22
CA ARG A 140 46.12 -1.57 10.20
C ARG A 140 44.85 -0.88 9.67
N PRO A 141 44.87 0.46 9.60
CA PRO A 141 43.65 1.19 9.22
C PRO A 141 43.14 0.79 7.83
N LEU A 142 41.83 0.86 7.64
CA LEU A 142 41.23 0.53 6.35
C LEU A 142 41.10 1.74 5.44
N GLY A 143 41.20 1.51 4.13
CA GLY A 143 40.67 2.42 3.13
C GLY A 143 39.19 2.13 2.92
N MET A 144 38.45 3.06 2.31
CA MET A 144 37.02 2.83 2.08
C MET A 144 36.47 3.46 0.83
N VAL A 145 35.59 2.71 0.15
CA VAL A 145 34.71 3.28 -0.86
C VAL A 145 33.31 3.33 -0.26
N HIS A 146 32.78 4.53 -0.15
CA HIS A 146 31.54 4.79 0.59
C HIS A 146 30.52 5.48 -0.31
N PHE A 147 29.41 4.80 -0.57
CA PHE A 147 28.28 5.34 -1.33
C PHE A 147 27.21 5.74 -0.35
N ASP A 148 26.83 7.01 -0.38
CA ASP A 148 25.87 7.52 0.57
C ASP A 148 25.34 8.85 0.05
N ALA A 149 24.20 9.27 0.56
CA ALA A 149 23.72 10.62 0.37
C ALA A 149 24.33 11.55 1.43
N HIS A 150 24.87 10.97 2.50
CA HIS A 150 25.39 11.72 3.65
C HIS A 150 26.81 11.34 4.04
N SER A 151 27.56 12.31 4.54
CA SER A 151 28.96 12.05 4.88
C SER A 151 29.15 11.12 6.08
N ASP A 152 28.14 11.10 6.96
CA ASP A 152 28.18 10.36 8.24
C ASP A 152 29.47 10.60 9.02
N THR A 153 29.92 11.85 8.99
CA THR A 153 31.12 12.28 9.70
C THR A 153 30.80 13.45 10.63
N ASN A 154 29.56 13.49 11.12
CA ASN A 154 29.13 14.47 12.14
C ASN A 154 29.74 14.13 13.50
N ASP A 155 29.60 15.06 14.44
CA ASP A 155 30.28 14.97 15.72
C ASP A 155 29.33 14.51 16.83
N ARG A 156 28.36 15.36 17.17
CA ARG A 156 27.43 15.12 18.28
C ARG A 156 25.97 15.34 17.88
N TYR A 157 25.04 14.69 18.57
CA TYR A 157 23.61 14.92 18.37
C TYR A 157 22.90 15.07 19.70
N PHE A 158 21.90 15.96 19.71
CA PHE A 158 21.04 16.20 20.87
C PHE A 158 21.83 16.24 22.18
N GLY A 159 22.78 17.17 22.25
CA GLY A 159 23.71 17.25 23.36
C GLY A 159 25.02 16.54 23.04
N ASP A 160 25.44 15.65 23.93
CA ASP A 160 26.78 15.10 23.86
C ASP A 160 26.80 13.61 23.51
N ASN A 161 25.89 13.21 22.63
CA ASN A 161 25.82 11.83 22.19
C ASN A 161 26.69 11.61 20.94
N PRO A 162 27.75 10.80 21.07
CA PRO A 162 28.70 10.66 19.97
C PRO A 162 28.40 9.52 19.00
N TYR A 163 27.37 8.73 19.30
CA TYR A 163 27.09 7.55 18.51
C TYR A 163 25.69 7.58 17.86
N THR A 164 25.64 7.98 16.57
CA THR A 164 24.42 7.90 15.74
C THR A 164 24.76 7.41 14.33
N HIS A 165 23.76 7.18 13.50
CA HIS A 165 24.02 6.73 12.13
C HIS A 165 24.73 7.80 11.27
N GLY A 166 24.81 9.03 11.79
CA GLY A 166 25.52 10.14 11.14
C GLY A 166 26.94 10.45 11.65
N THR A 167 27.48 9.61 12.54
CA THR A 167 28.82 9.84 13.10
C THR A 167 29.87 8.70 12.93
N PRO A 168 29.48 7.56 12.32
CA PRO A 168 30.39 6.41 12.44
C PRO A 168 31.77 6.62 11.82
N PHE A 169 31.85 7.38 10.74
CA PHE A 169 33.13 7.55 10.09
C PHE A 169 34.01 8.62 10.74
N ARG A 170 33.39 9.60 11.39
CA ARG A 170 34.13 10.52 12.25
C ARG A 170 34.77 9.75 13.43
N ARG A 171 33.97 8.90 14.07
CA ARG A 171 34.45 8.02 15.14
C ARG A 171 35.55 7.09 14.66
N ALA A 172 35.30 6.40 13.54
CA ALA A 172 36.28 5.47 12.99
C ALA A 172 37.61 6.14 12.68
N ILE A 173 37.56 7.40 12.23
CA ILE A 173 38.79 8.12 11.89
C ILE A 173 39.56 8.48 13.15
N GLU A 174 38.86 9.08 14.12
CA GLU A 174 39.45 9.43 15.41
C GLU A 174 40.12 8.23 16.10
N GLU A 175 39.55 7.04 15.90
CA GLU A 175 40.03 5.83 16.59
C GLU A 175 41.11 5.09 15.79
N GLY A 176 41.57 5.71 14.71
CA GLY A 176 42.65 5.17 13.87
C GLY A 176 42.27 3.95 13.06
N LEU A 177 40.98 3.66 12.96
CA LEU A 177 40.47 2.48 12.24
C LEU A 177 40.29 2.74 10.75
N LEU A 178 39.93 3.97 10.42
CA LEU A 178 39.72 4.38 9.04
C LEU A 178 40.79 5.36 8.63
N ASP A 179 41.42 5.10 7.49
CA ASP A 179 42.41 6.01 6.93
C ASP A 179 41.73 7.06 6.02
N PRO A 180 41.62 8.32 6.50
CA PRO A 180 40.90 9.35 5.73
C PRO A 180 41.51 9.62 4.37
N LEU A 181 42.84 9.50 4.26
CA LEU A 181 43.54 9.74 2.99
C LEU A 181 43.27 8.62 2.01
N ARG A 182 42.70 7.53 2.51
CA ARG A 182 42.29 6.43 1.65
C ARG A 182 40.77 6.22 1.71
N THR A 183 40.05 7.31 1.94
CA THR A 183 38.59 7.31 1.95
C THR A 183 38.06 8.17 0.82
N VAL A 184 37.20 7.57 0.00
CA VAL A 184 36.44 8.28 -1.01
C VAL A 184 34.94 8.09 -0.74
N GLN A 185 34.18 9.19 -0.86
CA GLN A 185 32.74 9.17 -0.61
C GLN A 185 32.03 9.63 -1.88
N ILE A 186 30.99 8.90 -2.30
CA ILE A 186 30.32 9.15 -3.58
C ILE A 186 28.80 9.31 -3.41
N GLY A 187 28.27 10.43 -3.90
CA GLY A 187 26.84 10.67 -3.98
C GLY A 187 26.22 11.69 -3.02
N ILE A 188 27.05 12.31 -2.18
CA ILE A 188 26.62 13.24 -1.15
C ILE A 188 25.78 14.38 -1.74
N ARG A 189 24.60 14.60 -1.17
CA ARG A 189 23.64 15.57 -1.69
C ARG A 189 22.60 15.90 -0.63
N GLY A 190 21.83 16.96 -0.89
CA GLY A 190 20.73 17.39 -0.04
C GLY A 190 21.12 18.55 0.83
N SER A 191 20.12 19.32 1.27
CA SER A 191 20.32 20.47 2.14
C SER A 191 21.03 20.09 3.44
N VAL A 192 21.73 21.06 4.03
CA VAL A 192 22.59 20.83 5.21
C VAL A 192 22.33 21.86 6.32
N TYR A 193 22.93 21.64 7.49
CA TYR A 193 22.75 22.53 8.64
C TYR A 193 23.61 23.79 8.59
N SER A 194 24.82 23.70 8.01
CA SER A 194 25.77 24.83 7.94
C SER A 194 26.31 25.12 6.53
N PRO A 195 26.71 26.39 6.26
CA PRO A 195 27.28 26.78 4.95
C PRO A 195 28.67 26.19 4.70
N ASP A 196 29.23 25.55 5.73
CA ASP A 196 30.55 24.92 5.68
C ASP A 196 30.43 23.49 6.23
N ASP A 197 29.90 22.58 5.43
CA ASP A 197 29.61 21.22 5.89
C ASP A 197 30.79 20.25 5.75
N ASP A 198 31.56 20.38 4.67
CA ASP A 198 32.69 19.49 4.40
C ASP A 198 33.94 19.80 5.25
N ALA A 199 33.74 20.52 6.37
CA ALA A 199 34.86 20.99 7.20
C ALA A 199 35.76 19.86 7.66
N PHE A 200 35.19 18.95 8.45
CA PHE A 200 35.92 17.80 8.97
C PHE A 200 36.57 16.99 7.85
N ALA A 201 35.86 16.83 6.74
CA ALA A 201 36.33 16.04 5.60
C ALA A 201 37.54 16.67 4.90
N ARG A 202 37.45 17.97 4.63
CA ARG A 202 38.52 18.73 3.97
C ARG A 202 39.77 18.80 4.85
N GLU A 203 39.57 18.92 6.16
CA GLU A 203 40.65 18.99 7.11
C GLU A 203 41.45 17.69 7.25
N CYS A 204 40.77 16.55 7.27
CA CYS A 204 41.50 15.29 7.39
C CYS A 204 41.76 14.60 6.03
N GLY A 205 41.22 15.18 4.95
CA GLY A 205 41.59 14.77 3.59
C GLY A 205 40.75 13.70 2.91
N ILE A 206 39.49 13.58 3.31
CA ILE A 206 38.57 12.65 2.67
C ILE A 206 38.18 13.22 1.31
N ARG A 207 38.34 12.41 0.28
CA ARG A 207 37.84 12.73 -1.04
C ARG A 207 36.31 12.59 -1.07
N VAL A 208 35.62 13.71 -1.15
CA VAL A 208 34.17 13.72 -1.21
C VAL A 208 33.69 14.06 -2.62
N ILE A 209 33.02 13.11 -3.27
CA ILE A 209 32.42 13.31 -4.59
C ILE A 209 30.90 13.46 -4.42
N HIS A 210 30.45 14.71 -4.39
CA HIS A 210 29.04 15.03 -4.26
C HIS A 210 28.29 14.58 -5.50
N MET A 211 26.98 14.40 -5.34
CA MET A 211 26.12 14.10 -6.47
C MET A 211 26.43 14.98 -7.69
N GLU A 212 26.62 16.28 -7.44
CA GLU A 212 26.88 17.24 -8.53
C GLU A 212 28.18 16.91 -9.27
N GLU A 213 29.22 16.50 -8.53
CA GLU A 213 30.51 16.17 -9.11
C GLU A 213 30.51 14.83 -9.84
N PHE A 214 29.81 13.86 -9.25
CA PHE A 214 29.50 12.57 -9.91
C PHE A 214 28.86 12.73 -11.30
N VAL A 215 27.89 13.64 -11.42
CA VAL A 215 27.24 13.94 -12.71
C VAL A 215 28.22 14.59 -13.71
N GLU A 216 28.98 15.58 -13.25
CA GLU A 216 30.02 16.21 -14.08
C GLU A 216 31.08 15.19 -14.51
N LEU A 217 31.45 14.31 -13.59
CA LEU A 217 32.49 13.32 -13.79
C LEU A 217 32.05 12.16 -14.67
N GLY A 218 30.84 11.64 -14.45
CA GLY A 218 30.41 10.41 -15.12
C GLY A 218 30.94 9.18 -14.41
N VAL A 219 30.41 8.03 -14.77
CA VAL A 219 30.73 6.78 -14.05
C VAL A 219 32.22 6.40 -14.15
N GLU A 220 32.77 6.44 -15.35
CA GLU A 220 34.13 5.96 -15.56
C GLU A 220 35.17 6.84 -14.86
N ALA A 221 35.01 8.15 -14.98
CA ALA A 221 35.95 9.06 -14.35
C ALA A 221 35.80 9.04 -12.82
N THR A 222 34.56 8.89 -12.34
CA THR A 222 34.27 8.74 -10.91
C THR A 222 34.96 7.48 -10.40
N LEU A 223 34.90 6.44 -11.20
CA LEU A 223 35.53 5.16 -10.89
C LEU A 223 37.06 5.23 -10.80
N ALA A 224 37.68 5.88 -11.79
CA ALA A 224 39.13 6.03 -11.78
C ALA A 224 39.56 6.82 -10.55
N GLU A 225 38.83 7.88 -10.24
CA GLU A 225 39.09 8.66 -9.03
C GLU A 225 38.94 7.84 -7.74
N ALA A 226 37.88 7.05 -7.65
CA ALA A 226 37.68 6.18 -6.49
C ALA A 226 38.85 5.23 -6.31
N ARG A 227 39.28 4.60 -7.42
CA ARG A 227 40.41 3.67 -7.41
C ARG A 227 41.73 4.38 -7.06
N ARG A 228 41.95 5.55 -7.65
CA ARG A 228 43.12 6.37 -7.31
C ARG A 228 43.21 6.57 -5.80
N VAL A 229 42.08 6.90 -5.18
CA VAL A 229 42.07 7.18 -3.74
C VAL A 229 42.47 5.97 -2.88
N VAL A 230 41.83 4.82 -3.11
CA VAL A 230 42.08 3.65 -2.23
C VAL A 230 43.35 2.85 -2.59
N GLY A 231 43.70 2.83 -3.87
CA GLY A 231 44.95 2.24 -4.34
C GLY A 231 45.03 0.73 -4.23
N ALA A 232 46.16 0.25 -3.70
CA ALA A 232 46.43 -1.18 -3.60
C ALA A 232 46.14 -1.71 -2.18
N GLY A 233 45.98 -0.80 -1.22
CA GLY A 233 45.79 -1.16 0.20
C GLY A 233 44.46 -1.83 0.56
N PRO A 234 44.34 -2.32 1.82
CA PRO A 234 43.14 -2.99 2.32
C PRO A 234 41.92 -2.05 2.36
N THR A 235 40.80 -2.51 1.77
CA THR A 235 39.65 -1.64 1.51
C THR A 235 38.28 -2.26 1.84
N TYR A 236 37.48 -1.46 2.54
CA TYR A 236 36.08 -1.74 2.84
C TYR A 236 35.15 -0.97 1.91
N VAL A 237 34.04 -1.59 1.52
CA VAL A 237 33.07 -0.93 0.67
C VAL A 237 31.79 -0.78 1.47
N SER A 238 31.39 0.44 1.75
CA SER A 238 30.17 0.65 2.52
C SER A 238 29.13 1.27 1.62
N PHE A 239 28.04 0.53 1.42
CA PHE A 239 26.98 0.93 0.51
C PHE A 239 25.68 1.26 1.26
N ASP A 240 25.35 2.54 1.27
CA ASP A 240 24.12 3.02 1.87
C ASP A 240 23.11 3.20 0.75
N VAL A 241 21.98 2.48 0.83
CA VAL A 241 20.95 2.55 -0.22
C VAL A 241 20.43 3.97 -0.48
N ASP A 242 20.48 4.85 0.53
CA ASP A 242 20.02 6.22 0.32
C ASP A 242 20.87 7.01 -0.69
N VAL A 243 22.02 6.47 -1.08
CA VAL A 243 22.76 6.99 -2.22
C VAL A 243 21.88 6.96 -3.49
N LEU A 244 20.99 5.97 -3.55
CA LEU A 244 20.10 5.83 -4.68
C LEU A 244 18.95 6.80 -4.59
N ASP A 245 18.50 7.30 -5.74
CA ASP A 245 17.29 8.08 -5.77
C ASP A 245 16.18 7.28 -5.11
N PRO A 246 15.30 7.94 -4.35
CA PRO A 246 14.16 7.25 -3.73
C PRO A 246 13.30 6.47 -4.72
N ALA A 247 13.43 6.77 -6.01
CA ALA A 247 12.72 6.01 -7.04
C ALA A 247 13.20 4.57 -7.07
N PHE A 248 14.47 4.36 -6.75
CA PHE A 248 15.04 3.03 -6.75
C PHE A 248 15.09 2.43 -5.34
N ALA A 249 15.19 3.29 -4.33
CA ALA A 249 15.30 2.83 -2.93
C ALA A 249 14.38 3.63 -2.01
N PRO A 250 13.06 3.41 -2.11
CA PRO A 250 12.15 4.17 -1.24
C PRO A 250 12.28 3.81 0.22
N GLY A 251 12.62 2.55 0.52
CA GLY A 251 12.63 2.03 1.87
C GLY A 251 13.91 2.38 2.60
N THR A 252 14.06 3.65 2.94
CA THR A 252 15.23 4.15 3.66
C THR A 252 14.82 5.33 4.52
N GLY A 253 15.58 5.61 5.57
CA GLY A 253 15.14 6.53 6.60
C GLY A 253 15.27 7.99 6.23
N THR A 254 16.39 8.35 5.61
CA THR A 254 16.70 9.73 5.29
C THR A 254 16.90 9.88 3.79
N PRO A 255 15.79 9.79 3.04
CA PRO A 255 15.88 9.94 1.62
C PRO A 255 16.22 11.38 1.21
N GLU A 256 16.95 11.51 0.09
CA GLU A 256 17.23 12.78 -0.55
C GLU A 256 16.99 12.53 -2.04
N ILE A 257 16.19 13.37 -2.67
CA ILE A 257 15.90 13.18 -4.08
C ILE A 257 17.12 13.49 -4.97
N GLY A 258 16.96 13.20 -6.25
CA GLY A 258 17.98 13.44 -7.24
C GLY A 258 19.22 12.63 -6.98
N GLY A 259 19.03 11.32 -6.76
CA GLY A 259 20.13 10.44 -6.42
C GLY A 259 20.62 9.55 -7.56
N MET A 260 21.42 8.56 -7.18
CA MET A 260 22.01 7.59 -8.10
C MET A 260 20.98 6.57 -8.61
N THR A 261 21.14 6.11 -9.84
CA THR A 261 20.33 5.02 -10.36
C THR A 261 20.92 3.67 -9.97
N SER A 262 20.06 2.66 -9.88
CA SER A 262 20.48 1.28 -9.60
C SER A 262 21.56 0.87 -10.56
N LEU A 263 21.34 1.16 -11.84
CA LEU A 263 22.28 0.86 -12.90
C LEU A 263 23.66 1.45 -12.58
N GLN A 264 23.68 2.73 -12.19
CA GLN A 264 24.94 3.39 -11.90
C GLN A 264 25.67 2.73 -10.75
N ALA A 265 24.95 2.36 -9.70
CA ALA A 265 25.55 1.66 -8.55
C ALA A 265 26.16 0.33 -8.98
N GLN A 266 25.49 -0.38 -9.87
CA GLN A 266 25.99 -1.66 -10.35
C GLN A 266 27.30 -1.46 -11.10
N GLN A 267 27.28 -0.52 -12.03
CA GLN A 267 28.46 -0.14 -12.80
C GLN A 267 29.61 0.25 -11.88
N LEU A 268 29.31 1.06 -10.86
CA LEU A 268 30.34 1.56 -9.97
C LEU A 268 30.93 0.47 -9.07
N VAL A 269 30.08 -0.40 -8.57
CA VAL A 269 30.54 -1.52 -7.73
C VAL A 269 31.31 -2.55 -8.56
N ARG A 270 30.78 -2.90 -9.74
CA ARG A 270 31.47 -3.82 -10.65
C ARG A 270 32.88 -3.31 -11.02
N GLY A 271 33.07 -2.01 -10.99
CA GLY A 271 34.35 -1.42 -11.36
C GLY A 271 35.40 -1.50 -10.26
N LEU A 272 35.01 -2.05 -9.11
CA LEU A 272 35.91 -2.23 -7.98
C LEU A 272 36.60 -3.60 -8.00
N ARG A 273 36.43 -4.34 -9.10
CA ARG A 273 37.07 -5.63 -9.26
C ARG A 273 38.58 -5.51 -9.22
N GLY A 274 39.23 -6.46 -8.54
CA GLY A 274 40.68 -6.53 -8.47
C GLY A 274 41.27 -5.86 -7.23
N LEU A 275 40.44 -5.14 -6.48
CA LEU A 275 40.90 -4.46 -5.27
C LEU A 275 41.04 -5.41 -4.08
N ASP A 276 41.88 -5.04 -3.12
CA ASP A 276 42.01 -5.86 -1.93
C ASP A 276 40.87 -5.49 -0.97
N LEU A 277 39.72 -6.09 -1.21
CA LEU A 277 38.52 -5.85 -0.41
C LEU A 277 38.48 -6.81 0.78
N VAL A 278 38.43 -6.25 1.98
CA VAL A 278 38.47 -7.03 3.21
C VAL A 278 37.09 -7.16 3.86
N GLY A 279 36.07 -6.61 3.19
CA GLY A 279 34.69 -6.71 3.66
C GLY A 279 33.82 -5.65 3.04
N ALA A 280 32.51 -5.76 3.28
CA ALA A 280 31.55 -4.81 2.73
C ALA A 280 30.27 -4.84 3.54
N ASP A 281 29.47 -3.79 3.38
CA ASP A 281 28.15 -3.75 3.95
C ASP A 281 27.13 -3.00 3.08
N VAL A 282 25.87 -3.33 3.32
CA VAL A 282 24.73 -2.74 2.67
C VAL A 282 23.82 -2.34 3.80
N VAL A 283 23.64 -1.04 3.98
CA VAL A 283 22.99 -0.50 5.16
C VAL A 283 21.83 0.41 4.82
N GLU A 284 21.00 0.67 5.84
CA GLU A 284 19.88 1.63 5.80
C GLU A 284 18.64 1.17 5.04
N VAL A 285 18.51 -0.14 4.77
CA VAL A 285 17.28 -0.67 4.19
C VAL A 285 16.31 -0.65 5.32
N SER A 286 15.22 0.09 5.14
CA SER A 286 14.18 0.23 6.14
C SER A 286 12.85 -0.29 5.57
N PRO A 287 12.54 -1.58 5.83
CA PRO A 287 11.29 -2.23 5.41
C PRO A 287 9.98 -1.47 5.67
N PRO A 288 9.84 -0.80 6.83
CA PRO A 288 8.54 -0.10 7.04
C PRO A 288 8.25 1.04 6.05
N PHE A 289 9.27 1.54 5.37
CA PHE A 289 9.09 2.59 4.36
C PHE A 289 9.27 2.04 2.94
N ASP A 290 9.48 0.72 2.84
CA ASP A 290 9.73 0.08 1.54
C ASP A 290 8.42 -0.17 0.80
N VAL A 291 8.50 -0.32 -0.52
CA VAL A 291 7.30 -0.54 -1.31
C VAL A 291 7.45 -1.87 -2.03
N GLY A 292 6.65 -2.86 -1.60
CA GLY A 292 6.71 -4.21 -2.13
C GLY A 292 8.10 -4.82 -2.21
N GLY A 293 8.93 -4.54 -1.19
CA GLY A 293 10.28 -5.11 -1.10
C GLY A 293 11.31 -4.60 -2.12
N ALA A 294 11.00 -3.50 -2.82
CA ALA A 294 11.93 -2.95 -3.82
C ALA A 294 13.32 -2.64 -3.24
N THR A 295 13.35 -1.97 -2.08
CA THR A 295 14.62 -1.61 -1.46
C THR A 295 15.34 -2.84 -0.95
N ALA A 296 14.58 -3.77 -0.38
CA ALA A 296 15.14 -5.06 0.03
C ALA A 296 15.70 -5.86 -1.15
N LEU A 297 15.07 -5.72 -2.33
CA LEU A 297 15.56 -6.38 -3.52
C LEU A 297 16.85 -5.71 -3.97
N VAL A 298 16.83 -4.38 -4.06
CA VAL A 298 18.03 -3.63 -4.38
C VAL A 298 19.16 -4.05 -3.45
N GLY A 299 18.86 -4.11 -2.16
CA GLY A 299 19.85 -4.53 -1.15
C GLY A 299 20.42 -5.93 -1.39
N ALA A 300 19.56 -6.88 -1.75
CA ALA A 300 20.04 -8.25 -2.01
C ALA A 300 20.95 -8.28 -3.25
N THR A 301 20.61 -7.47 -4.23
CA THR A 301 21.36 -7.46 -5.49
C THR A 301 22.74 -6.83 -5.31
N MET A 302 22.79 -5.66 -4.69
CA MET A 302 24.07 -5.05 -4.36
C MET A 302 24.89 -6.02 -3.51
N MET A 303 24.20 -6.78 -2.67
CA MET A 303 24.85 -7.76 -1.82
C MET A 303 25.52 -8.81 -2.68
N PHE A 304 24.79 -9.35 -3.65
CA PHE A 304 25.39 -10.28 -4.60
C PHE A 304 26.58 -9.69 -5.37
N GLU A 305 26.41 -8.45 -5.87
CA GLU A 305 27.48 -7.74 -6.58
C GLU A 305 28.75 -7.64 -5.75
N LEU A 306 28.61 -7.32 -4.47
CA LEU A 306 29.76 -7.19 -3.58
C LEU A 306 30.37 -8.57 -3.28
N LEU A 307 29.49 -9.56 -3.13
CA LEU A 307 29.93 -10.91 -2.79
C LEU A 307 30.91 -11.46 -3.83
N CYS A 308 30.57 -11.26 -5.10
CA CYS A 308 31.42 -11.66 -6.20
C CYS A 308 32.84 -11.12 -6.03
N LEU A 309 32.97 -9.82 -5.82
CA LEU A 309 34.28 -9.18 -5.63
C LEU A 309 35.02 -9.75 -4.42
N LEU A 310 34.29 -9.93 -3.32
CA LEU A 310 34.88 -10.46 -2.09
C LEU A 310 35.33 -11.92 -2.25
N ALA A 311 34.55 -12.70 -2.99
CA ALA A 311 34.91 -14.06 -3.34
C ALA A 311 36.25 -14.09 -4.07
N GLU A 312 36.45 -13.16 -5.01
CA GLU A 312 37.74 -13.02 -5.68
C GLU A 312 38.88 -12.66 -4.73
N SER A 313 38.61 -11.80 -3.76
CA SER A 313 39.62 -11.45 -2.76
C SER A 313 39.97 -12.63 -1.85
N ALA A 314 38.96 -13.32 -1.35
CA ALA A 314 39.20 -14.49 -0.51
C ALA A 314 39.93 -15.59 -1.29
N ALA A 315 39.62 -15.72 -2.58
CA ALA A 315 40.22 -16.75 -3.43
C ALA A 315 41.72 -16.54 -3.54
N ARG A 316 42.14 -15.31 -3.84
CA ARG A 316 43.56 -14.96 -3.99
C ARG A 316 44.41 -15.44 -2.81
N SER A 317 43.99 -15.13 -1.58
CA SER A 317 44.79 -15.42 -0.39
C SER A 317 45.46 -16.80 -0.38
N ALA A 318 44.69 -17.88 -0.57
CA ALA A 318 45.32 -19.19 -0.76
C ALA A 318 45.44 -19.55 -2.25
N ASN B 3 13.68 -29.33 28.69
CA ASN B 3 13.87 -30.77 28.87
C ASN B 3 14.67 -31.39 27.74
N ASP B 4 15.56 -30.60 27.16
CA ASP B 4 16.41 -31.06 26.06
C ASP B 4 15.66 -31.01 24.73
N HIS B 5 14.46 -30.44 24.76
CA HIS B 5 13.64 -30.33 23.55
C HIS B 5 13.95 -29.04 22.80
N PRO B 6 13.75 -29.06 21.48
CA PRO B 6 14.00 -27.91 20.66
C PRO B 6 13.22 -26.69 21.17
N GLN B 7 13.87 -25.55 21.19
CA GLN B 7 13.25 -24.34 21.72
C GLN B 7 13.35 -23.19 20.72
N PRO B 8 12.42 -22.21 20.79
CA PRO B 8 12.61 -21.01 19.99
C PRO B 8 13.81 -20.23 20.51
N LEU B 9 14.35 -19.35 19.68
CA LEU B 9 15.38 -18.44 20.14
C LEU B 9 14.86 -17.67 21.36
N ASP B 10 15.76 -17.36 22.28
CA ASP B 10 15.39 -16.74 23.53
C ASP B 10 15.11 -15.24 23.35
N ALA B 11 13.82 -14.87 23.44
CA ALA B 11 13.39 -13.49 23.22
C ALA B 11 13.92 -12.50 24.25
N ALA B 12 14.30 -12.99 25.42
CA ALA B 12 14.89 -12.16 26.49
C ALA B 12 16.34 -11.76 26.18
N GLU B 13 16.85 -12.26 25.05
CA GLU B 13 18.26 -12.23 24.70
C GLU B 13 18.37 -11.83 23.22
N ILE B 14 17.52 -12.44 22.40
CA ILE B 14 17.52 -12.21 20.96
C ILE B 14 16.18 -11.59 20.54
N PRO B 15 16.21 -10.33 20.08
CA PRO B 15 14.96 -9.64 19.79
C PRO B 15 14.25 -10.25 18.58
N ARG B 16 12.94 -10.08 18.54
CA ARG B 16 12.04 -10.79 17.62
C ARG B 16 12.22 -10.43 16.14
N PHE B 17 12.74 -9.23 15.85
CA PHE B 17 13.05 -8.86 14.48
C PHE B 17 14.33 -9.55 13.96
N ALA B 18 14.99 -10.30 14.84
CA ALA B 18 16.30 -10.89 14.55
C ALA B 18 16.23 -12.41 14.43
N GLY B 19 17.19 -12.97 13.71
CA GLY B 19 17.31 -14.42 13.53
C GLY B 19 16.74 -14.87 12.21
N ILE B 20 17.22 -16.02 11.72
CA ILE B 20 16.69 -16.60 10.50
C ILE B 20 15.22 -16.98 10.73
N PRO B 21 14.34 -16.56 9.82
CA PRO B 21 12.92 -16.76 10.08
C PRO B 21 12.48 -18.20 9.82
N THR B 22 12.43 -19.00 10.88
CA THR B 22 11.81 -20.33 10.84
C THR B 22 10.48 -20.24 11.58
N PHE B 23 9.61 -21.23 11.38
CA PHE B 23 8.36 -21.26 12.12
C PHE B 23 8.66 -21.11 13.59
N MET B 24 7.99 -20.15 14.22
CA MET B 24 8.11 -19.89 15.67
C MET B 24 9.55 -19.68 16.15
N ARG B 25 10.47 -19.34 15.25
CA ARG B 25 11.91 -19.24 15.54
C ARG B 25 12.55 -20.53 16.13
N LEU B 26 12.01 -21.69 15.71
CA LEU B 26 12.50 -22.98 16.13
C LEU B 26 13.69 -23.42 15.26
N PRO B 27 14.52 -24.38 15.75
CA PRO B 27 15.55 -24.89 14.87
C PRO B 27 14.94 -25.57 13.64
N ALA B 28 15.69 -25.58 12.53
CA ALA B 28 15.30 -26.26 11.31
C ALA B 28 15.73 -27.73 11.31
N PHE B 29 14.82 -28.60 10.86
CA PHE B 29 15.09 -30.02 10.80
C PHE B 29 14.89 -30.58 9.40
N THR B 30 15.58 -31.69 9.13
CA THR B 30 15.55 -32.44 7.89
C THR B 30 14.90 -33.81 8.13
N ASP B 31 15.06 -34.34 9.34
CA ASP B 31 14.60 -35.68 9.68
C ASP B 31 13.35 -35.62 10.56
N PRO B 32 12.20 -36.05 10.00
CA PRO B 32 10.92 -36.05 10.72
C PRO B 32 10.95 -36.85 12.01
N ALA B 33 11.78 -37.90 12.04
CA ALA B 33 11.89 -38.77 13.23
C ALA B 33 12.43 -38.04 14.45
N ALA B 34 13.13 -36.93 14.20
CA ALA B 34 13.64 -36.08 15.29
C ALA B 34 12.54 -35.31 16.05
N LEU B 35 11.34 -35.23 15.47
CA LEU B 35 10.26 -34.41 16.03
C LEU B 35 8.99 -35.21 16.32
N GLN B 36 8.20 -34.75 17.28
CA GLN B 36 6.87 -35.30 17.50
C GLN B 36 5.77 -34.46 16.77
N VAL B 37 6.02 -33.16 16.61
CA VAL B 37 5.16 -32.29 15.81
C VAL B 37 6.01 -31.51 14.81
N GLY B 38 5.73 -31.70 13.52
CA GLY B 38 6.52 -31.08 12.46
C GLY B 38 5.79 -29.92 11.79
N LEU B 39 6.42 -28.76 11.80
CA LEU B 39 5.84 -27.57 11.19
C LEU B 39 6.29 -27.53 9.75
N ILE B 40 5.34 -27.59 8.83
CA ILE B 40 5.68 -27.79 7.41
C ILE B 40 5.03 -26.72 6.53
N GLY B 41 5.76 -26.23 5.55
CA GLY B 41 5.18 -25.37 4.54
C GLY B 41 4.82 -26.22 3.33
N VAL B 42 3.70 -25.91 2.71
CA VAL B 42 3.34 -26.50 1.44
C VAL B 42 3.08 -25.34 0.48
N PRO B 43 4.13 -24.83 -0.17
CA PRO B 43 3.98 -23.60 -0.95
C PRO B 43 3.41 -23.85 -2.35
N TRP B 44 2.11 -24.15 -2.40
CA TRP B 44 1.54 -24.67 -3.62
C TRP B 44 0.18 -24.09 -3.91
N ASP B 45 0.00 -23.55 -5.11
CA ASP B 45 -1.29 -22.98 -5.48
C ASP B 45 -1.68 -23.32 -6.91
N GLY B 46 -1.23 -24.48 -7.38
CA GLY B 46 -1.62 -24.99 -8.70
C GLY B 46 -3.11 -25.25 -8.77
N GLY B 47 -3.76 -25.41 -7.62
CA GLY B 47 -5.19 -25.66 -7.55
C GLY B 47 -6.06 -24.42 -7.65
N THR B 48 -5.44 -23.24 -7.73
CA THR B 48 -6.19 -21.98 -7.73
C THR B 48 -6.66 -21.51 -9.11
N THR B 49 -7.97 -21.33 -9.28
CA THR B 49 -8.55 -20.99 -10.58
C THR B 49 -8.78 -19.51 -10.83
N ASN B 50 -8.65 -18.69 -9.79
CA ASN B 50 -8.77 -17.25 -9.97
C ASN B 50 -7.65 -16.39 -9.39
N ARG B 51 -7.80 -15.90 -8.17
CA ARG B 51 -6.73 -15.08 -7.59
C ARG B 51 -5.75 -15.98 -6.86
N ALA B 52 -4.51 -16.03 -7.35
CA ALA B 52 -3.51 -16.93 -6.80
C ALA B 52 -2.57 -16.18 -5.87
N GLY B 53 -1.51 -16.84 -5.41
CA GLY B 53 -0.52 -16.22 -4.56
C GLY B 53 -0.25 -16.98 -3.28
N ALA B 54 -1.11 -17.94 -2.96
CA ALA B 54 -0.97 -18.75 -1.74
C ALA B 54 0.37 -19.53 -1.67
N ARG B 55 1.05 -19.67 -2.80
CA ARG B 55 2.41 -20.24 -2.84
C ARG B 55 3.43 -19.48 -1.95
N HIS B 56 3.18 -18.20 -1.69
CA HIS B 56 4.04 -17.39 -0.83
C HIS B 56 3.57 -17.41 0.62
N GLY B 57 2.45 -18.09 0.87
CA GLY B 57 1.93 -18.23 2.23
C GLY B 57 2.91 -18.70 3.28
N PRO B 58 3.59 -19.85 3.05
CA PRO B 58 4.47 -20.34 4.11
C PRO B 58 5.60 -19.38 4.45
N ARG B 59 6.14 -18.71 3.44
CA ARG B 59 7.21 -17.75 3.72
C ARG B 59 6.78 -16.59 4.64
N GLU B 60 5.61 -16.02 4.38
CA GLU B 60 5.17 -14.87 5.16
C GLU B 60 4.65 -15.27 6.54
N VAL B 61 4.07 -16.46 6.61
CA VAL B 61 3.72 -17.01 7.92
C VAL B 61 4.99 -17.31 8.76
N ARG B 62 6.01 -17.92 8.17
CA ARG B 62 7.29 -18.08 8.90
C ARG B 62 7.71 -16.75 9.52
N ASN B 63 7.76 -15.72 8.68
CA ASN B 63 8.07 -14.34 9.10
C ASN B 63 7.28 -13.78 10.29
N LEU B 64 5.97 -13.72 10.14
CA LEU B 64 5.13 -13.16 11.18
C LEU B 64 4.99 -14.03 12.43
N SER B 65 5.40 -15.31 12.34
CA SER B 65 5.40 -16.17 13.53
C SER B 65 6.48 -15.77 14.53
N SER B 66 7.41 -14.91 14.09
CA SER B 66 8.32 -14.21 15.00
C SER B 66 7.65 -13.52 16.17
N LEU B 67 6.39 -13.15 15.99
CA LEU B 67 5.62 -12.46 17.03
C LEU B 67 5.05 -13.41 18.08
N MET B 68 5.04 -14.70 17.79
CA MET B 68 4.49 -15.70 18.73
C MET B 68 5.37 -15.91 19.96
N ARG B 69 4.74 -16.18 21.09
CA ARG B 69 5.46 -16.49 22.31
C ARG B 69 5.29 -17.98 22.66
N LYS B 70 5.86 -18.41 23.79
CA LYS B 70 6.03 -19.85 24.09
C LYS B 70 4.87 -20.51 24.83
N VAL B 71 4.10 -19.74 25.59
CA VAL B 71 3.03 -20.29 26.42
C VAL B 71 1.66 -19.68 26.09
N HIS B 72 0.65 -20.55 25.94
CA HIS B 72 -0.73 -20.11 25.69
C HIS B 72 -1.27 -19.45 26.97
N HIS B 73 -1.91 -18.29 26.86
CA HIS B 73 -2.25 -17.56 28.07
C HIS B 73 -3.52 -18.06 28.74
N VAL B 74 -4.29 -18.89 28.04
CA VAL B 74 -5.53 -19.42 28.58
C VAL B 74 -5.34 -20.86 29.10
N SER B 75 -4.96 -21.76 28.21
CA SER B 75 -4.75 -23.16 28.58
C SER B 75 -3.44 -23.39 29.36
N ARG B 76 -2.49 -22.45 29.21
CA ARG B 76 -1.14 -22.52 29.78
C ARG B 76 -0.27 -23.63 29.18
N ILE B 77 -0.67 -24.15 28.02
CA ILE B 77 0.12 -25.13 27.33
C ILE B 77 1.42 -24.50 26.82
N ALA B 78 2.52 -25.16 27.13
CA ALA B 78 3.83 -24.77 26.66
C ALA B 78 4.28 -25.88 25.71
N PRO B 79 3.90 -25.77 24.42
CA PRO B 79 4.05 -26.91 23.49
C PRO B 79 5.46 -27.43 23.32
N TYR B 80 6.45 -26.54 23.42
CA TYR B 80 7.86 -26.94 23.24
C TYR B 80 8.41 -27.63 24.47
N ASP B 81 7.81 -27.34 25.63
CA ASP B 81 8.09 -28.10 26.85
C ASP B 81 7.44 -29.48 26.78
N LEU B 82 6.22 -29.56 26.28
CA LEU B 82 5.49 -30.85 26.24
C LEU B 82 6.13 -31.85 25.29
N VAL B 83 6.42 -31.40 24.06
CA VAL B 83 6.89 -32.26 22.99
C VAL B 83 8.02 -31.63 22.18
N ARG B 84 8.58 -32.39 21.26
CA ARG B 84 9.62 -31.90 20.36
C ARG B 84 8.97 -31.32 19.10
N VAL B 85 9.19 -30.03 18.87
CA VAL B 85 8.65 -29.30 17.73
C VAL B 85 9.77 -28.62 16.96
N GLY B 86 9.67 -28.61 15.63
CA GLY B 86 10.67 -27.99 14.81
C GLY B 86 10.15 -27.65 13.44
N ASP B 87 10.91 -26.85 12.71
CA ASP B 87 10.55 -26.49 11.35
C ASP B 87 11.09 -27.56 10.39
N LEU B 88 10.20 -28.27 9.70
CA LEU B 88 10.60 -29.33 8.78
C LEU B 88 10.81 -28.87 7.35
N GLY B 89 10.84 -27.55 7.14
CA GLY B 89 11.04 -26.99 5.82
C GLY B 89 9.77 -27.09 5.00
N ASP B 90 9.92 -27.09 3.68
CA ASP B 90 8.80 -27.14 2.79
C ASP B 90 8.73 -28.48 2.06
N ALA B 91 7.52 -28.98 1.88
CA ALA B 91 7.31 -30.16 1.04
C ALA B 91 7.69 -29.81 -0.41
N PRO B 92 8.19 -30.78 -1.18
CA PRO B 92 8.56 -30.44 -2.57
C PRO B 92 7.33 -30.10 -3.37
N VAL B 93 7.48 -29.17 -4.30
CA VAL B 93 6.36 -28.64 -5.06
C VAL B 93 6.83 -28.47 -6.50
N ASN B 94 5.92 -28.67 -7.44
CA ASN B 94 6.22 -28.40 -8.84
C ASN B 94 5.22 -27.39 -9.35
N PRO B 95 5.64 -26.12 -9.46
CA PRO B 95 4.76 -25.00 -9.79
C PRO B 95 4.11 -25.09 -11.18
N ILE B 96 4.65 -25.95 -12.04
CA ILE B 96 4.21 -26.08 -13.43
C ILE B 96 3.41 -27.36 -13.63
N ASP B 97 3.68 -28.37 -12.81
CA ASP B 97 3.08 -29.68 -12.98
C ASP B 97 2.27 -30.06 -11.75
N LEU B 98 0.95 -30.02 -11.90
CA LEU B 98 0.00 -30.36 -10.84
C LEU B 98 0.14 -31.80 -10.33
N LEU B 99 0.12 -32.76 -11.25
CA LEU B 99 0.15 -34.18 -10.90
C LEU B 99 1.47 -34.58 -10.24
N ASP B 100 2.57 -34.02 -10.72
CA ASP B 100 3.89 -34.23 -10.12
C ASP B 100 3.93 -33.66 -8.70
N SER B 101 3.32 -32.49 -8.49
CA SER B 101 3.20 -31.90 -7.13
C SER B 101 2.45 -32.82 -6.16
N LEU B 102 1.28 -33.31 -6.57
CA LEU B 102 0.45 -34.21 -5.73
C LEU B 102 1.25 -35.42 -5.29
N ARG B 103 1.94 -36.02 -6.24
CA ARG B 103 2.77 -37.17 -6.01
C ARG B 103 3.94 -36.85 -5.06
N ARG B 104 4.64 -35.75 -5.30
CA ARG B 104 5.80 -35.42 -4.47
C ARG B 104 5.44 -34.98 -3.05
N ILE B 105 4.29 -34.31 -2.91
CA ILE B 105 3.81 -33.86 -1.62
C ILE B 105 3.39 -35.09 -0.79
N GLU B 106 2.63 -36.00 -1.40
CA GLU B 106 2.28 -37.26 -0.75
C GLU B 106 3.56 -37.99 -0.30
N GLY B 107 4.50 -38.15 -1.23
CA GLY B 107 5.80 -38.71 -0.95
C GLY B 107 6.37 -38.19 0.36
N PHE B 108 6.51 -36.86 0.44
CA PHE B 108 7.01 -36.18 1.63
C PHE B 108 6.19 -36.51 2.86
N TYR B 109 4.85 -36.48 2.72
CA TYR B 109 4.00 -36.73 3.89
C TYR B 109 3.97 -38.17 4.40
N ARG B 110 4.17 -39.14 3.51
CA ARG B 110 4.22 -40.52 4.00
C ARG B 110 5.52 -40.82 4.73
N GLN B 111 6.59 -40.12 4.36
CA GLN B 111 7.82 -40.13 5.16
C GLN B 111 7.60 -39.51 6.54
N VAL B 112 6.83 -38.42 6.59
CA VAL B 112 6.49 -37.76 7.85
C VAL B 112 5.64 -38.69 8.71
N HIS B 113 4.66 -39.35 8.07
CA HIS B 113 3.72 -40.24 8.76
C HIS B 113 4.40 -41.51 9.26
N ALA B 114 5.29 -42.07 8.44
CA ALA B 114 6.04 -43.29 8.80
C ALA B 114 6.87 -43.11 10.07
N ALA B 115 7.26 -41.87 10.35
CA ALA B 115 8.03 -41.52 11.54
C ALA B 115 7.19 -41.20 12.80
N GLY B 116 5.88 -41.33 12.73
CA GLY B 116 5.02 -41.01 13.87
C GLY B 116 4.91 -39.52 14.16
N THR B 117 5.35 -38.69 13.22
CA THR B 117 5.33 -37.24 13.39
C THR B 117 3.97 -36.64 12.98
N LEU B 118 3.41 -35.83 13.85
CA LEU B 118 2.13 -35.16 13.59
C LEU B 118 2.40 -33.88 12.78
N PRO B 119 1.83 -33.77 11.58
CA PRO B 119 2.10 -32.57 10.78
C PRO B 119 1.25 -31.35 11.18
N LEU B 120 1.85 -30.18 11.23
CA LEU B 120 1.10 -28.93 11.28
C LEU B 120 1.49 -28.10 10.07
N SER B 121 0.57 -27.96 9.12
CA SER B 121 0.95 -27.45 7.82
C SER B 121 0.39 -26.07 7.48
N VAL B 122 1.22 -25.29 6.81
CA VAL B 122 0.79 -24.01 6.27
C VAL B 122 0.78 -24.09 4.74
N GLY B 123 -0.40 -23.86 4.15
CA GLY B 123 -0.54 -23.79 2.70
C GLY B 123 -0.08 -22.44 2.16
N GLY B 124 -0.15 -22.23 0.85
CA GLY B 124 -0.70 -23.18 -0.11
C GLY B 124 -2.20 -23.03 -0.14
N ASP B 125 -2.82 -23.36 -1.28
CA ASP B 125 -4.26 -23.28 -1.36
C ASP B 125 -4.85 -24.58 -0.83
N HIS B 126 -6.17 -24.68 -0.75
CA HIS B 126 -6.78 -25.83 -0.10
C HIS B 126 -6.52 -27.22 -0.71
N LEU B 127 -6.13 -27.26 -1.99
CA LEU B 127 -5.85 -28.53 -2.65
C LEU B 127 -4.71 -29.27 -1.94
N VAL B 128 -3.92 -28.50 -1.20
CA VAL B 128 -2.76 -28.99 -0.49
C VAL B 128 -3.11 -30.05 0.56
N THR B 129 -4.35 -30.07 1.02
CA THR B 129 -4.77 -30.98 2.08
C THR B 129 -5.00 -32.40 1.55
N LEU B 130 -5.38 -32.51 0.29
CA LEU B 130 -5.56 -33.80 -0.36
C LEU B 130 -4.32 -34.72 -0.22
N PRO B 131 -3.17 -34.33 -0.81
CA PRO B 131 -1.99 -35.19 -0.69
C PRO B 131 -1.59 -35.49 0.74
N ILE B 132 -1.95 -34.60 1.68
CA ILE B 132 -1.70 -34.85 3.10
C ILE B 132 -2.59 -36.02 3.57
N PHE B 133 -3.88 -35.91 3.27
CA PHE B 133 -4.86 -36.98 3.57
C PHE B 133 -4.50 -38.31 2.90
N ARG B 134 -3.98 -38.23 1.69
CA ARG B 134 -3.47 -39.41 1.02
C ARG B 134 -2.39 -40.11 1.84
N ALA B 135 -1.53 -39.34 2.51
CA ALA B 135 -0.55 -39.93 3.41
C ALA B 135 -1.10 -40.35 4.78
N LEU B 136 -2.00 -39.54 5.34
CA LEU B 136 -2.43 -39.75 6.72
C LEU B 136 -3.67 -40.60 6.86
N GLY B 137 -4.40 -40.80 5.77
CA GLY B 137 -5.71 -41.49 5.83
C GLY B 137 -5.75 -42.95 5.42
N ARG B 138 -4.58 -43.58 5.33
CA ARG B 138 -4.46 -44.94 4.81
C ARG B 138 -5.10 -46.01 5.70
N GLU B 139 -4.76 -46.00 6.99
CA GLU B 139 -5.22 -47.04 7.89
C GLU B 139 -6.72 -46.90 8.23
N ARG B 140 -7.08 -45.87 8.99
CA ARG B 140 -8.48 -45.53 9.23
C ARG B 140 -8.80 -44.19 8.54
N PRO B 141 -9.98 -44.08 7.89
CA PRO B 141 -10.38 -42.77 7.33
C PRO B 141 -10.52 -41.73 8.44
N LEU B 142 -10.13 -40.49 8.14
CA LEU B 142 -10.08 -39.43 9.14
C LEU B 142 -11.40 -38.72 9.36
N GLY B 143 -11.63 -38.27 10.59
CA GLY B 143 -12.62 -37.22 10.87
C GLY B 143 -11.98 -35.85 10.64
N MET B 144 -12.79 -34.81 10.55
CA MET B 144 -12.29 -33.45 10.33
C MET B 144 -13.20 -32.36 10.90
N VAL B 145 -12.59 -31.38 11.54
CA VAL B 145 -13.24 -30.10 11.76
C VAL B 145 -12.61 -29.19 10.73
N HIS B 146 -13.44 -28.59 9.90
CA HIS B 146 -12.97 -27.83 8.76
C HIS B 146 -13.60 -26.45 8.75
N PHE B 147 -12.76 -25.42 8.86
CA PHE B 147 -13.23 -24.03 8.90
C PHE B 147 -12.99 -23.40 7.55
N ASP B 148 -14.07 -23.03 6.87
CA ASP B 148 -13.94 -22.51 5.52
C ASP B 148 -15.18 -21.71 5.18
N ALA B 149 -15.04 -20.83 4.20
CA ALA B 149 -16.21 -20.18 3.59
C ALA B 149 -16.85 -21.10 2.54
N HIS B 150 -16.06 -22.03 2.01
CA HIS B 150 -16.54 -22.93 0.95
C HIS B 150 -16.41 -24.39 1.35
N SER B 151 -17.26 -25.22 0.79
CA SER B 151 -17.32 -26.62 1.17
C SER B 151 -16.11 -27.38 0.61
N ASP B 152 -15.60 -26.92 -0.53
CA ASP B 152 -14.47 -27.57 -1.20
C ASP B 152 -14.73 -29.05 -1.52
N THR B 153 -15.98 -29.32 -1.91
CA THR B 153 -16.44 -30.65 -2.27
C THR B 153 -17.09 -30.64 -3.65
N ASN B 154 -16.53 -29.85 -4.56
CA ASN B 154 -16.98 -29.86 -5.94
C ASN B 154 -16.32 -30.98 -6.73
N ASP B 155 -16.75 -31.15 -7.98
CA ASP B 155 -16.38 -32.32 -8.74
C ASP B 155 -15.37 -31.98 -9.85
N ARG B 156 -15.78 -31.20 -10.84
CA ARG B 156 -14.92 -30.91 -11.97
C ARG B 156 -14.85 -29.39 -12.21
N TYR B 157 -13.74 -28.92 -12.78
CA TYR B 157 -13.61 -27.52 -13.20
C TYR B 157 -13.04 -27.42 -14.61
N PHE B 158 -13.56 -26.46 -15.39
CA PHE B 158 -13.06 -26.15 -16.73
C PHE B 158 -12.86 -27.43 -17.60
N GLY B 159 -13.94 -28.19 -17.73
CA GLY B 159 -13.92 -29.49 -18.37
C GLY B 159 -13.88 -30.59 -17.33
N ASP B 160 -12.92 -31.51 -17.49
CA ASP B 160 -12.83 -32.68 -16.64
C ASP B 160 -11.57 -32.65 -15.78
N ASN B 161 -11.38 -31.54 -15.07
CA ASN B 161 -10.25 -31.40 -14.15
C ASN B 161 -10.70 -31.67 -12.72
N PRO B 162 -10.19 -32.77 -12.13
CA PRO B 162 -10.70 -33.29 -10.87
C PRO B 162 -10.01 -32.69 -9.64
N TYR B 163 -8.98 -31.87 -9.87
CA TYR B 163 -8.13 -31.34 -8.78
C TYR B 163 -7.99 -29.81 -8.79
N THR B 164 -8.71 -29.15 -7.88
CA THR B 164 -8.53 -27.72 -7.65
C THR B 164 -8.67 -27.49 -6.15
N HIS B 165 -8.51 -26.25 -5.71
CA HIS B 165 -8.68 -25.90 -4.29
C HIS B 165 -10.13 -26.05 -3.82
N GLY B 166 -11.02 -26.33 -4.78
CA GLY B 166 -12.43 -26.58 -4.49
C GLY B 166 -12.87 -28.04 -4.51
N THR B 167 -11.94 -28.96 -4.77
CA THR B 167 -12.30 -30.38 -4.82
C THR B 167 -11.63 -31.31 -3.80
N PRO B 168 -10.69 -30.80 -2.98
CA PRO B 168 -9.91 -31.77 -2.21
C PRO B 168 -10.76 -32.72 -1.39
N PHE B 169 -11.83 -32.23 -0.79
CA PHE B 169 -12.56 -33.06 0.16
C PHE B 169 -13.53 -34.04 -0.46
N ARG B 170 -13.99 -33.73 -1.66
CA ARG B 170 -14.72 -34.70 -2.45
C ARG B 170 -13.78 -35.85 -2.84
N ARG B 171 -12.62 -35.51 -3.38
CA ARG B 171 -11.61 -36.49 -3.72
C ARG B 171 -11.30 -37.38 -2.53
N ALA B 172 -10.97 -36.76 -1.41
CA ALA B 172 -10.61 -37.48 -0.20
C ALA B 172 -11.69 -38.43 0.29
N ILE B 173 -12.96 -38.05 0.13
CA ILE B 173 -14.09 -38.96 0.45
C ILE B 173 -14.20 -40.13 -0.54
N GLU B 174 -14.15 -39.83 -1.84
CA GLU B 174 -14.17 -40.88 -2.86
C GLU B 174 -13.05 -41.91 -2.66
N GLU B 175 -11.86 -41.42 -2.29
CA GLU B 175 -10.67 -42.26 -2.04
C GLU B 175 -10.66 -42.99 -0.67
N GLY B 176 -11.70 -42.74 0.12
CA GLY B 176 -11.87 -43.43 1.39
C GLY B 176 -10.87 -43.00 2.43
N LEU B 177 -10.39 -41.77 2.30
CA LEU B 177 -9.40 -41.21 3.22
C LEU B 177 -10.06 -40.32 4.26
N LEU B 178 -11.21 -39.77 3.91
CA LEU B 178 -11.97 -38.88 4.77
C LEU B 178 -13.33 -39.51 4.99
N ASP B 179 -13.76 -39.54 6.24
CA ASP B 179 -15.02 -40.15 6.61
C ASP B 179 -16.11 -39.08 6.65
N PRO B 180 -17.04 -39.10 5.68
CA PRO B 180 -17.99 -37.98 5.62
C PRO B 180 -18.85 -37.88 6.87
N LEU B 181 -19.11 -39.02 7.51
CA LEU B 181 -19.97 -39.07 8.69
C LEU B 181 -19.29 -38.45 9.91
N ARG B 182 -18.01 -38.14 9.75
CA ARG B 182 -17.25 -37.56 10.83
C ARG B 182 -16.59 -36.26 10.37
N THR B 183 -17.20 -35.63 9.38
CA THR B 183 -16.75 -34.34 8.87
C THR B 183 -17.73 -33.27 9.34
N VAL B 184 -17.20 -32.20 9.91
CA VAL B 184 -18.00 -31.01 10.18
C VAL B 184 -17.36 -29.80 9.49
N GLN B 185 -18.18 -29.00 8.82
CA GLN B 185 -17.73 -27.84 8.07
C GLN B 185 -18.43 -26.63 8.63
N ILE B 186 -17.65 -25.59 8.95
CA ILE B 186 -18.16 -24.45 9.70
C ILE B 186 -17.81 -23.13 9.02
N GLY B 187 -18.84 -22.34 8.70
CA GLY B 187 -18.69 -20.96 8.23
C GLY B 187 -19.11 -20.71 6.80
N ILE B 188 -19.60 -21.75 6.12
CA ILE B 188 -19.96 -21.71 4.71
C ILE B 188 -20.94 -20.59 4.42
N ARG B 189 -20.63 -19.80 3.38
CA ARG B 189 -21.40 -18.61 3.03
C ARG B 189 -20.98 -18.14 1.63
N GLY B 190 -21.75 -17.20 1.08
CA GLY B 190 -21.45 -16.59 -0.21
C GLY B 190 -22.29 -17.17 -1.33
N SER B 191 -22.56 -16.35 -2.35
CA SER B 191 -23.34 -16.76 -3.50
C SER B 191 -22.75 -18.02 -4.13
N VAL B 192 -23.62 -18.86 -4.68
CA VAL B 192 -23.19 -20.10 -5.32
C VAL B 192 -23.64 -20.18 -6.78
N TYR B 193 -22.97 -21.06 -7.51
CA TYR B 193 -23.20 -21.32 -8.92
C TYR B 193 -24.39 -22.26 -9.06
N SER B 194 -24.33 -23.38 -8.37
CA SER B 194 -25.38 -24.40 -8.39
C SER B 194 -26.55 -23.97 -7.51
N PRO B 195 -27.79 -24.10 -8.02
CA PRO B 195 -28.98 -23.75 -7.21
C PRO B 195 -29.19 -24.75 -6.07
N ASP B 196 -28.39 -25.82 -6.09
CA ASP B 196 -28.45 -26.91 -5.10
C ASP B 196 -27.01 -27.34 -4.78
N ASP B 197 -26.22 -26.41 -4.26
CA ASP B 197 -24.78 -26.59 -4.09
C ASP B 197 -24.39 -27.74 -3.16
N ASP B 198 -25.11 -27.85 -2.04
CA ASP B 198 -24.80 -28.79 -0.99
C ASP B 198 -25.28 -30.23 -1.28
N ALA B 199 -25.45 -30.59 -2.56
CA ALA B 199 -26.01 -31.90 -2.92
C ALA B 199 -25.12 -33.05 -2.46
N PHE B 200 -23.84 -32.97 -2.78
CA PHE B 200 -22.88 -33.99 -2.38
C PHE B 200 -22.79 -34.16 -0.86
N ALA B 201 -22.69 -33.03 -0.15
CA ALA B 201 -22.54 -33.03 1.28
C ALA B 201 -23.74 -33.69 1.95
N ARG B 202 -24.93 -33.43 1.43
CA ARG B 202 -26.15 -34.03 1.95
C ARG B 202 -26.27 -35.53 1.66
N GLU B 203 -25.89 -35.98 0.45
CA GLU B 203 -25.97 -37.42 0.08
C GLU B 203 -25.09 -38.29 0.99
N CYS B 204 -23.87 -37.83 1.30
CA CYS B 204 -22.93 -38.63 2.13
C CYS B 204 -22.89 -38.24 3.62
N GLY B 205 -23.70 -37.27 4.02
CA GLY B 205 -23.91 -36.94 5.44
C GLY B 205 -22.89 -36.03 6.13
N ILE B 206 -22.17 -35.22 5.34
CA ILE B 206 -21.28 -34.20 5.91
C ILE B 206 -22.13 -33.19 6.69
N ARG B 207 -21.71 -32.84 7.89
CA ARG B 207 -22.37 -31.82 8.65
C ARG B 207 -21.85 -30.44 8.22
N VAL B 208 -22.74 -29.66 7.66
CA VAL B 208 -22.41 -28.35 7.15
C VAL B 208 -23.12 -27.31 8.00
N ILE B 209 -22.35 -26.66 8.88
CA ILE B 209 -22.80 -25.50 9.63
C ILE B 209 -22.46 -24.22 8.85
N HIS B 210 -23.40 -23.78 8.01
CA HIS B 210 -23.27 -22.52 7.26
C HIS B 210 -23.07 -21.33 8.22
N MET B 211 -22.53 -20.23 7.70
CA MET B 211 -22.36 -19.00 8.48
C MET B 211 -23.64 -18.61 9.23
N GLU B 212 -24.78 -18.64 8.53
CA GLU B 212 -26.06 -18.28 9.14
C GLU B 212 -26.40 -19.12 10.38
N GLU B 213 -26.13 -20.43 10.31
CA GLU B 213 -26.40 -21.35 11.42
C GLU B 213 -25.42 -21.16 12.59
N PHE B 214 -24.17 -20.85 12.26
CA PHE B 214 -23.16 -20.57 13.28
C PHE B 214 -23.57 -19.33 14.09
N VAL B 215 -24.08 -18.33 13.39
CA VAL B 215 -24.60 -17.12 14.05
C VAL B 215 -25.73 -17.45 15.02
N GLU B 216 -26.72 -18.20 14.54
CA GLU B 216 -27.84 -18.65 15.39
C GLU B 216 -27.41 -19.53 16.55
N LEU B 217 -26.51 -20.47 16.29
CA LEU B 217 -26.01 -21.39 17.32
C LEU B 217 -25.17 -20.70 18.39
N GLY B 218 -24.25 -19.83 17.95
CA GLY B 218 -23.26 -19.25 18.83
C GLY B 218 -22.11 -20.22 18.96
N VAL B 219 -21.00 -19.73 19.51
CA VAL B 219 -19.76 -20.48 19.66
C VAL B 219 -19.92 -21.79 20.47
N GLU B 220 -20.41 -21.69 21.71
CA GLU B 220 -20.47 -22.84 22.61
C GLU B 220 -21.21 -24.01 21.96
N ALA B 221 -22.38 -23.72 21.39
CA ALA B 221 -23.25 -24.74 20.79
C ALA B 221 -22.71 -25.28 19.45
N THR B 222 -22.06 -24.42 18.68
CA THR B 222 -21.40 -24.84 17.45
C THR B 222 -20.32 -25.88 17.77
N LEU B 223 -19.57 -25.60 18.84
CA LEU B 223 -18.52 -26.47 19.33
C LEU B 223 -19.05 -27.81 19.81
N ALA B 224 -20.09 -27.78 20.63
CA ALA B 224 -20.73 -29.02 21.06
C ALA B 224 -21.08 -29.89 19.86
N GLU B 225 -21.61 -29.26 18.81
CA GLU B 225 -21.99 -29.97 17.60
C GLU B 225 -20.79 -30.46 16.79
N ALA B 226 -19.69 -29.72 16.82
CA ALA B 226 -18.51 -30.12 16.09
C ALA B 226 -17.82 -31.29 16.78
N ARG B 227 -17.90 -31.30 18.10
CA ARG B 227 -17.28 -32.36 18.90
C ARG B 227 -18.10 -33.66 18.81
N ARG B 228 -19.42 -33.51 18.82
CA ARG B 228 -20.33 -34.64 18.61
C ARG B 228 -19.98 -35.37 17.30
N VAL B 229 -20.01 -34.64 16.19
CA VAL B 229 -19.68 -35.17 14.87
C VAL B 229 -18.36 -35.95 14.83
N VAL B 230 -17.26 -35.35 15.29
CA VAL B 230 -15.96 -36.04 15.19
C VAL B 230 -15.72 -37.10 16.27
N GLY B 231 -16.43 -36.99 17.40
CA GLY B 231 -16.32 -38.00 18.47
C GLY B 231 -14.91 -38.24 18.97
N ALA B 232 -14.62 -39.47 19.37
CA ALA B 232 -13.32 -39.83 19.97
C ALA B 232 -12.29 -40.30 18.95
N GLY B 233 -12.68 -40.42 17.69
CA GLY B 233 -11.78 -40.95 16.65
C GLY B 233 -10.69 -39.98 16.19
N PRO B 234 -9.77 -40.45 15.32
CA PRO B 234 -8.69 -39.60 14.81
C PRO B 234 -9.21 -38.48 13.90
N THR B 235 -8.77 -37.27 14.20
CA THR B 235 -9.35 -36.04 13.66
C THR B 235 -8.28 -35.06 13.19
N TYR B 236 -8.43 -34.57 11.96
CA TYR B 236 -7.61 -33.53 11.36
C TYR B 236 -8.34 -32.20 11.49
N VAL B 237 -7.59 -31.12 11.69
CA VAL B 237 -8.20 -29.79 11.63
C VAL B 237 -7.65 -29.02 10.43
N SER B 238 -8.56 -28.56 9.57
CA SER B 238 -8.16 -27.78 8.44
C SER B 238 -8.82 -26.41 8.57
N PHE B 239 -7.96 -25.40 8.78
CA PHE B 239 -8.42 -24.05 8.98
C PHE B 239 -8.09 -23.21 7.75
N ASP B 240 -9.14 -22.80 7.04
CA ASP B 240 -8.96 -21.94 5.88
C ASP B 240 -9.20 -20.50 6.31
N VAL B 241 -8.20 -19.64 6.15
CA VAL B 241 -8.32 -18.25 6.61
C VAL B 241 -9.52 -17.51 6.01
N ASP B 242 -9.98 -17.94 4.82
CA ASP B 242 -11.16 -17.28 4.25
C ASP B 242 -12.45 -17.56 4.99
N VAL B 243 -12.39 -18.37 6.05
CA VAL B 243 -13.55 -18.53 6.93
C VAL B 243 -13.75 -17.19 7.63
N LEU B 244 -12.64 -16.48 7.84
CA LEU B 244 -12.64 -15.23 8.56
C LEU B 244 -13.18 -14.13 7.68
N ASP B 245 -13.79 -13.13 8.30
CA ASP B 245 -14.19 -11.97 7.55
C ASP B 245 -12.96 -11.34 6.91
N PRO B 246 -13.13 -10.79 5.69
CA PRO B 246 -12.01 -10.14 5.02
C PRO B 246 -11.35 -9.03 5.83
N ALA B 247 -12.06 -8.48 6.82
CA ALA B 247 -11.47 -7.49 7.74
C ALA B 247 -10.32 -8.08 8.54
N PHE B 248 -10.43 -9.36 8.88
CA PHE B 248 -9.42 -10.03 9.67
C PHE B 248 -8.46 -10.81 8.78
N ALA B 249 -8.91 -11.22 7.59
CA ALA B 249 -8.07 -11.93 6.62
C ALA B 249 -8.24 -11.39 5.21
N PRO B 250 -7.62 -10.23 4.91
CA PRO B 250 -7.75 -9.76 3.54
C PRO B 250 -6.90 -10.57 2.56
N GLY B 251 -5.83 -11.18 3.06
CA GLY B 251 -4.84 -11.83 2.20
C GLY B 251 -5.25 -13.24 1.83
N THR B 252 -6.26 -13.33 0.98
CA THR B 252 -6.81 -14.62 0.56
C THR B 252 -7.46 -14.53 -0.80
N GLY B 253 -7.45 -15.64 -1.52
CA GLY B 253 -7.85 -15.65 -2.90
C GLY B 253 -9.34 -15.50 -3.17
N THR B 254 -10.17 -16.16 -2.36
CA THR B 254 -11.61 -16.15 -2.60
C THR B 254 -12.41 -15.67 -1.38
N PRO B 255 -12.30 -14.37 -1.05
CA PRO B 255 -13.02 -13.82 0.11
C PRO B 255 -14.52 -13.82 -0.09
N GLU B 256 -15.26 -13.98 1.00
CA GLU B 256 -16.70 -13.83 1.04
C GLU B 256 -16.94 -13.04 2.29
N ILE B 257 -17.59 -11.88 2.14
CA ILE B 257 -17.78 -10.98 3.26
C ILE B 257 -18.71 -11.58 4.30
N GLY B 258 -18.82 -10.89 5.45
CA GLY B 258 -19.73 -11.30 6.50
C GLY B 258 -19.27 -12.58 7.18
N GLY B 259 -17.98 -12.63 7.49
CA GLY B 259 -17.38 -13.85 8.03
C GLY B 259 -17.16 -13.85 9.53
N MET B 260 -16.48 -14.89 9.95
CA MET B 260 -16.10 -15.13 11.35
C MET B 260 -15.03 -14.12 11.77
N THR B 261 -14.97 -13.80 13.06
CA THR B 261 -13.92 -12.92 13.59
C THR B 261 -12.76 -13.78 14.06
N SER B 262 -11.55 -13.21 14.11
CA SER B 262 -10.39 -13.88 14.72
C SER B 262 -10.72 -14.37 16.12
N LEU B 263 -11.38 -13.53 16.90
CA LEU B 263 -11.85 -13.87 18.23
C LEU B 263 -12.61 -15.20 18.20
N GLN B 264 -13.67 -15.25 17.39
CA GLN B 264 -14.48 -16.44 17.27
C GLN B 264 -13.66 -17.66 16.86
N ALA B 265 -12.75 -17.48 15.91
CA ALA B 265 -11.94 -18.61 15.42
C ALA B 265 -11.04 -19.16 16.52
N GLN B 266 -10.49 -18.26 17.34
CA GLN B 266 -9.64 -18.65 18.46
C GLN B 266 -10.45 -19.47 19.47
N GLN B 267 -11.66 -19.01 19.76
CA GLN B 267 -12.54 -19.68 20.71
C GLN B 267 -12.88 -21.08 20.20
N LEU B 268 -13.22 -21.19 18.93
CA LEU B 268 -13.57 -22.48 18.33
C LEU B 268 -12.42 -23.46 18.30
N VAL B 269 -11.22 -23.00 18.01
CA VAL B 269 -10.08 -23.89 18.00
C VAL B 269 -9.72 -24.33 19.43
N ARG B 270 -9.80 -23.40 20.37
CA ARG B 270 -9.51 -23.67 21.79
C ARG B 270 -10.40 -24.74 22.37
N GLY B 271 -11.64 -24.77 21.89
CA GLY B 271 -12.62 -25.73 22.37
C GLY B 271 -12.46 -27.13 21.80
N LEU B 272 -11.51 -27.33 20.89
CA LEU B 272 -11.24 -28.68 20.35
C LEU B 272 -10.24 -29.42 21.22
N ARG B 273 -9.86 -28.81 22.33
CA ARG B 273 -8.91 -29.43 23.24
C ARG B 273 -9.43 -30.78 23.73
N GLY B 274 -8.54 -31.76 23.77
CA GLY B 274 -8.88 -33.07 24.29
C GLY B 274 -9.18 -34.09 23.21
N LEU B 275 -9.35 -33.65 21.98
CA LEU B 275 -9.66 -34.56 20.87
C LEU B 275 -8.38 -35.24 20.41
N ASP B 276 -8.54 -36.35 19.71
CA ASP B 276 -7.39 -37.05 19.19
C ASP B 276 -7.05 -36.41 17.84
N LEU B 277 -6.19 -35.40 17.89
CA LEU B 277 -5.80 -34.65 16.71
C LEU B 277 -4.55 -35.24 16.08
N VAL B 278 -4.68 -35.69 14.84
CA VAL B 278 -3.58 -36.38 14.18
C VAL B 278 -2.83 -35.52 13.16
N GLY B 279 -3.27 -34.29 12.99
CA GLY B 279 -2.67 -33.35 12.07
C GLY B 279 -3.58 -32.15 11.96
N ALA B 280 -3.06 -31.08 11.36
CA ALA B 280 -3.81 -29.85 11.15
C ALA B 280 -3.13 -29.03 10.07
N ASP B 281 -3.90 -28.13 9.46
CA ASP B 281 -3.32 -27.18 8.55
C ASP B 281 -4.01 -25.81 8.63
N VAL B 282 -3.30 -24.80 8.15
CA VAL B 282 -3.77 -23.45 7.98
C VAL B 282 -3.45 -23.11 6.52
N VAL B 283 -4.51 -22.91 5.73
CA VAL B 283 -4.35 -22.81 4.29
C VAL B 283 -4.90 -21.51 3.74
N GLU B 284 -4.53 -21.22 2.50
CA GLU B 284 -5.09 -20.07 1.76
C GLU B 284 -4.60 -18.66 2.14
N VAL B 285 -3.57 -18.55 2.96
CA VAL B 285 -2.90 -17.25 3.15
C VAL B 285 -2.23 -16.85 1.83
N SER B 286 -2.68 -15.72 1.29
CA SER B 286 -2.20 -15.26 0.01
C SER B 286 -1.52 -13.89 0.17
N PRO B 287 -0.19 -13.87 0.40
CA PRO B 287 0.54 -12.60 0.58
C PRO B 287 0.32 -11.53 -0.49
N PRO B 288 0.25 -11.91 -1.78
CA PRO B 288 0.05 -10.84 -2.77
C PRO B 288 -1.22 -10.00 -2.57
N PHE B 289 -2.20 -10.52 -1.84
CA PHE B 289 -3.43 -9.75 -1.53
C PHE B 289 -3.52 -9.31 -0.06
N ASP B 290 -2.43 -9.53 0.67
CA ASP B 290 -2.36 -9.22 2.09
C ASP B 290 -2.06 -7.74 2.33
N VAL B 291 -2.41 -7.25 3.52
CA VAL B 291 -2.12 -5.89 3.91
C VAL B 291 -1.28 -5.91 5.16
N GLY B 292 -0.03 -5.46 5.03
CA GLY B 292 0.91 -5.41 6.15
C GLY B 292 1.11 -6.72 6.90
N GLY B 293 1.07 -7.83 6.17
CA GLY B 293 1.16 -9.15 6.80
C GLY B 293 0.04 -9.51 7.76
N ALA B 294 -1.10 -8.84 7.65
CA ALA B 294 -2.23 -9.10 8.52
C ALA B 294 -2.63 -10.58 8.53
N THR B 295 -2.79 -11.13 7.33
CA THR B 295 -3.26 -12.49 7.18
C THR B 295 -2.20 -13.51 7.57
N ALA B 296 -0.93 -13.18 7.29
CA ALA B 296 0.20 -14.01 7.73
C ALA B 296 0.26 -14.12 9.26
N LEU B 297 0.00 -13.01 9.96
CA LEU B 297 -0.09 -13.00 11.42
C LEU B 297 -1.23 -13.88 11.90
N VAL B 298 -2.43 -13.67 11.35
CA VAL B 298 -3.56 -14.54 11.65
C VAL B 298 -3.12 -15.99 11.44
N GLY B 299 -2.57 -16.29 10.27
CA GLY B 299 -2.06 -17.60 9.97
C GLY B 299 -1.11 -18.14 11.04
N ALA B 300 -0.14 -17.32 11.42
CA ALA B 300 0.82 -17.68 12.45
C ALA B 300 0.17 -17.94 13.83
N THR B 301 -0.78 -17.08 14.21
CA THR B 301 -1.48 -17.26 15.48
C THR B 301 -2.34 -18.54 15.49
N MET B 302 -3.16 -18.75 14.46
CA MET B 302 -3.96 -19.97 14.39
C MET B 302 -3.05 -21.19 14.41
N MET B 303 -1.92 -21.10 13.70
CA MET B 303 -0.91 -22.14 13.76
C MET B 303 -0.49 -22.45 15.21
N PHE B 304 -0.27 -21.41 16.01
CA PHE B 304 0.14 -21.63 17.39
C PHE B 304 -0.99 -22.23 18.20
N GLU B 305 -2.22 -21.76 17.94
CA GLU B 305 -3.42 -22.28 18.60
C GLU B 305 -3.52 -23.78 18.39
N LEU B 306 -3.33 -24.22 17.16
CA LEU B 306 -3.38 -25.64 16.81
C LEU B 306 -2.19 -26.42 17.36
N LEU B 307 -1.01 -25.81 17.29
CA LEU B 307 0.20 -26.43 17.83
C LEU B 307 0.00 -26.90 19.26
N CYS B 308 -0.62 -26.05 20.09
CA CYS B 308 -0.83 -26.37 21.50
C CYS B 308 -1.67 -27.64 21.64
N LEU B 309 -2.69 -27.78 20.79
CA LEU B 309 -3.56 -28.94 20.85
C LEU B 309 -2.85 -30.20 20.33
N LEU B 310 -2.13 -30.06 19.23
CA LEU B 310 -1.38 -31.16 18.66
C LEU B 310 -0.31 -31.64 19.62
N ALA B 311 0.30 -30.69 20.34
CA ALA B 311 1.28 -31.00 21.36
C ALA B 311 0.70 -31.91 22.45
N GLU B 312 -0.50 -31.56 22.93
CA GLU B 312 -1.21 -32.40 23.92
C GLU B 312 -1.49 -33.81 23.43
N SER B 313 -1.97 -33.93 22.18
CA SER B 313 -2.22 -35.24 21.58
C SER B 313 -0.94 -36.06 21.46
N ALA B 314 0.14 -35.43 21.00
CA ALA B 314 1.43 -36.10 20.87
C ALA B 314 1.99 -36.61 22.22
N ALA B 315 1.85 -35.79 23.27
CA ALA B 315 2.29 -36.17 24.61
C ALA B 315 1.45 -37.32 25.16
N ARG B 316 0.15 -37.30 24.85
CA ARG B 316 -0.79 -38.35 25.25
C ARG B 316 -0.35 -39.68 24.65
N SER B 317 -0.06 -39.71 23.36
CA SER B 317 0.38 -40.94 22.69
C SER B 317 1.71 -41.49 23.20
N ALA B 318 2.59 -40.62 23.71
CA ALA B 318 3.94 -41.01 24.13
C ALA B 318 4.05 -41.35 25.63
N ASN C 3 -31.36 -18.32 -19.85
CA ASN C 3 -32.78 -18.48 -19.57
C ASN C 3 -33.62 -18.00 -20.75
N ASP C 4 -32.87 -17.39 -21.63
CA ASP C 4 -33.26 -16.47 -22.62
C ASP C 4 -33.11 -15.15 -21.94
N HIS C 5 -32.94 -15.16 -20.64
CA HIS C 5 -32.69 -13.93 -19.97
C HIS C 5 -31.21 -13.76 -20.14
N PRO C 6 -30.72 -12.57 -20.01
CA PRO C 6 -29.30 -12.38 -20.05
C PRO C 6 -28.66 -13.14 -18.91
N GLN C 7 -27.44 -13.59 -19.10
CA GLN C 7 -26.78 -14.40 -18.08
C GLN C 7 -25.33 -13.94 -17.88
N PRO C 8 -24.79 -14.10 -16.66
CA PRO C 8 -23.37 -13.83 -16.47
C PRO C 8 -22.53 -14.77 -17.32
N LEU C 9 -21.32 -14.32 -17.65
CA LEU C 9 -20.34 -15.16 -18.30
C LEU C 9 -20.25 -16.50 -17.56
N ASP C 10 -20.21 -17.59 -18.31
CA ASP C 10 -20.20 -18.91 -17.69
C ASP C 10 -18.81 -19.26 -17.11
N ALA C 11 -18.73 -19.26 -15.78
CA ALA C 11 -17.49 -19.47 -15.04
C ALA C 11 -16.93 -20.88 -15.18
N ALA C 12 -17.75 -21.78 -15.70
CA ALA C 12 -17.34 -23.15 -15.96
C ALA C 12 -16.53 -23.18 -17.27
N GLU C 13 -16.38 -22.02 -17.90
CA GLU C 13 -15.79 -21.94 -19.22
C GLU C 13 -14.85 -20.73 -19.31
N ILE C 14 -15.30 -19.61 -18.74
CA ILE C 14 -14.56 -18.37 -18.80
C ILE C 14 -14.14 -17.97 -17.38
N PRO C 15 -12.82 -17.84 -17.16
CA PRO C 15 -12.29 -17.59 -15.83
C PRO C 15 -12.73 -16.20 -15.35
N ARG C 16 -12.79 -16.03 -14.03
CA ARG C 16 -13.40 -14.84 -13.45
C ARG C 16 -12.55 -13.57 -13.62
N PHE C 17 -11.28 -13.76 -13.98
CA PHE C 17 -10.36 -12.65 -14.21
C PHE C 17 -10.34 -12.17 -15.67
N ALA C 18 -11.12 -12.81 -16.53
CA ALA C 18 -11.08 -12.52 -17.96
C ALA C 18 -12.35 -11.81 -18.42
N GLY C 19 -12.29 -11.25 -19.63
CA GLY C 19 -13.42 -10.56 -20.23
C GLY C 19 -13.50 -9.11 -19.78
N ILE C 20 -13.93 -8.23 -20.69
CA ILE C 20 -14.18 -6.82 -20.38
C ILE C 20 -15.17 -6.81 -19.20
N PRO C 21 -14.79 -6.17 -18.07
CA PRO C 21 -15.56 -6.30 -16.83
C PRO C 21 -16.84 -5.47 -16.81
N THR C 22 -17.95 -6.12 -16.48
CA THR C 22 -19.27 -5.50 -16.39
C THR C 22 -19.83 -5.88 -15.03
N PHE C 23 -20.88 -5.21 -14.56
CA PHE C 23 -21.54 -5.63 -13.33
C PHE C 23 -21.97 -7.09 -13.45
N MET C 24 -21.55 -7.89 -12.47
CA MET C 24 -21.88 -9.32 -12.38
C MET C 24 -21.56 -10.12 -13.64
N ARG C 25 -20.60 -9.64 -14.44
CA ARG C 25 -20.23 -10.32 -15.69
C ARG C 25 -21.40 -10.45 -16.69
N LEU C 26 -22.43 -9.62 -16.53
CA LEU C 26 -23.56 -9.61 -17.45
C LEU C 26 -23.21 -8.90 -18.76
N PRO C 27 -24.03 -9.11 -19.81
CA PRO C 27 -23.84 -8.32 -21.03
C PRO C 27 -24.13 -6.83 -20.78
N ALA C 28 -23.54 -5.99 -21.63
CA ALA C 28 -23.70 -4.55 -21.62
C ALA C 28 -24.91 -4.17 -22.47
N PHE C 29 -25.79 -3.36 -21.91
CA PHE C 29 -27.00 -2.92 -22.60
C PHE C 29 -27.02 -1.41 -22.73
N THR C 30 -27.79 -0.93 -23.69
CA THR C 30 -27.84 0.48 -24.03
C THR C 30 -29.30 0.99 -23.94
N ASP C 31 -30.24 0.05 -23.93
CA ASP C 31 -31.66 0.32 -24.04
C ASP C 31 -32.37 -0.27 -22.82
N PRO C 32 -32.87 0.59 -21.91
CA PRO C 32 -33.40 0.11 -20.63
C PRO C 32 -34.68 -0.72 -20.75
N ALA C 33 -35.37 -0.62 -21.89
CA ALA C 33 -36.59 -1.39 -22.12
C ALA C 33 -36.30 -2.87 -22.37
N ALA C 34 -35.03 -3.19 -22.56
CA ALA C 34 -34.63 -4.60 -22.71
C ALA C 34 -34.51 -5.33 -21.38
N LEU C 35 -34.66 -4.61 -20.26
CA LEU C 35 -34.35 -5.13 -18.93
C LEU C 35 -35.47 -4.90 -17.94
N GLN C 36 -35.52 -5.75 -16.92
CA GLN C 36 -36.44 -5.57 -15.81
C GLN C 36 -35.73 -4.94 -14.60
N VAL C 37 -34.45 -5.25 -14.44
CA VAL C 37 -33.58 -4.54 -13.48
C VAL C 37 -32.32 -4.07 -14.21
N GLY C 38 -32.03 -2.78 -14.14
CA GLY C 38 -30.86 -2.20 -14.79
C GLY C 38 -29.75 -1.85 -13.80
N LEU C 39 -28.54 -2.33 -14.09
CA LEU C 39 -27.43 -2.06 -13.20
C LEU C 39 -26.66 -0.88 -13.74
N ILE C 40 -26.59 0.18 -12.93
CA ILE C 40 -26.14 1.48 -13.39
C ILE C 40 -25.06 2.05 -12.49
N GLY C 41 -24.07 2.66 -13.11
CA GLY C 41 -23.04 3.40 -12.40
C GLY C 41 -23.33 4.87 -12.51
N VAL C 42 -23.15 5.57 -11.41
CA VAL C 42 -23.21 7.02 -11.40
C VAL C 42 -21.86 7.51 -10.88
N PRO C 43 -20.88 7.70 -11.79
CA PRO C 43 -19.51 7.99 -11.35
C PRO C 43 -19.34 9.47 -11.10
N TRP C 44 -19.74 9.90 -9.90
CA TRP C 44 -19.96 11.31 -9.65
C TRP C 44 -19.74 11.65 -8.20
N ASP C 45 -18.84 12.59 -7.96
CA ASP C 45 -18.53 13.01 -6.59
C ASP C 45 -18.35 14.52 -6.45
N GLY C 46 -18.95 15.29 -7.36
CA GLY C 46 -18.93 16.75 -7.26
C GLY C 46 -19.55 17.28 -5.97
N GLY C 47 -20.34 16.45 -5.28
CA GLY C 47 -20.95 16.86 -4.03
C GLY C 47 -20.08 16.63 -2.80
N THR C 48 -18.82 16.24 -3.01
CA THR C 48 -17.96 15.85 -1.90
C THR C 48 -17.16 17.04 -1.36
N THR C 49 -17.24 17.27 -0.05
CA THR C 49 -16.68 18.48 0.55
C THR C 49 -15.28 18.28 1.11
N ASN C 50 -14.85 17.04 1.27
CA ASN C 50 -13.53 16.74 1.83
C ASN C 50 -12.85 15.62 1.03
N ARG C 51 -12.89 14.39 1.54
CA ARG C 51 -12.16 13.28 0.89
C ARG C 51 -12.96 12.68 -0.26
N ALA C 52 -12.58 13.04 -1.49
CA ALA C 52 -13.28 12.57 -2.69
C ALA C 52 -12.65 11.28 -3.27
N GLY C 53 -13.08 10.91 -4.48
CA GLY C 53 -12.64 9.67 -5.13
C GLY C 53 -13.76 8.73 -5.55
N ALA C 54 -14.96 8.96 -5.03
CA ALA C 54 -16.10 8.09 -5.32
C ALA C 54 -16.48 8.05 -6.81
N ARG C 55 -16.02 9.02 -7.59
CA ARG C 55 -16.20 8.98 -9.02
C ARG C 55 -15.63 7.70 -9.66
N HIS C 56 -14.63 7.08 -9.02
CA HIS C 56 -14.05 5.81 -9.49
C HIS C 56 -14.75 4.59 -8.93
N GLY C 57 -15.76 4.84 -8.09
CA GLY C 57 -16.53 3.77 -7.47
C GLY C 57 -17.04 2.73 -8.45
N PRO C 58 -17.89 3.15 -9.43
CA PRO C 58 -18.50 2.18 -10.36
C PRO C 58 -17.51 1.27 -11.06
N ARG C 59 -16.37 1.80 -11.51
CA ARG C 59 -15.40 0.99 -12.23
C ARG C 59 -14.79 -0.12 -11.37
N GLU C 60 -14.55 0.16 -10.08
CA GLU C 60 -13.96 -0.86 -9.21
C GLU C 60 -15.00 -1.85 -8.71
N VAL C 61 -16.21 -1.37 -8.45
CA VAL C 61 -17.30 -2.28 -8.13
C VAL C 61 -17.55 -3.23 -9.31
N ARG C 62 -17.54 -2.72 -10.54
CA ARG C 62 -17.60 -3.60 -11.72
C ARG C 62 -16.51 -4.68 -11.63
N ASN C 63 -15.25 -4.24 -11.46
CA ASN C 63 -14.11 -5.13 -11.37
C ASN C 63 -14.37 -6.27 -10.37
N LEU C 64 -14.70 -5.92 -9.14
CA LEU C 64 -14.78 -6.91 -8.08
C LEU C 64 -16.06 -7.74 -8.06
N SER C 65 -17.06 -7.34 -8.85
CA SER C 65 -18.30 -8.09 -8.97
C SER C 65 -18.08 -9.36 -9.76
N SER C 66 -16.92 -9.45 -10.40
CA SER C 66 -16.43 -10.70 -11.01
C SER C 66 -16.44 -11.88 -10.05
N LEU C 67 -16.47 -11.59 -8.75
CA LEU C 67 -16.45 -12.62 -7.72
C LEU C 67 -17.84 -13.16 -7.38
N MET C 68 -18.88 -12.45 -7.77
CA MET C 68 -20.25 -12.87 -7.51
C MET C 68 -20.66 -14.09 -8.32
N ARG C 69 -21.55 -14.89 -7.75
CA ARG C 69 -22.07 -16.07 -8.41
C ARG C 69 -23.59 -15.97 -8.63
N LYS C 70 -24.18 -17.00 -9.22
CA LYS C 70 -25.51 -16.90 -9.83
C LYS C 70 -26.68 -16.90 -8.86
N VAL C 71 -26.53 -17.56 -7.71
CA VAL C 71 -27.64 -17.88 -6.81
C VAL C 71 -27.32 -17.48 -5.38
N HIS C 72 -28.26 -16.79 -4.74
CA HIS C 72 -28.09 -16.43 -3.36
C HIS C 72 -28.15 -17.71 -2.49
N HIS C 73 -27.19 -17.91 -1.60
CA HIS C 73 -27.06 -19.20 -0.90
C HIS C 73 -28.08 -19.39 0.23
N VAL C 74 -28.71 -18.31 0.68
CA VAL C 74 -29.73 -18.42 1.71
C VAL C 74 -31.14 -18.45 1.11
N SER C 75 -31.53 -17.35 0.48
CA SER C 75 -32.90 -17.19 -0.03
C SER C 75 -33.13 -18.09 -1.24
N ARG C 76 -32.04 -18.49 -1.90
CA ARG C 76 -32.05 -19.35 -3.08
C ARG C 76 -32.57 -18.65 -4.35
N ILE C 77 -32.77 -17.33 -4.26
CA ILE C 77 -33.15 -16.51 -5.40
C ILE C 77 -32.04 -16.57 -6.44
N ALA C 78 -32.41 -16.84 -7.68
CA ALA C 78 -31.50 -16.78 -8.81
C ALA C 78 -31.94 -15.62 -9.72
N PRO C 79 -31.43 -14.39 -9.46
CA PRO C 79 -32.02 -13.19 -10.06
C PRO C 79 -32.10 -13.21 -11.59
N TYR C 80 -31.13 -13.82 -12.25
CA TYR C 80 -31.05 -13.78 -13.71
C TYR C 80 -32.04 -14.75 -14.34
N ASP C 81 -32.42 -15.81 -13.63
CA ASP C 81 -33.49 -16.70 -14.08
C ASP C 81 -34.88 -16.07 -13.83
N LEU C 82 -35.01 -15.31 -12.75
CA LEU C 82 -36.26 -14.65 -12.38
C LEU C 82 -36.67 -13.53 -13.34
N VAL C 83 -35.71 -12.67 -13.69
CA VAL C 83 -35.98 -11.46 -14.47
C VAL C 83 -34.80 -11.16 -15.39
N ARG C 84 -35.00 -10.22 -16.32
CA ARG C 84 -33.93 -9.77 -17.21
C ARG C 84 -33.11 -8.67 -16.53
N VAL C 85 -31.83 -8.96 -16.34
CA VAL C 85 -30.88 -8.05 -15.67
C VAL C 85 -29.73 -7.75 -16.62
N GLY C 86 -29.23 -6.52 -16.60
CA GLY C 86 -28.10 -6.13 -17.45
C GLY C 86 -27.29 -4.96 -16.93
N ASP C 87 -26.10 -4.78 -17.48
CA ASP C 87 -25.31 -3.61 -17.18
C ASP C 87 -25.71 -2.47 -18.14
N LEU C 88 -26.31 -1.41 -17.60
CA LEU C 88 -26.70 -0.27 -18.44
C LEU C 88 -25.59 0.78 -18.68
N GLY C 89 -24.39 0.50 -18.20
CA GLY C 89 -23.28 1.44 -18.32
C GLY C 89 -23.38 2.55 -17.26
N ASP C 90 -22.71 3.66 -17.56
CA ASP C 90 -22.68 4.79 -16.66
C ASP C 90 -23.63 5.91 -17.11
N ALA C 91 -24.33 6.52 -16.15
CA ALA C 91 -25.11 7.71 -16.41
C ALA C 91 -24.17 8.88 -16.74
N PRO C 92 -24.56 9.75 -17.69
CA PRO C 92 -23.65 10.83 -18.09
C PRO C 92 -23.33 11.78 -16.91
N VAL C 93 -22.09 12.21 -16.84
CA VAL C 93 -21.59 12.94 -15.70
C VAL C 93 -20.71 14.09 -16.20
N ASN C 94 -20.91 15.28 -15.61
CA ASN C 94 -20.05 16.43 -15.87
C ASN C 94 -19.24 16.75 -14.63
N PRO C 95 -17.93 16.43 -14.65
CA PRO C 95 -17.08 16.61 -13.48
C PRO C 95 -16.82 18.09 -13.09
N ILE C 96 -17.15 19.01 -14.00
CA ILE C 96 -16.95 20.46 -13.76
C ILE C 96 -18.24 21.18 -13.38
N ASP C 97 -19.34 20.79 -14.00
CA ASP C 97 -20.60 21.47 -13.82
C ASP C 97 -21.55 20.62 -12.99
N LEU C 98 -21.71 20.98 -11.72
CA LEU C 98 -22.59 20.28 -10.82
C LEU C 98 -24.06 20.23 -11.29
N LEU C 99 -24.60 21.37 -11.74
CA LEU C 99 -25.99 21.40 -12.22
C LEU C 99 -26.14 20.61 -13.48
N ASP C 100 -25.13 20.64 -14.34
CA ASP C 100 -25.23 19.88 -15.58
C ASP C 100 -25.26 18.37 -15.32
N SER C 101 -24.51 17.89 -14.32
CA SER C 101 -24.59 16.49 -13.90
C SER C 101 -25.97 16.14 -13.35
N LEU C 102 -26.51 16.99 -12.48
CA LEU C 102 -27.82 16.76 -11.89
C LEU C 102 -28.87 16.60 -12.97
N ARG C 103 -28.83 17.48 -13.96
CA ARG C 103 -29.72 17.45 -15.11
C ARG C 103 -29.50 16.16 -15.96
N ARG C 104 -28.26 15.87 -16.28
CA ARG C 104 -28.00 14.73 -17.16
C ARG C 104 -28.20 13.37 -16.51
N ILE C 105 -27.90 13.26 -15.22
CA ILE C 105 -28.14 12.01 -14.51
C ILE C 105 -29.65 11.75 -14.43
N GLU C 106 -30.41 12.76 -14.04
CA GLU C 106 -31.85 12.60 -13.98
C GLU C 106 -32.42 12.19 -15.32
N GLY C 107 -31.98 12.86 -16.38
CA GLY C 107 -32.42 12.55 -17.74
C GLY C 107 -32.24 11.09 -18.10
N PHE C 108 -31.12 10.51 -17.67
CA PHE C 108 -30.87 9.08 -17.87
C PHE C 108 -31.88 8.22 -17.09
N TYR C 109 -32.07 8.53 -15.82
CA TYR C 109 -33.03 7.81 -14.99
C TYR C 109 -34.49 7.97 -15.44
N ARG C 110 -34.82 9.09 -16.08
CA ARG C 110 -36.15 9.33 -16.65
C ARG C 110 -36.46 8.26 -17.72
N GLN C 111 -35.54 8.08 -18.67
CA GLN C 111 -35.62 7.02 -19.67
C GLN C 111 -35.75 5.64 -19.04
N VAL C 112 -34.96 5.40 -17.97
CA VAL C 112 -34.99 4.14 -17.25
C VAL C 112 -36.36 3.90 -16.65
N HIS C 113 -36.86 4.89 -15.94
CA HIS C 113 -38.16 4.82 -15.26
C HIS C 113 -39.31 4.68 -16.28
N ALA C 114 -39.29 5.50 -17.33
CA ALA C 114 -40.27 5.41 -18.42
C ALA C 114 -40.40 3.99 -19.01
N ALA C 115 -39.29 3.25 -19.04
CA ALA C 115 -39.28 1.88 -19.57
C ALA C 115 -39.74 0.82 -18.55
N GLY C 116 -40.13 1.24 -17.35
CA GLY C 116 -40.57 0.32 -16.30
C GLY C 116 -39.44 -0.44 -15.65
N THR C 117 -38.20 0.00 -15.89
CA THR C 117 -37.02 -0.71 -15.40
C THR C 117 -36.66 -0.29 -13.99
N LEU C 118 -36.32 -1.26 -13.15
CA LEU C 118 -35.91 -1.02 -11.76
C LEU C 118 -34.40 -0.74 -11.70
N PRO C 119 -34.01 0.44 -11.20
CA PRO C 119 -32.59 0.76 -11.17
C PRO C 119 -31.88 0.25 -9.91
N LEU C 120 -30.71 -0.35 -10.12
CA LEU C 120 -29.82 -0.74 -9.05
C LEU C 120 -28.52 -0.01 -9.32
N SER C 121 -28.22 0.98 -8.50
CA SER C 121 -27.14 1.92 -8.85
C SER C 121 -25.92 1.86 -7.94
N VAL C 122 -24.77 2.17 -8.51
CA VAL C 122 -23.53 2.28 -7.75
C VAL C 122 -22.98 3.68 -7.95
N GLY C 123 -22.85 4.43 -6.84
CA GLY C 123 -22.22 5.75 -6.84
C GLY C 123 -20.71 5.61 -6.90
N GLY C 124 -19.96 6.72 -6.88
CA GLY C 124 -20.50 8.06 -6.69
C GLY C 124 -20.78 8.35 -5.23
N ASP C 125 -20.84 9.63 -4.85
CA ASP C 125 -21.15 9.92 -3.46
C ASP C 125 -22.66 9.98 -3.26
N HIS C 126 -23.10 10.37 -2.06
CA HIS C 126 -24.53 10.28 -1.78
C HIS C 126 -25.43 11.30 -2.49
N LEU C 127 -24.85 12.37 -3.01
CA LEU C 127 -25.60 13.33 -3.80
C LEU C 127 -26.26 12.67 -5.00
N VAL C 128 -25.65 11.60 -5.47
CA VAL C 128 -26.11 10.91 -6.65
C VAL C 128 -27.53 10.35 -6.52
N THR C 129 -27.97 10.12 -5.29
CA THR C 129 -29.32 9.59 -5.08
C THR C 129 -30.40 10.65 -5.42
N LEU C 130 -30.04 11.93 -5.37
CA LEU C 130 -31.03 12.99 -5.64
C LEU C 130 -31.58 13.01 -7.09
N PRO C 131 -30.69 13.04 -8.10
CA PRO C 131 -31.30 12.99 -9.43
C PRO C 131 -32.09 11.70 -9.66
N ILE C 132 -31.68 10.62 -8.99
CA ILE C 132 -32.43 9.36 -9.09
C ILE C 132 -33.85 9.55 -8.54
N PHE C 133 -33.96 10.06 -7.31
CA PHE C 133 -35.26 10.37 -6.70
C PHE C 133 -36.06 11.36 -7.53
N ARG C 134 -35.36 12.29 -8.19
CA ARG C 134 -36.02 13.26 -9.03
C ARG C 134 -36.72 12.61 -10.22
N ALA C 135 -36.20 11.48 -10.69
CA ALA C 135 -36.82 10.74 -11.79
C ALA C 135 -37.89 9.74 -11.31
N LEU C 136 -37.68 9.16 -10.13
CA LEU C 136 -38.54 8.10 -9.62
C LEU C 136 -39.70 8.54 -8.71
N GLY C 137 -39.61 9.72 -8.11
CA GLY C 137 -40.57 10.11 -7.07
C GLY C 137 -41.53 11.24 -7.40
N ARG C 138 -41.82 11.43 -8.69
CA ARG C 138 -42.66 12.56 -9.11
C ARG C 138 -44.14 12.25 -9.01
N GLU C 139 -44.54 11.06 -9.43
CA GLU C 139 -45.93 10.66 -9.42
C GLU C 139 -46.40 10.52 -7.98
N ARG C 140 -45.73 9.66 -7.22
CA ARG C 140 -45.99 9.51 -5.78
C ARG C 140 -44.64 9.51 -5.07
N PRO C 141 -44.56 10.19 -3.91
CA PRO C 141 -43.33 10.22 -3.13
C PRO C 141 -42.90 8.83 -2.65
N LEU C 142 -41.59 8.63 -2.53
CA LEU C 142 -41.02 7.33 -2.15
C LEU C 142 -40.89 7.14 -0.63
N GLY C 143 -41.01 5.90 -0.19
CA GLY C 143 -40.51 5.50 1.13
C GLY C 143 -39.05 5.08 1.00
N MET C 144 -38.36 4.96 2.12
CA MET C 144 -36.94 4.59 2.06
C MET C 144 -36.39 3.92 3.31
N VAL C 145 -35.63 2.85 3.08
CA VAL C 145 -34.71 2.32 4.07
C VAL C 145 -33.31 2.78 3.68
N HIS C 146 -32.68 3.52 4.58
CA HIS C 146 -31.43 4.22 4.32
C HIS C 146 -30.41 3.76 5.37
N PHE C 147 -29.33 3.13 4.90
CA PHE C 147 -28.24 2.66 5.75
C PHE C 147 -27.09 3.64 5.57
N ASP C 148 -26.69 4.28 6.66
CA ASP C 148 -25.67 5.33 6.58
C ASP C 148 -25.10 5.66 7.97
N ALA C 149 -23.92 6.27 7.98
CA ALA C 149 -23.39 6.89 9.19
C ALA C 149 -23.97 8.31 9.38
N HIS C 150 -24.47 8.92 8.31
CA HIS C 150 -25.00 10.28 8.36
C HIS C 150 -26.41 10.38 7.78
N SER C 151 -27.22 11.28 8.34
CA SER C 151 -28.58 11.52 7.82
C SER C 151 -28.64 12.09 6.41
N ASP C 152 -27.62 12.82 5.99
CA ASP C 152 -27.63 13.47 4.68
C ASP C 152 -28.89 14.32 4.48
N THR C 153 -29.31 14.99 5.55
CA THR C 153 -30.44 15.91 5.54
C THR C 153 -30.05 17.30 6.05
N ASN C 154 -28.79 17.68 5.82
CA ASN C 154 -28.32 19.05 6.08
C ASN C 154 -28.80 20.01 5.01
N ASP C 155 -28.63 21.30 5.27
CA ASP C 155 -29.30 22.33 4.49
C ASP C 155 -28.38 22.97 3.45
N ARG C 156 -27.31 23.62 3.92
CA ARG C 156 -26.45 24.48 3.08
C ARG C 156 -24.98 24.24 3.42
N TYR C 157 -24.11 24.35 2.41
CA TYR C 157 -22.67 24.27 2.65
C TYR C 157 -21.90 25.46 2.06
N PHE C 158 -20.92 25.92 2.83
CA PHE C 158 -19.99 26.98 2.43
C PHE C 158 -20.72 28.18 1.80
N GLY C 159 -21.71 28.69 2.52
CA GLY C 159 -22.60 29.70 1.97
C GLY C 159 -23.90 29.01 1.63
N ASP C 160 -24.51 29.38 0.50
CA ASP C 160 -25.79 28.76 0.12
C ASP C 160 -25.66 27.84 -1.10
N ASN C 161 -24.87 26.79 -0.91
CA ASN C 161 -24.80 25.71 -1.88
C ASN C 161 -25.73 24.61 -1.39
N PRO C 162 -26.82 24.36 -2.13
CA PRO C 162 -27.80 23.41 -1.63
C PRO C 162 -27.47 21.93 -1.92
N TYR C 163 -26.41 21.67 -2.69
CA TYR C 163 -26.15 20.31 -3.18
C TYR C 163 -24.81 19.73 -2.74
N THR C 164 -24.83 18.80 -1.78
CA THR C 164 -23.65 18.01 -1.41
C THR C 164 -24.08 16.60 -1.04
N HIS C 165 -23.09 15.74 -0.86
CA HIS C 165 -23.33 14.36 -0.41
C HIS C 165 -24.10 14.33 0.92
N GLY C 166 -24.07 15.45 1.65
CA GLY C 166 -24.80 15.56 2.91
C GLY C 166 -26.16 16.28 2.88
N THR C 167 -26.62 16.70 1.69
CA THR C 167 -27.95 17.33 1.58
C THR C 167 -29.02 16.61 0.75
N PRO C 168 -28.71 15.48 0.07
CA PRO C 168 -29.64 15.07 -0.97
C PRO C 168 -31.04 14.73 -0.47
N PHE C 169 -31.14 14.15 0.71
CA PHE C 169 -32.44 13.75 1.24
C PHE C 169 -33.22 14.91 1.83
N ARG C 170 -32.52 15.96 2.19
CA ARG C 170 -33.14 17.20 2.52
C ARG C 170 -33.81 17.79 1.30
N ARG C 171 -33.13 17.76 0.18
CA ARG C 171 -33.68 18.20 -1.08
C ARG C 171 -34.84 17.39 -1.55
N ALA C 172 -34.76 16.08 -1.43
CA ALA C 172 -35.80 15.16 -1.87
C ALA C 172 -37.11 15.33 -1.10
N ILE C 173 -36.99 15.55 0.18
CA ILE C 173 -38.17 15.82 0.99
C ILE C 173 -38.80 17.15 0.58
N GLU C 174 -38.00 18.21 0.59
CA GLU C 174 -38.46 19.54 0.16
C GLU C 174 -39.10 19.54 -1.22
N GLU C 175 -38.59 18.70 -2.11
CA GLU C 175 -39.07 18.60 -3.48
C GLU C 175 -40.25 17.64 -3.62
N GLY C 176 -40.70 17.09 -2.49
CA GLY C 176 -41.83 16.17 -2.45
C GLY C 176 -41.55 14.79 -3.02
N LEU C 177 -40.27 14.43 -3.10
CA LEU C 177 -39.86 13.18 -3.75
C LEU C 177 -39.74 12.02 -2.77
N LEU C 178 -39.59 12.38 -1.50
CA LEU C 178 -39.37 11.43 -0.42
C LEU C 178 -40.36 11.71 0.69
N ASP C 179 -41.03 10.66 1.14
CA ASP C 179 -41.95 10.78 2.25
C ASP C 179 -41.18 10.63 3.58
N PRO C 180 -41.03 11.73 4.33
CA PRO C 180 -40.26 11.64 5.59
C PRO C 180 -40.91 10.66 6.55
N LEU C 181 -42.24 10.57 6.54
CA LEU C 181 -42.98 9.65 7.40
C LEU C 181 -42.74 8.19 7.03
N ARG C 182 -42.26 7.92 5.82
CA ARG C 182 -41.95 6.55 5.40
C ARG C 182 -40.46 6.38 5.15
N THR C 183 -39.66 7.18 5.85
CA THR C 183 -38.22 7.12 5.77
C THR C 183 -37.64 6.65 7.09
N VAL C 184 -36.82 5.60 7.03
CA VAL C 184 -36.10 5.10 8.21
C VAL C 184 -34.60 5.09 7.92
N GLN C 185 -33.81 5.57 8.88
CA GLN C 185 -32.36 5.70 8.71
C GLN C 185 -31.66 4.91 9.80
N ILE C 186 -30.68 4.08 9.41
CA ILE C 186 -30.05 3.11 10.31
C ILE C 186 -28.52 3.20 10.35
N GLY C 187 -27.96 3.45 11.55
CA GLY C 187 -26.52 3.39 11.77
C GLY C 187 -25.86 4.71 12.06
N ILE C 188 -26.67 5.78 12.12
CA ILE C 188 -26.19 7.16 12.28
C ILE C 188 -25.28 7.31 13.50
N ARG C 189 -24.12 7.91 13.31
CA ARG C 189 -23.12 7.99 14.38
C ARG C 189 -22.05 9.03 14.05
N GLY C 190 -21.36 9.49 15.09
CA GLY C 190 -20.21 10.38 14.93
C GLY C 190 -20.49 11.75 15.47
N SER C 191 -19.42 12.47 15.81
CA SER C 191 -19.54 13.83 16.31
C SER C 191 -20.31 14.70 15.31
N VAL C 192 -21.11 15.61 15.83
CA VAL C 192 -21.89 16.51 14.98
C VAL C 192 -21.44 17.95 15.13
N TYR C 193 -21.78 18.75 14.14
CA TYR C 193 -21.40 20.15 14.06
C TYR C 193 -22.12 21.01 15.12
N SER C 194 -23.36 20.63 15.46
CA SER C 194 -24.25 21.49 16.24
C SER C 194 -24.96 20.79 17.41
N PRO C 195 -25.12 21.51 18.56
CA PRO C 195 -25.70 21.02 19.83
C PRO C 195 -27.02 20.23 19.71
N ASP C 196 -27.77 20.50 18.64
CA ASP C 196 -28.90 19.66 18.26
C ASP C 196 -28.86 19.45 16.75
N ASP C 197 -28.82 18.17 16.36
CA ASP C 197 -28.57 17.77 14.99
C ASP C 197 -29.81 17.24 14.27
N ASP C 198 -30.51 16.31 14.91
CA ASP C 198 -31.68 15.67 14.34
C ASP C 198 -32.89 16.63 14.37
N ALA C 199 -32.60 17.92 14.20
CA ALA C 199 -33.62 18.96 14.23
C ALA C 199 -34.57 18.76 13.07
N PHE C 200 -34.05 18.84 11.85
CA PHE C 200 -34.84 18.62 10.65
C PHE C 200 -35.50 17.23 10.62
N ALA C 201 -34.69 16.20 10.86
CA ALA C 201 -35.16 14.81 10.80
C ALA C 201 -36.31 14.50 11.76
N ARG C 202 -36.22 14.99 13.00
CA ARG C 202 -37.30 14.86 13.97
C ARG C 202 -38.51 15.72 13.59
N GLU C 203 -38.25 16.94 13.12
CA GLU C 203 -39.35 17.88 12.82
C GLU C 203 -40.26 17.44 11.68
N CYS C 204 -39.71 16.72 10.70
CA CYS C 204 -40.52 16.16 9.61
C CYS C 204 -40.84 14.68 9.84
N GLY C 205 -40.26 14.09 10.88
CA GLY C 205 -40.69 12.78 11.38
C GLY C 205 -40.02 11.55 10.80
N ILE C 206 -38.79 11.73 10.32
CA ILE C 206 -37.98 10.59 9.87
C ILE C 206 -37.69 9.69 11.08
N ARG C 207 -37.85 8.39 10.92
CA ARG C 207 -37.36 7.47 11.93
C ARG C 207 -35.82 7.34 11.84
N VAL C 208 -35.14 7.82 12.87
CA VAL C 208 -33.68 7.81 12.90
C VAL C 208 -33.20 6.79 13.92
N ILE C 209 -32.64 5.68 13.45
CA ILE C 209 -32.08 4.69 14.35
C ILE C 209 -30.56 4.87 14.34
N HIS C 210 -30.06 5.58 15.35
CA HIS C 210 -28.62 5.78 15.55
C HIS C 210 -27.93 4.46 15.82
N MET C 211 -26.62 4.43 15.62
CA MET C 211 -25.83 3.23 15.86
C MET C 211 -26.20 2.64 17.21
N GLU C 212 -26.25 3.48 18.24
CA GLU C 212 -26.53 3.05 19.61
C GLU C 212 -27.88 2.34 19.77
N GLU C 213 -28.92 2.87 19.13
CA GLU C 213 -30.25 2.25 19.17
C GLU C 213 -30.27 0.91 18.42
N PHE C 214 -29.58 0.85 17.29
CA PHE C 214 -29.44 -0.39 16.56
C PHE C 214 -28.79 -1.47 17.44
N VAL C 215 -27.73 -1.10 18.17
CA VAL C 215 -27.08 -2.01 19.14
C VAL C 215 -28.05 -2.52 20.23
N GLU C 216 -28.81 -1.60 20.84
CA GLU C 216 -29.80 -1.96 21.86
C GLU C 216 -30.89 -2.86 21.30
N LEU C 217 -31.41 -2.47 20.13
CA LEU C 217 -32.53 -3.19 19.49
C LEU C 217 -32.16 -4.59 19.02
N GLY C 218 -31.01 -4.71 18.36
CA GLY C 218 -30.64 -5.96 17.69
C GLY C 218 -31.18 -5.95 16.27
N VAL C 219 -30.66 -6.86 15.44
CA VAL C 219 -31.04 -6.93 14.03
C VAL C 219 -32.54 -7.15 13.84
N GLU C 220 -33.11 -8.15 14.50
CA GLU C 220 -34.49 -8.52 14.20
C GLU C 220 -35.46 -7.39 14.54
N ALA C 221 -35.24 -6.78 15.70
CA ALA C 221 -36.10 -5.71 16.17
C ALA C 221 -35.92 -4.42 15.36
N THR C 222 -34.69 -4.13 14.94
CA THR C 222 -34.39 -3.00 14.03
C THR C 222 -35.20 -3.18 12.73
N LEU C 223 -35.18 -4.42 12.23
CA LEU C 223 -35.79 -4.77 10.97
C LEU C 223 -37.31 -4.63 11.04
N ALA C 224 -37.88 -5.04 12.17
CA ALA C 224 -39.32 -4.98 12.38
C ALA C 224 -39.77 -3.51 12.45
N GLU C 225 -38.97 -2.67 13.10
CA GLU C 225 -39.22 -1.23 13.09
C GLU C 225 -39.11 -0.62 11.68
N ALA C 226 -38.08 -1.00 10.93
CA ALA C 226 -37.88 -0.48 9.57
C ALA C 226 -39.04 -0.83 8.66
N ARG C 227 -39.53 -2.07 8.78
CA ARG C 227 -40.63 -2.56 7.97
C ARG C 227 -41.93 -1.84 8.38
N ARG C 228 -42.07 -1.56 9.66
CA ARG C 228 -43.22 -0.83 10.16
C ARG C 228 -43.27 0.56 9.53
N VAL C 229 -42.11 1.23 9.49
CA VAL C 229 -42.01 2.57 8.91
C VAL C 229 -42.38 2.59 7.43
N VAL C 230 -41.81 1.70 6.62
CA VAL C 230 -42.05 1.75 5.18
C VAL C 230 -43.36 1.09 4.75
N GLY C 231 -43.89 0.19 5.58
CA GLY C 231 -45.16 -0.47 5.31
C GLY C 231 -45.19 -1.20 3.97
N ALA C 232 -46.33 -1.10 3.29
CA ALA C 232 -46.61 -1.84 2.05
C ALA C 232 -46.37 -0.96 0.82
N GLY C 233 -46.05 0.31 1.06
CA GLY C 233 -45.85 1.29 -0.01
C GLY C 233 -44.54 1.13 -0.76
N PRO C 234 -44.38 1.84 -1.89
CA PRO C 234 -43.15 1.78 -2.71
C PRO C 234 -41.92 2.33 -1.96
N THR C 235 -40.86 1.53 -1.91
CA THR C 235 -39.70 1.81 -1.10
C THR C 235 -38.38 1.69 -1.89
N TYR C 236 -37.48 2.64 -1.62
CA TYR C 236 -36.14 2.64 -2.19
C TYR C 236 -35.17 2.28 -1.06
N VAL C 237 -34.11 1.54 -1.41
CA VAL C 237 -33.08 1.20 -0.43
C VAL C 237 -31.79 1.89 -0.83
N SER C 238 -31.30 2.77 0.02
CA SER C 238 -30.05 3.47 -0.25
C SER C 238 -29.01 3.00 0.76
N PHE C 239 -27.97 2.34 0.25
CA PHE C 239 -26.95 1.76 1.10
C PHE C 239 -25.63 2.50 0.96
N ASP C 240 -25.28 3.24 2.01
CA ASP C 240 -24.01 3.97 2.06
C ASP C 240 -23.01 3.06 2.75
N VAL C 241 -21.94 2.70 2.07
CA VAL C 241 -20.94 1.78 2.64
C VAL C 241 -20.36 2.31 3.94
N ASP C 242 -20.44 3.62 4.15
CA ASP C 242 -19.86 4.19 5.36
C ASP C 242 -20.68 3.87 6.62
N VAL C 243 -21.83 3.19 6.44
CA VAL C 243 -22.59 2.65 7.57
C VAL C 243 -21.72 1.61 8.25
N LEU C 244 -20.90 0.94 7.45
CA LEU C 244 -19.99 -0.10 7.91
C LEU C 244 -18.80 0.49 8.64
N ASP C 245 -18.31 -0.24 9.64
CA ASP C 245 -17.06 0.11 10.29
C ASP C 245 -15.98 0.20 9.23
N PRO C 246 -15.07 1.18 9.36
CA PRO C 246 -13.87 1.29 8.51
C PRO C 246 -13.11 -0.03 8.31
N ALA C 247 -13.16 -0.93 9.30
CA ALA C 247 -12.55 -2.26 9.19
C ALA C 247 -13.11 -3.07 8.01
N PHE C 248 -14.40 -2.91 7.76
CA PHE C 248 -15.07 -3.62 6.68
C PHE C 248 -15.11 -2.78 5.41
N ALA C 249 -15.13 -1.46 5.56
CA ALA C 249 -15.16 -0.56 4.41
C ALA C 249 -14.20 0.63 4.57
N PRO C 250 -12.90 0.40 4.39
CA PRO C 250 -11.98 1.55 4.53
C PRO C 250 -12.08 2.59 3.40
N GLY C 251 -12.53 2.16 2.23
CA GLY C 251 -12.48 2.99 1.03
C GLY C 251 -13.71 3.86 0.90
N THR C 252 -13.80 4.85 1.78
CA THR C 252 -14.93 5.76 1.79
C THR C 252 -14.50 7.13 2.31
N GLY C 253 -15.17 8.18 1.86
CA GLY C 253 -14.72 9.55 2.13
C GLY C 253 -14.91 10.04 3.55
N THR C 254 -16.03 9.71 4.16
CA THR C 254 -16.35 10.21 5.50
C THR C 254 -16.60 9.08 6.49
N PRO C 255 -15.53 8.40 6.92
CA PRO C 255 -15.63 7.30 7.85
C PRO C 255 -15.99 7.75 9.28
N GLU C 256 -16.71 6.90 10.00
CA GLU C 256 -16.97 7.11 11.40
C GLU C 256 -16.76 5.73 12.00
N ILE C 257 -15.86 5.63 12.96
CA ILE C 257 -15.55 4.32 13.57
C ILE C 257 -16.74 3.75 14.36
N GLY C 258 -16.60 2.51 14.82
CA GLY C 258 -17.62 1.85 15.64
C GLY C 258 -18.91 1.60 14.86
N GLY C 259 -18.77 1.04 13.66
CA GLY C 259 -19.93 0.80 12.82
C GLY C 259 -20.45 -0.62 12.74
N MET C 260 -21.35 -0.80 11.79
CA MET C 260 -21.99 -2.05 11.51
C MET C 260 -20.98 -2.98 10.81
N THR C 261 -21.13 -4.28 11.00
CA THR C 261 -20.31 -5.28 10.31
C THR C 261 -20.95 -5.69 8.99
N SER C 262 -20.15 -6.20 8.06
CA SER C 262 -20.69 -6.75 6.78
C SER C 262 -21.79 -7.74 7.04
N LEU C 263 -21.54 -8.66 7.97
CA LEU C 263 -22.52 -9.64 8.39
C LEU C 263 -23.87 -9.00 8.73
N GLN C 264 -23.86 -8.08 9.70
CA GLN C 264 -25.08 -7.39 10.10
C GLN C 264 -25.77 -6.74 8.90
N ALA C 265 -24.98 -6.14 8.02
CA ALA C 265 -25.53 -5.44 6.85
C ALA C 265 -26.23 -6.41 5.92
N GLN C 266 -25.64 -7.58 5.74
CA GLN C 266 -26.24 -8.64 4.92
C GLN C 266 -27.57 -9.12 5.53
N GLN C 267 -27.59 -9.24 6.87
CA GLN C 267 -28.79 -9.69 7.58
C GLN C 267 -29.89 -8.65 7.49
N LEU C 268 -29.53 -7.38 7.55
CA LEU C 268 -30.51 -6.33 7.47
C LEU C 268 -31.10 -6.24 6.05
N VAL C 269 -30.25 -6.38 5.04
CA VAL C 269 -30.75 -6.33 3.67
C VAL C 269 -31.61 -7.57 3.37
N ARG C 270 -31.12 -8.75 3.70
CA ARG C 270 -31.89 -9.98 3.49
C ARG C 270 -33.30 -9.88 4.09
N GLY C 271 -33.40 -9.19 5.23
CA GLY C 271 -34.68 -9.04 5.94
C GLY C 271 -35.63 -8.04 5.32
N LEU C 272 -35.24 -7.45 4.19
CA LEU C 272 -36.12 -6.52 3.46
C LEU C 272 -36.92 -7.27 2.39
N ARG C 273 -36.77 -8.59 2.37
CA ARG C 273 -37.46 -9.43 1.41
C ARG C 273 -38.97 -9.22 1.48
N GLY C 274 -39.59 -9.15 0.32
CA GLY C 274 -41.06 -9.01 0.21
C GLY C 274 -41.58 -7.58 0.18
N LEU C 275 -40.72 -6.60 0.45
CA LEU C 275 -41.15 -5.22 0.36
C LEU C 275 -41.36 -4.82 -1.10
N ASP C 276 -42.10 -3.73 -1.32
CA ASP C 276 -42.28 -3.24 -2.68
C ASP C 276 -41.09 -2.32 -3.02
N LEU C 277 -39.99 -2.93 -3.43
CA LEU C 277 -38.75 -2.21 -3.72
C LEU C 277 -38.75 -1.76 -5.17
N VAL C 278 -38.57 -0.46 -5.36
CA VAL C 278 -38.66 0.14 -6.69
C VAL C 278 -37.30 0.56 -7.20
N GLY C 279 -36.30 0.49 -6.33
CA GLY C 279 -34.93 0.85 -6.70
C GLY C 279 -34.03 0.74 -5.50
N ALA C 280 -32.72 0.70 -5.77
CA ALA C 280 -31.70 0.71 -4.72
C ALA C 280 -30.40 1.31 -5.22
N ASP C 281 -29.54 1.70 -4.28
CA ASP C 281 -28.19 2.07 -4.64
C ASP C 281 -27.17 1.67 -3.58
N VAL C 282 -25.93 1.55 -4.05
CA VAL C 282 -24.78 1.34 -3.19
C VAL C 282 -23.87 2.51 -3.44
N VAL C 283 -23.70 3.35 -2.42
CA VAL C 283 -22.96 4.59 -2.61
C VAL C 283 -21.75 4.75 -1.71
N GLU C 284 -20.85 5.63 -2.14
CA GLU C 284 -19.73 6.15 -1.35
C GLU C 284 -18.51 5.24 -1.35
N VAL C 285 -18.45 4.30 -2.31
CA VAL C 285 -17.23 3.52 -2.50
C VAL C 285 -16.21 4.46 -3.15
N SER C 286 -15.05 4.58 -2.52
CA SER C 286 -14.02 5.53 -2.95
C SER C 286 -12.68 4.81 -3.12
N PRO C 287 -12.35 4.35 -4.34
CA PRO C 287 -11.10 3.56 -4.55
C PRO C 287 -9.77 4.20 -4.07
N PRO C 288 -9.62 5.54 -4.17
CA PRO C 288 -8.33 6.08 -3.74
C PRO C 288 -8.04 5.90 -2.25
N PHE C 289 -9.09 5.65 -1.46
CA PHE C 289 -8.90 5.37 -0.04
C PHE C 289 -9.13 3.90 0.28
N ASP C 290 -9.27 3.08 -0.76
CA ASP C 290 -9.57 1.66 -0.57
C ASP C 290 -8.30 0.85 -0.37
N VAL C 291 -8.45 -0.35 0.21
CA VAL C 291 -7.34 -1.26 0.44
C VAL C 291 -7.59 -2.61 -0.23
N GLY C 292 -6.77 -2.93 -1.23
CA GLY C 292 -6.92 -4.14 -2.06
C GLY C 292 -8.33 -4.44 -2.55
N GLY C 293 -9.09 -3.37 -2.83
CA GLY C 293 -10.45 -3.52 -3.36
C GLY C 293 -11.47 -4.00 -2.35
N ALA C 294 -11.12 -3.95 -1.07
CA ALA C 294 -12.02 -4.38 -0.01
C ALA C 294 -13.40 -3.70 -0.12
N THR C 295 -13.41 -2.39 -0.26
CA THR C 295 -14.68 -1.67 -0.27
C THR C 295 -15.44 -1.93 -1.60
N ALA C 296 -14.72 -2.01 -2.71
CA ALA C 296 -15.32 -2.43 -3.97
C ALA C 296 -16.03 -3.79 -3.84
N LEU C 297 -15.45 -4.72 -3.09
CA LEU C 297 -16.03 -6.05 -2.96
C LEU C 297 -17.30 -6.04 -2.11
N VAL C 298 -17.21 -5.39 -0.96
CA VAL C 298 -18.38 -5.11 -0.15
C VAL C 298 -19.50 -4.49 -1.01
N GLY C 299 -19.14 -3.49 -1.82
CA GLY C 299 -20.10 -2.80 -2.67
C GLY C 299 -20.72 -3.77 -3.64
N ALA C 300 -19.89 -4.61 -4.25
CA ALA C 300 -20.37 -5.55 -5.24
C ALA C 300 -21.32 -6.58 -4.58
N THR C 301 -20.93 -7.08 -3.41
CA THR C 301 -21.76 -8.04 -2.71
C THR C 301 -23.08 -7.41 -2.23
N MET C 302 -23.01 -6.24 -1.59
CA MET C 302 -24.27 -5.59 -1.19
C MET C 302 -25.16 -5.34 -2.42
N MET C 303 -24.55 -4.98 -3.54
CA MET C 303 -25.29 -4.92 -4.80
C MET C 303 -26.01 -6.24 -5.09
N PHE C 304 -25.34 -7.37 -4.91
CA PHE C 304 -25.97 -8.64 -5.22
C PHE C 304 -27.11 -8.92 -4.25
N GLU C 305 -26.87 -8.63 -2.97
CA GLU C 305 -27.91 -8.76 -1.96
C GLU C 305 -29.16 -8.00 -2.39
N LEU C 306 -28.97 -6.77 -2.88
CA LEU C 306 -30.07 -5.90 -3.27
C LEU C 306 -30.74 -6.39 -4.55
N LEU C 307 -29.93 -6.91 -5.46
CA LEU C 307 -30.40 -7.41 -6.74
C LEU C 307 -31.42 -8.53 -6.57
N CYS C 308 -31.10 -9.45 -5.66
CA CYS C 308 -31.97 -10.60 -5.42
C CYS C 308 -33.39 -10.15 -5.05
N LEU C 309 -33.51 -9.13 -4.21
CA LEU C 309 -34.82 -8.66 -3.78
C LEU C 309 -35.53 -7.86 -4.86
N LEU C 310 -34.74 -7.04 -5.57
CA LEU C 310 -35.29 -6.24 -6.67
C LEU C 310 -35.87 -7.15 -7.73
N ALA C 311 -35.17 -8.25 -8.02
CA ALA C 311 -35.62 -9.22 -9.01
C ALA C 311 -36.99 -9.82 -8.63
N GLU C 312 -37.18 -10.11 -7.34
CA GLU C 312 -38.46 -10.63 -6.87
C GLU C 312 -39.58 -9.62 -7.02
N SER C 313 -39.31 -8.36 -6.68
CA SER C 313 -40.28 -7.27 -6.87
C SER C 313 -40.68 -7.13 -8.33
N ALA C 314 -39.68 -7.07 -9.22
CA ALA C 314 -39.94 -6.94 -10.64
C ALA C 314 -40.71 -8.15 -11.15
N ALA C 315 -40.46 -9.31 -10.56
CA ALA C 315 -41.15 -10.55 -10.95
C ALA C 315 -42.61 -10.50 -10.54
N ARG C 316 -42.88 -10.02 -9.31
CA ARG C 316 -44.24 -9.78 -8.83
C ARG C 316 -45.03 -8.89 -9.79
N SER C 317 -44.44 -7.77 -10.19
CA SER C 317 -45.08 -6.84 -11.12
C SER C 317 -45.41 -7.44 -12.49
N ALA C 318 -44.57 -8.33 -13.00
CA ALA C 318 -44.75 -8.87 -14.35
C ALA C 318 -45.94 -9.85 -14.52
N ASN D 3 19.68 36.80 14.77
CA ASN D 3 19.30 37.14 13.42
C ASN D 3 18.03 37.96 13.45
N ASP D 4 17.01 37.44 14.11
CA ASP D 4 15.68 38.05 14.22
C ASP D 4 14.67 37.65 13.17
N HIS D 5 15.07 36.91 12.15
CA HIS D 5 14.14 36.40 11.18
C HIS D 5 13.41 35.23 11.75
N PRO D 6 12.26 34.90 11.24
CA PRO D 6 11.64 33.66 11.61
C PRO D 6 12.55 32.47 11.25
N GLN D 7 12.70 31.54 12.17
CA GLN D 7 13.59 30.41 11.95
C GLN D 7 12.84 29.09 12.11
N PRO D 8 13.24 28.05 11.35
CA PRO D 8 12.70 26.71 11.57
C PRO D 8 13.02 26.24 12.98
N LEU D 9 12.19 25.33 13.50
CA LEU D 9 12.49 24.69 14.77
C LEU D 9 13.88 24.08 14.63
N ASP D 10 14.70 24.29 15.66
CA ASP D 10 16.07 23.86 15.65
C ASP D 10 16.16 22.34 15.80
N ALA D 11 16.69 21.69 14.77
CA ALA D 11 16.79 20.22 14.70
C ALA D 11 17.83 19.60 15.66
N ALA D 12 18.79 20.40 16.14
CA ALA D 12 19.71 19.94 17.17
C ALA D 12 18.99 19.84 18.53
N GLU D 13 17.71 20.18 18.55
CA GLU D 13 16.96 20.28 19.78
C GLU D 13 15.58 19.58 19.69
N ILE D 14 14.88 19.80 18.58
CA ILE D 14 13.57 19.18 18.36
C ILE D 14 13.67 18.22 17.18
N PRO D 15 13.46 16.92 17.45
CA PRO D 15 13.64 15.96 16.36
C PRO D 15 12.62 16.23 15.27
N ARG D 16 12.92 15.80 14.05
CA ARG D 16 12.15 16.20 12.88
C ARG D 16 10.74 15.63 12.83
N PHE D 17 10.51 14.53 13.54
CA PHE D 17 9.17 13.95 13.66
C PHE D 17 8.26 14.73 14.63
N ALA D 18 8.83 15.65 15.40
CA ALA D 18 8.07 16.38 16.43
C ALA D 18 7.60 17.78 16.03
N GLY D 19 6.63 18.32 16.75
CA GLY D 19 6.17 19.68 16.47
C GLY D 19 5.13 19.74 15.38
N ILE D 20 4.28 20.76 15.47
CA ILE D 20 3.18 21.00 14.55
C ILE D 20 3.73 21.18 13.12
N PRO D 21 3.15 20.45 12.14
CA PRO D 21 3.70 20.41 10.80
C PRO D 21 3.42 21.66 10.00
N THR D 22 4.40 22.57 9.94
CA THR D 22 4.29 23.76 9.10
C THR D 22 5.30 23.62 7.96
N PHE D 23 5.18 24.43 6.91
CA PHE D 23 6.20 24.44 5.87
C PHE D 23 7.57 24.72 6.48
N MET D 24 8.53 23.85 6.22
CA MET D 24 9.93 23.98 6.65
C MET D 24 10.09 24.13 8.15
N ARG D 25 9.03 23.79 8.88
CA ARG D 25 8.97 23.91 10.36
C ARG D 25 9.08 25.36 10.86
N LEU D 26 8.62 26.29 10.02
CA LEU D 26 8.67 27.72 10.31
C LEU D 26 7.47 28.09 11.17
N PRO D 27 7.54 29.26 11.84
CA PRO D 27 6.33 29.75 12.52
C PRO D 27 5.19 30.00 11.53
N ALA D 28 3.95 30.01 12.04
CA ALA D 28 2.79 30.33 11.25
C ALA D 28 2.54 31.81 11.40
N PHE D 29 2.09 32.42 10.30
CA PHE D 29 1.78 33.84 10.28
C PHE D 29 0.44 34.01 9.61
N THR D 30 -0.19 35.14 9.92
CA THR D 30 -1.50 35.45 9.43
C THR D 30 -1.43 36.75 8.62
N ASP D 31 -0.43 37.55 8.93
CA ASP D 31 -0.24 38.84 8.32
C ASP D 31 0.92 38.75 7.32
N PRO D 32 0.64 39.03 6.03
CA PRO D 32 1.64 38.91 4.97
C PRO D 32 2.75 39.97 5.06
N ALA D 33 2.43 41.14 5.61
CA ALA D 33 3.43 42.21 5.76
C ALA D 33 4.55 41.81 6.73
N ALA D 34 4.32 40.72 7.48
CA ALA D 34 5.32 40.23 8.43
C ALA D 34 6.45 39.46 7.73
N LEU D 35 6.26 39.18 6.44
CA LEU D 35 7.16 38.31 5.68
C LEU D 35 7.62 38.92 4.36
N GLN D 36 8.80 38.49 3.92
CA GLN D 36 9.29 38.80 2.58
C GLN D 36 8.92 37.67 1.62
N VAL D 37 9.03 36.43 2.08
CA VAL D 37 8.55 35.28 1.31
C VAL D 37 7.49 34.51 2.10
N GLY D 38 6.32 34.34 1.49
CA GLY D 38 5.22 33.65 2.15
C GLY D 38 4.99 32.26 1.57
N LEU D 39 5.04 31.25 2.43
CA LEU D 39 4.77 29.88 2.02
C LEU D 39 3.28 29.59 2.18
N ILE D 40 2.63 29.29 1.06
CA ILE D 40 1.16 29.29 0.99
C ILE D 40 0.63 27.98 0.42
N GLY D 41 -0.37 27.42 1.11
CA GLY D 41 -1.11 26.29 0.59
C GLY D 41 -2.30 26.72 -0.24
N VAL D 42 -2.50 26.09 -1.39
CA VAL D 42 -3.74 26.28 -2.13
C VAL D 42 -4.44 24.94 -2.33
N PRO D 43 -5.10 24.45 -1.27
CA PRO D 43 -5.69 23.11 -1.29
C PRO D 43 -6.95 23.08 -2.18
N TRP D 44 -6.74 23.05 -3.49
CA TRP D 44 -7.83 23.27 -4.41
C TRP D 44 -7.68 22.41 -5.66
N ASP D 45 -8.69 21.61 -5.94
CA ASP D 45 -8.65 20.75 -7.12
C ASP D 45 -9.96 20.72 -7.91
N GLY D 46 -10.76 21.77 -7.74
CA GLY D 46 -12.00 21.93 -8.49
C GLY D 46 -11.80 21.91 -10.01
N GLY D 47 -10.59 22.21 -10.47
CA GLY D 47 -10.30 22.22 -11.88
C GLY D 47 -9.92 20.87 -12.48
N THR D 48 -10.05 19.82 -11.67
CA THR D 48 -9.62 18.48 -12.07
C THR D 48 -10.74 17.66 -12.69
N THR D 49 -10.54 17.23 -13.94
CA THR D 49 -11.58 16.55 -14.72
C THR D 49 -11.49 15.02 -14.65
N ASN D 50 -10.36 14.49 -14.17
CA ASN D 50 -10.23 13.05 -14.03
C ASN D 50 -9.79 12.65 -12.62
N ARG D 51 -8.52 12.37 -12.38
CA ARG D 51 -8.07 11.90 -11.06
C ARG D 51 -7.76 13.06 -10.10
N ALA D 52 -8.72 13.37 -9.23
CA ALA D 52 -8.56 14.45 -8.25
C ALA D 52 -7.71 14.01 -7.05
N GLY D 53 -7.68 14.83 -6.00
CA GLY D 53 -6.87 14.55 -4.83
C GLY D 53 -5.81 15.59 -4.50
N ALA D 54 -5.45 16.43 -5.47
CA ALA D 54 -4.48 17.48 -5.21
C ALA D 54 -4.90 18.47 -4.11
N ARG D 55 -6.16 18.45 -3.71
CA ARG D 55 -6.59 19.25 -2.58
C ARG D 55 -5.83 18.88 -1.30
N HIS D 56 -5.32 17.65 -1.23
CA HIS D 56 -4.55 17.20 -0.04
C HIS D 56 -3.06 17.49 -0.14
N GLY D 57 -2.63 18.01 -1.29
CA GLY D 57 -1.21 18.32 -1.53
C GLY D 57 -0.55 19.12 -0.43
N PRO D 58 -1.11 20.30 -0.08
CA PRO D 58 -0.47 21.16 0.90
C PRO D 58 -0.25 20.51 2.26
N ARG D 59 -1.23 19.79 2.77
CA ARG D 59 -1.06 19.18 4.07
C ARG D 59 0.14 18.23 4.06
N GLU D 60 0.24 17.41 3.01
CA GLU D 60 1.31 16.42 2.94
C GLU D 60 2.66 17.01 2.61
N VAL D 61 2.69 18.06 1.79
CA VAL D 61 3.94 18.77 1.56
C VAL D 61 4.44 19.37 2.88
N ARG D 62 3.56 20.05 3.62
CA ARG D 62 3.90 20.55 4.96
C ARG D 62 4.56 19.43 5.76
N ASN D 63 3.87 18.30 5.83
CA ASN D 63 4.34 17.15 6.57
C ASN D 63 5.76 16.74 6.22
N LEU D 64 6.03 16.54 4.93
CA LEU D 64 7.34 16.01 4.53
C LEU D 64 8.47 17.06 4.50
N SER D 65 8.10 18.35 4.47
CA SER D 65 9.07 19.44 4.51
C SER D 65 9.84 19.44 5.83
N SER D 66 9.29 18.73 6.83
CA SER D 66 10.02 18.38 8.05
C SER D 66 11.44 17.89 7.79
N LEU D 67 11.65 17.29 6.62
CA LEU D 67 12.92 16.67 6.26
C LEU D 67 13.95 17.64 5.68
N MET D 68 13.52 18.85 5.34
CA MET D 68 14.39 19.90 4.79
C MET D 68 15.28 20.53 5.85
N ARG D 69 16.46 20.98 5.43
CA ARG D 69 17.42 21.61 6.34
C ARG D 69 17.58 23.10 6.00
N LYS D 70 18.39 23.82 6.78
CA LYS D 70 18.47 25.29 6.74
C LYS D 70 19.26 25.92 5.59
N VAL D 71 20.24 25.18 5.04
CA VAL D 71 21.17 25.71 4.04
C VAL D 71 21.29 24.83 2.78
N HIS D 72 21.26 25.45 1.61
CA HIS D 72 21.38 24.73 0.35
C HIS D 72 22.81 24.26 0.17
N HIS D 73 23.03 23.01 -0.21
CA HIS D 73 24.39 22.48 -0.20
C HIS D 73 25.19 22.88 -1.43
N VAL D 74 24.52 23.34 -2.48
CA VAL D 74 25.24 23.78 -3.67
C VAL D 74 25.44 25.28 -3.63
N SER D 75 24.35 26.03 -3.69
CA SER D 75 24.42 27.48 -3.77
C SER D 75 24.83 28.14 -2.46
N ARG D 76 24.77 27.37 -1.37
CA ARG D 76 25.02 27.84 0.01
C ARG D 76 24.06 28.94 0.46
N ILE D 77 22.91 29.06 -0.20
CA ILE D 77 21.92 30.04 0.24
C ILE D 77 21.27 29.60 1.55
N ALA D 78 21.29 30.50 2.52
CA ALA D 78 20.63 30.30 3.82
C ALA D 78 19.42 31.22 3.82
N PRO D 79 18.30 30.76 3.22
CA PRO D 79 17.16 31.62 2.89
C PRO D 79 16.51 32.29 4.09
N TYR D 80 16.48 31.62 5.24
CA TYR D 80 15.79 32.19 6.41
C TYR D 80 16.62 33.27 7.07
N ASP D 81 17.93 33.23 6.82
CA ASP D 81 18.85 34.28 7.30
C ASP D 81 18.82 35.49 6.38
N LEU D 82 18.73 35.25 5.07
CA LEU D 82 18.61 36.28 4.05
C LEU D 82 17.37 37.15 4.19
N VAL D 83 16.21 36.53 4.41
CA VAL D 83 14.93 37.25 4.43
C VAL D 83 13.94 36.65 5.40
N ARG D 84 12.85 37.36 5.61
CA ARG D 84 11.78 36.91 6.50
C ARG D 84 10.87 35.95 5.75
N VAL D 85 10.89 34.68 6.17
CA VAL D 85 10.11 33.63 5.55
C VAL D 85 9.23 32.98 6.59
N GLY D 86 8.01 32.60 6.22
CA GLY D 86 7.12 31.93 7.16
C GLY D 86 5.96 31.26 6.45
N ASP D 87 5.24 30.45 7.19
CA ASP D 87 4.14 29.73 6.71
C ASP D 87 2.92 30.58 6.95
N LEU D 88 2.30 30.95 5.85
CA LEU D 88 1.22 31.88 5.80
C LEU D 88 -0.16 31.23 5.72
N GLY D 89 -0.21 29.92 5.82
CA GLY D 89 -1.45 29.17 5.90
C GLY D 89 -1.97 28.82 4.52
N ASP D 90 -3.26 28.54 4.46
CA ASP D 90 -3.91 28.16 3.20
C ASP D 90 -4.80 29.27 2.70
N ALA D 91 -4.72 29.49 1.39
CA ALA D 91 -5.64 30.38 0.73
C ALA D 91 -7.03 29.83 0.94
N PRO D 92 -8.05 30.70 1.00
CA PRO D 92 -9.43 30.22 1.19
C PRO D 92 -9.91 29.47 -0.05
N VAL D 93 -10.49 28.30 0.19
CA VAL D 93 -10.95 27.44 -0.88
C VAL D 93 -12.39 27.05 -0.56
N ASN D 94 -13.20 26.89 -1.62
CA ASN D 94 -14.56 26.39 -1.51
C ASN D 94 -14.68 25.18 -2.42
N PRO D 95 -14.69 23.98 -1.82
CA PRO D 95 -14.60 22.74 -2.59
C PRO D 95 -15.80 22.49 -3.51
N ILE D 96 -16.93 23.16 -3.23
CA ILE D 96 -18.18 22.92 -3.99
C ILE D 96 -18.45 23.99 -5.06
N ASP D 97 -17.78 25.13 -4.95
CA ASP D 97 -18.06 26.29 -5.82
C ASP D 97 -16.76 26.76 -6.47
N LEU D 98 -16.58 26.38 -7.73
CA LEU D 98 -15.36 26.74 -8.44
C LEU D 98 -15.15 28.25 -8.52
N LEU D 99 -16.16 28.97 -9.01
CA LEU D 99 -16.08 30.43 -9.17
C LEU D 99 -15.83 31.17 -7.86
N ASP D 100 -16.45 30.70 -6.79
CA ASP D 100 -16.21 31.28 -5.48
C ASP D 100 -14.74 31.12 -5.09
N SER D 101 -14.21 29.91 -5.27
CA SER D 101 -12.79 29.64 -4.98
C SER D 101 -11.89 30.59 -5.75
N LEU D 102 -12.10 30.69 -7.06
CA LEU D 102 -11.37 31.62 -7.92
C LEU D 102 -11.33 33.05 -7.40
N ARG D 103 -12.50 33.55 -7.00
CA ARG D 103 -12.63 34.88 -6.42
C ARG D 103 -11.78 34.99 -5.16
N ARG D 104 -12.07 34.10 -4.22
CA ARG D 104 -11.49 34.14 -2.88
C ARG D 104 -9.97 33.94 -2.86
N ILE D 105 -9.46 33.13 -3.78
CA ILE D 105 -8.02 32.91 -3.88
C ILE D 105 -7.34 34.16 -4.43
N GLU D 106 -7.93 34.77 -5.47
CA GLU D 106 -7.48 36.07 -5.96
C GLU D 106 -7.47 37.14 -4.86
N GLY D 107 -8.60 37.30 -4.17
CA GLY D 107 -8.67 38.15 -2.99
C GLY D 107 -7.49 37.97 -2.04
N PHE D 108 -7.24 36.72 -1.63
CA PHE D 108 -6.12 36.40 -0.74
C PHE D 108 -4.76 36.80 -1.33
N TYR D 109 -4.59 36.54 -2.61
CA TYR D 109 -3.31 36.82 -3.24
C TYR D 109 -3.03 38.30 -3.47
N ARG D 110 -4.09 39.10 -3.62
CA ARG D 110 -3.86 40.52 -3.77
C ARG D 110 -3.53 41.22 -2.45
N GLN D 111 -3.97 40.64 -1.32
CA GLN D 111 -3.47 41.05 -0.01
C GLN D 111 -1.98 40.76 0.12
N VAL D 112 -1.58 39.56 -0.31
CA VAL D 112 -0.17 39.16 -0.32
C VAL D 112 0.64 40.08 -1.21
N HIS D 113 0.19 40.27 -2.45
CA HIS D 113 0.88 41.18 -3.37
C HIS D 113 0.92 42.65 -2.88
N ALA D 114 -0.19 43.17 -2.35
CA ALA D 114 -0.24 44.54 -1.80
C ALA D 114 0.83 44.77 -0.73
N ALA D 115 1.03 43.76 0.11
CA ALA D 115 2.05 43.79 1.17
C ALA D 115 3.49 43.66 0.67
N GLY D 116 3.68 43.32 -0.57
CA GLY D 116 5.00 43.14 -1.12
C GLY D 116 5.71 41.81 -0.95
N THR D 117 5.03 40.87 -0.35
CA THR D 117 5.47 39.52 -0.21
C THR D 117 5.45 38.75 -1.49
N LEU D 118 6.50 38.01 -1.73
CA LEU D 118 6.59 37.07 -2.80
C LEU D 118 6.00 35.76 -2.33
N PRO D 119 5.04 35.24 -3.07
CA PRO D 119 4.40 33.99 -2.69
C PRO D 119 5.13 32.76 -3.25
N LEU D 120 5.28 31.74 -2.41
CA LEU D 120 5.70 30.41 -2.84
C LEU D 120 4.57 29.46 -2.47
N SER D 121 3.88 28.96 -3.49
CA SER D 121 2.61 28.28 -3.30
C SER D 121 2.65 26.77 -3.59
N VAL D 122 1.89 26.00 -2.84
CA VAL D 122 1.74 24.58 -3.09
C VAL D 122 0.29 24.28 -3.43
N GLY D 123 0.08 23.75 -4.64
CA GLY D 123 -1.24 23.28 -5.05
C GLY D 123 -1.63 21.97 -4.37
N GLY D 124 -2.85 21.50 -4.62
CA GLY D 124 -3.70 22.11 -5.63
C GLY D 124 -3.33 21.70 -7.04
N ASP D 125 -4.33 21.64 -7.92
CA ASP D 125 -4.06 21.35 -9.31
C ASP D 125 -3.62 22.64 -10.02
N HIS D 126 -3.34 22.58 -11.32
CA HIS D 126 -2.74 23.72 -11.99
C HIS D 126 -3.65 24.94 -12.18
N LEU D 127 -4.96 24.77 -11.96
CA LEU D 127 -5.87 25.92 -12.02
C LEU D 127 -5.49 26.98 -10.95
N VAL D 128 -4.93 26.53 -9.84
CA VAL D 128 -4.52 27.44 -8.76
C VAL D 128 -3.63 28.61 -9.22
N THR D 129 -2.83 28.38 -10.25
CA THR D 129 -1.90 29.38 -10.73
C THR D 129 -2.60 30.61 -11.33
N LEU D 130 -3.81 30.44 -11.85
CA LEU D 130 -4.56 31.55 -12.46
C LEU D 130 -4.99 32.63 -11.45
N PRO D 131 -5.70 32.26 -10.36
CA PRO D 131 -6.00 33.33 -9.40
C PRO D 131 -4.74 34.05 -8.89
N ILE D 132 -3.60 33.37 -8.90
CA ILE D 132 -2.35 33.94 -8.46
C ILE D 132 -1.83 34.97 -9.48
N PHE D 133 -1.89 34.62 -10.75
CA PHE D 133 -1.49 35.53 -11.84
C PHE D 133 -2.43 36.73 -11.94
N ARG D 134 -3.72 36.49 -11.68
CA ARG D 134 -4.69 37.58 -11.66
C ARG D 134 -4.28 38.65 -10.65
N ALA D 135 -3.67 38.22 -9.55
CA ALA D 135 -3.24 39.15 -8.51
C ALA D 135 -1.83 39.69 -8.74
N LEU D 136 -0.93 38.88 -9.31
CA LEU D 136 0.48 39.29 -9.48
C LEU D 136 0.83 39.95 -10.80
N GLY D 137 -0.03 39.82 -11.82
CA GLY D 137 0.25 40.36 -13.14
C GLY D 137 -0.63 41.52 -13.59
N ARG D 138 -1.24 42.23 -12.63
CA ARG D 138 -2.14 43.36 -12.93
C ARG D 138 -1.43 44.52 -13.62
N GLU D 139 -0.32 44.97 -13.02
CA GLU D 139 0.45 46.09 -13.51
C GLU D 139 1.19 45.73 -14.80
N ARG D 140 2.24 44.91 -14.66
CA ARG D 140 2.96 44.39 -15.81
C ARG D 140 2.72 42.88 -15.98
N PRO D 141 2.65 42.40 -17.23
CA PRO D 141 2.56 40.96 -17.46
C PRO D 141 3.82 40.22 -17.00
N LEU D 142 3.65 38.96 -16.64
CA LEU D 142 4.75 38.12 -16.15
C LEU D 142 5.36 37.26 -17.25
N GLY D 143 6.67 37.05 -17.16
CA GLY D 143 7.30 35.94 -17.84
C GLY D 143 7.18 34.71 -16.94
N MET D 144 7.55 33.55 -17.48
CA MET D 144 7.41 32.30 -16.75
C MET D 144 8.31 31.21 -17.30
N VAL D 145 8.97 30.50 -16.38
CA VAL D 145 9.52 29.18 -16.67
C VAL D 145 8.52 28.19 -16.09
N HIS D 146 8.10 27.26 -16.94
CA HIS D 146 7.00 26.35 -16.61
C HIS D 146 7.44 24.93 -16.88
N PHE D 147 7.55 24.14 -15.81
CA PHE D 147 7.89 22.72 -15.91
C PHE D 147 6.61 21.88 -15.82
N ASP D 148 6.31 21.16 -16.90
CA ASP D 148 5.05 20.43 -16.96
C ASP D 148 5.13 19.38 -18.06
N ALA D 149 4.29 18.36 -17.93
CA ALA D 149 4.02 17.41 -19.00
C ALA D 149 3.01 17.93 -20.02
N HIS D 150 2.23 18.94 -19.61
CA HIS D 150 1.17 19.52 -20.46
C HIS D 150 1.29 21.04 -20.46
N SER D 151 0.92 21.66 -21.57
CA SER D 151 0.99 23.12 -21.73
C SER D 151 0.00 23.89 -20.88
N ASP D 152 -1.12 23.25 -20.56
CA ASP D 152 -2.22 23.89 -19.84
C ASP D 152 -2.72 25.18 -20.53
N THR D 153 -2.80 25.12 -21.86
CA THR D 153 -3.27 26.25 -22.64
C THR D 153 -4.45 25.90 -23.53
N ASN D 154 -5.26 24.94 -23.07
CA ASN D 154 -6.47 24.53 -23.77
C ASN D 154 -7.58 25.55 -23.57
N ASP D 155 -8.67 25.40 -24.31
CA ASP D 155 -9.71 26.40 -24.34
C ASP D 155 -10.92 26.04 -23.46
N ARG D 156 -11.64 24.97 -23.83
CA ARG D 156 -12.90 24.63 -23.17
C ARG D 156 -12.94 23.15 -22.83
N TYR D 157 -13.75 22.78 -21.85
CA TYR D 157 -13.93 21.38 -21.45
C TYR D 157 -15.39 21.09 -21.14
N PHE D 158 -15.85 19.90 -21.56
CA PHE D 158 -17.23 19.43 -21.32
C PHE D 158 -18.28 20.51 -21.64
N GLY D 159 -18.33 20.90 -22.90
CA GLY D 159 -19.12 22.05 -23.33
C GLY D 159 -18.21 23.26 -23.29
N ASP D 160 -18.67 24.35 -22.68
CA ASP D 160 -17.84 25.54 -22.69
C ASP D 160 -17.53 26.05 -21.29
N ASN D 161 -16.78 25.23 -20.56
CA ASN D 161 -16.29 25.60 -19.25
C ASN D 161 -14.86 26.06 -19.42
N PRO D 162 -14.59 27.34 -19.09
CA PRO D 162 -13.31 27.96 -19.40
C PRO D 162 -12.24 27.75 -18.32
N TYR D 163 -12.63 27.18 -17.18
CA TYR D 163 -11.70 27.06 -16.06
C TYR D 163 -11.44 25.62 -15.60
N THR D 164 -10.33 25.04 -16.06
CA THR D 164 -9.86 23.75 -15.55
C THR D 164 -8.35 23.82 -15.30
N HIS D 165 -7.80 22.77 -14.71
CA HIS D 165 -6.35 22.66 -14.55
C HIS D 165 -5.58 22.63 -15.88
N GLY D 166 -6.30 22.50 -17.01
CA GLY D 166 -5.73 22.53 -18.35
C GLY D 166 -5.93 23.81 -19.17
N THR D 167 -6.56 24.82 -18.57
CA THR D 167 -6.76 26.10 -19.23
C THR D 167 -6.08 27.35 -18.61
N PRO D 168 -5.36 27.19 -17.47
CA PRO D 168 -5.00 28.41 -16.74
C PRO D 168 -4.08 29.37 -17.50
N PHE D 169 -3.19 28.84 -18.32
CA PHE D 169 -2.23 29.69 -18.99
C PHE D 169 -2.77 30.32 -20.26
N ARG D 170 -3.84 29.75 -20.79
CA ARG D 170 -4.54 30.39 -21.89
C ARG D 170 -5.31 31.59 -21.36
N ARG D 171 -6.04 31.38 -20.27
CA ARG D 171 -6.74 32.46 -19.58
C ARG D 171 -5.80 33.59 -19.19
N ALA D 172 -4.66 33.24 -18.60
CA ALA D 172 -3.73 34.23 -18.11
C ALA D 172 -3.17 35.11 -19.23
N ILE D 173 -2.95 34.49 -20.39
CA ILE D 173 -2.52 35.21 -21.59
C ILE D 173 -3.60 36.12 -22.19
N GLU D 174 -4.84 35.61 -22.25
CA GLU D 174 -5.98 36.38 -22.77
C GLU D 174 -6.27 37.58 -21.92
N GLU D 175 -6.16 37.41 -20.61
CA GLU D 175 -6.40 38.47 -19.63
C GLU D 175 -5.20 39.42 -19.52
N GLY D 176 -4.12 39.14 -20.26
CA GLY D 176 -2.94 40.01 -20.28
C GLY D 176 -2.00 39.90 -19.09
N LEU D 177 -2.19 38.86 -18.27
CA LEU D 177 -1.38 38.64 -17.06
C LEU D 177 -0.06 37.97 -17.34
N LEU D 178 -0.04 37.10 -18.35
CA LEU D 178 1.15 36.33 -18.75
C LEU D 178 1.61 36.83 -20.11
N ASP D 179 2.90 37.05 -20.26
CA ASP D 179 3.47 37.46 -21.53
C ASP D 179 3.96 36.21 -22.27
N PRO D 180 3.30 35.84 -23.38
CA PRO D 180 3.62 34.59 -24.05
C PRO D 180 4.99 34.60 -24.69
N LEU D 181 5.49 35.78 -25.06
CA LEU D 181 6.82 35.91 -25.64
C LEU D 181 7.90 35.72 -24.58
N ARG D 182 7.51 35.82 -23.31
CA ARG D 182 8.41 35.53 -22.19
C ARG D 182 7.99 34.28 -21.39
N THR D 183 7.32 33.35 -22.08
CA THR D 183 6.91 32.07 -21.51
C THR D 183 7.65 30.92 -22.19
N VAL D 184 8.32 30.10 -21.38
CA VAL D 184 8.96 28.89 -21.84
C VAL D 184 8.39 27.69 -21.06
N GLN D 185 8.10 26.61 -21.78
CA GLN D 185 7.51 25.41 -21.19
C GLN D 185 8.43 24.22 -21.44
N ILE D 186 8.73 23.48 -20.38
CA ILE D 186 9.71 22.39 -20.46
C ILE D 186 9.18 21.04 -19.99
N GLY D 187 9.21 20.04 -20.87
CA GLY D 187 8.86 18.65 -20.52
C GLY D 187 7.59 18.10 -21.15
N ILE D 188 6.96 18.86 -22.02
CA ILE D 188 5.68 18.49 -22.63
C ILE D 188 5.81 17.15 -23.36
N ARG D 189 4.88 16.25 -23.08
CA ARG D 189 4.94 14.87 -23.59
C ARG D 189 3.61 14.16 -23.41
N GLY D 190 3.42 13.07 -24.14
CA GLY D 190 2.20 12.27 -24.04
C GLY D 190 1.24 12.50 -25.19
N SER D 191 0.45 11.49 -25.49
CA SER D 191 -0.56 11.55 -26.53
C SER D 191 -1.42 12.80 -26.36
N VAL D 192 -1.86 13.37 -27.47
CA VAL D 192 -2.65 14.59 -27.45
C VAL D 192 -3.94 14.44 -28.25
N TYR D 193 -4.85 15.38 -28.04
CA TYR D 193 -6.16 15.36 -28.69
C TYR D 193 -6.10 15.73 -30.19
N SER D 194 -5.07 16.46 -30.60
CA SER D 194 -5.02 17.12 -31.91
C SER D 194 -3.75 16.87 -32.74
N PRO D 195 -3.89 16.82 -34.09
CA PRO D 195 -2.77 16.65 -35.04
C PRO D 195 -1.76 17.81 -35.06
N ASP D 196 -2.15 18.95 -34.47
CA ASP D 196 -1.25 20.11 -34.25
C ASP D 196 -1.68 20.78 -32.94
N ASP D 197 -1.19 20.25 -31.82
CA ASP D 197 -1.66 20.68 -30.50
C ASP D 197 -1.09 22.04 -30.07
N ASP D 198 0.17 22.28 -30.45
CA ASP D 198 0.90 23.50 -30.09
C ASP D 198 0.53 24.69 -31.00
N ALA D 199 -0.76 24.75 -31.35
CA ALA D 199 -1.27 25.74 -32.29
C ALA D 199 -1.42 27.07 -31.59
N PHE D 200 -2.15 27.07 -30.48
CA PHE D 200 -2.28 28.27 -29.65
C PHE D 200 -0.91 28.75 -29.23
N ALA D 201 -0.08 27.81 -28.79
CA ALA D 201 1.30 28.09 -28.41
C ALA D 201 2.11 28.79 -29.48
N ARG D 202 2.06 28.31 -30.73
CA ARG D 202 2.86 28.92 -31.79
C ARG D 202 2.32 30.27 -32.26
N GLU D 203 1.00 30.43 -32.25
CA GLU D 203 0.38 31.70 -32.68
C GLU D 203 0.73 32.88 -31.78
N CYS D 204 0.83 32.63 -30.47
CA CYS D 204 1.21 33.71 -29.56
C CYS D 204 2.69 33.69 -29.18
N GLY D 205 3.39 32.64 -29.58
CA GLY D 205 4.86 32.62 -29.52
C GLY D 205 5.47 32.06 -28.26
N ILE D 206 4.71 31.23 -27.54
CA ILE D 206 5.23 30.50 -26.39
C ILE D 206 6.33 29.57 -26.88
N ARG D 207 7.43 29.53 -26.14
CA ARG D 207 8.51 28.60 -26.43
C ARG D 207 8.20 27.29 -25.72
N VAL D 208 7.96 26.25 -26.52
CA VAL D 208 7.65 24.93 -26.00
C VAL D 208 8.82 24.01 -26.25
N ILE D 209 9.44 23.58 -25.16
CA ILE D 209 10.50 22.58 -25.20
C ILE D 209 9.91 21.25 -24.70
N HIS D 210 9.42 20.47 -25.66
CA HIS D 210 8.89 19.13 -25.44
C HIS D 210 9.94 18.24 -24.81
N MET D 211 9.50 17.15 -24.17
CA MET D 211 10.44 16.21 -23.56
C MET D 211 11.52 15.78 -24.55
N GLU D 212 11.11 15.46 -25.77
CA GLU D 212 12.05 15.04 -26.83
C GLU D 212 13.12 16.12 -27.16
N GLU D 213 12.73 17.40 -27.18
CA GLU D 213 13.69 18.49 -27.39
C GLU D 213 14.61 18.68 -26.17
N PHE D 214 14.06 18.47 -24.98
CA PHE D 214 14.86 18.52 -23.75
C PHE D 214 15.96 17.45 -23.75
N VAL D 215 15.63 16.26 -24.25
CA VAL D 215 16.61 15.19 -24.36
C VAL D 215 17.68 15.54 -25.40
N GLU D 216 17.27 16.02 -26.57
CA GLU D 216 18.19 16.47 -27.62
C GLU D 216 19.17 17.53 -27.07
N LEU D 217 18.63 18.61 -26.49
CA LEU D 217 19.38 19.74 -25.95
C LEU D 217 20.30 19.44 -24.78
N GLY D 218 19.78 18.68 -23.81
CA GLY D 218 20.46 18.52 -22.52
C GLY D 218 20.15 19.68 -21.60
N VAL D 219 20.53 19.52 -20.34
CA VAL D 219 20.26 20.50 -19.27
C VAL D 219 20.84 21.88 -19.55
N GLU D 220 22.12 21.95 -19.90
CA GLU D 220 22.74 23.25 -20.10
C GLU D 220 22.08 24.04 -21.22
N ALA D 221 21.95 23.44 -22.39
CA ALA D 221 21.33 24.11 -23.53
C ALA D 221 19.86 24.50 -23.24
N THR D 222 19.12 23.61 -22.56
CA THR D 222 17.75 23.92 -22.18
C THR D 222 17.70 25.17 -21.28
N LEU D 223 18.61 25.21 -20.31
CA LEU D 223 18.75 26.33 -19.38
C LEU D 223 19.09 27.62 -20.11
N ALA D 224 20.07 27.56 -21.02
CA ALA D 224 20.41 28.73 -21.84
C ALA D 224 19.20 29.26 -22.59
N GLU D 225 18.35 28.34 -23.06
CA GLU D 225 17.18 28.72 -23.84
C GLU D 225 16.06 29.28 -22.96
N ALA D 226 15.87 28.70 -21.78
CA ALA D 226 14.90 29.24 -20.83
C ALA D 226 15.29 30.66 -20.41
N ARG D 227 16.57 30.83 -20.07
CA ARG D 227 17.06 32.12 -19.61
C ARG D 227 16.95 33.16 -20.71
N ARG D 228 17.25 32.76 -21.95
CA ARG D 228 17.10 33.62 -23.14
C ARG D 228 15.65 34.09 -23.31
N VAL D 229 14.70 33.20 -23.08
CA VAL D 229 13.28 33.53 -23.27
C VAL D 229 12.77 34.55 -22.25
N VAL D 230 13.10 34.35 -20.98
CA VAL D 230 12.58 35.22 -19.91
C VAL D 230 13.43 36.49 -19.70
N GLY D 231 14.68 36.47 -20.18
CA GLY D 231 15.60 37.59 -20.01
C GLY D 231 15.66 38.18 -18.61
N ALA D 232 15.63 39.51 -18.55
CA ALA D 232 15.87 40.29 -17.33
C ALA D 232 14.58 40.55 -16.54
N GLY D 233 13.43 40.33 -17.17
CA GLY D 233 12.15 40.78 -16.63
C GLY D 233 11.57 39.93 -15.51
N PRO D 234 10.49 40.42 -14.88
CA PRO D 234 9.78 39.71 -13.82
C PRO D 234 9.31 38.33 -14.30
N THR D 235 9.70 37.31 -13.56
CA THR D 235 9.45 35.92 -13.95
C THR D 235 8.81 35.15 -12.79
N TYR D 236 7.85 34.31 -13.15
CA TYR D 236 7.24 33.34 -12.24
C TYR D 236 7.74 31.97 -12.66
N VAL D 237 7.86 31.07 -11.68
CA VAL D 237 8.25 29.68 -11.94
C VAL D 237 7.13 28.76 -11.53
N SER D 238 6.55 28.05 -12.50
CA SER D 238 5.51 27.08 -12.18
C SER D 238 6.02 25.63 -12.33
N PHE D 239 6.06 24.92 -11.20
CA PHE D 239 6.56 23.56 -11.21
C PHE D 239 5.44 22.55 -10.93
N ASP D 240 4.94 21.95 -12.01
CA ASP D 240 3.99 20.85 -11.95
C ASP D 240 4.82 19.59 -11.77
N VAL D 241 4.52 18.82 -10.72
CA VAL D 241 5.30 17.61 -10.44
C VAL D 241 5.15 16.55 -11.51
N ASP D 242 4.11 16.66 -12.35
CA ASP D 242 3.97 15.68 -13.44
C ASP D 242 5.03 15.79 -14.57
N VAL D 243 5.86 16.86 -14.54
CA VAL D 243 6.99 16.99 -15.45
C VAL D 243 7.95 15.84 -15.17
N LEU D 244 7.95 15.39 -13.93
CA LEU D 244 8.82 14.32 -13.51
C LEU D 244 8.24 13.00 -13.97
N ASP D 245 9.11 12.02 -14.18
CA ASP D 245 8.65 10.69 -14.47
C ASP D 245 7.87 10.11 -13.26
N PRO D 246 6.81 9.35 -13.53
CA PRO D 246 6.06 8.67 -12.47
C PRO D 246 6.90 7.93 -11.42
N ALA D 247 8.07 7.43 -11.82
CA ALA D 247 9.00 6.78 -10.85
C ALA D 247 9.42 7.72 -9.73
N PHE D 248 9.52 9.00 -10.05
CA PHE D 248 9.88 10.05 -9.09
C PHE D 248 8.66 10.76 -8.53
N ALA D 249 7.60 10.88 -9.33
CA ALA D 249 6.37 11.52 -8.85
C ALA D 249 5.10 10.71 -9.13
N PRO D 250 4.89 9.58 -8.44
CA PRO D 250 3.67 8.80 -8.69
C PRO D 250 2.39 9.53 -8.29
N GLY D 251 2.45 10.32 -7.23
CA GLY D 251 1.26 10.92 -6.64
C GLY D 251 0.78 12.14 -7.38
N THR D 252 0.32 11.94 -8.61
CA THR D 252 -0.14 13.05 -9.44
C THR D 252 -1.31 12.62 -10.31
N GLY D 253 -2.13 13.58 -10.70
CA GLY D 253 -3.40 13.25 -11.35
C GLY D 253 -3.30 12.77 -12.78
N THR D 254 -2.46 13.43 -13.59
CA THR D 254 -2.34 13.08 -14.99
C THR D 254 -0.89 12.75 -15.34
N PRO D 255 -0.43 11.57 -14.90
CA PRO D 255 0.97 11.23 -15.21
C PRO D 255 1.18 10.89 -16.71
N GLU D 256 2.39 11.17 -17.20
CA GLU D 256 2.82 10.78 -18.54
C GLU D 256 4.20 10.13 -18.36
N ILE D 257 4.34 8.87 -18.78
CA ILE D 257 5.61 8.20 -18.60
C ILE D 257 6.71 8.90 -19.43
N GLY D 258 7.96 8.51 -19.18
CA GLY D 258 9.07 8.98 -19.97
C GLY D 258 9.42 10.42 -19.67
N GLY D 259 9.43 10.75 -18.37
CA GLY D 259 9.62 12.12 -17.95
C GLY D 259 10.94 12.44 -17.28
N MET D 260 11.03 13.67 -16.79
CA MET D 260 12.22 14.21 -16.14
C MET D 260 12.58 13.45 -14.86
N THR D 261 13.85 13.46 -14.50
CA THR D 261 14.26 12.92 -13.20
C THR D 261 14.33 14.03 -12.16
N SER D 262 14.20 13.65 -10.89
CA SER D 262 14.38 14.59 -9.78
C SER D 262 15.68 15.34 -9.95
N LEU D 263 16.76 14.57 -10.16
CA LEU D 263 18.07 15.11 -10.42
C LEU D 263 18.01 16.25 -11.44
N GLN D 264 17.39 15.96 -12.59
CA GLN D 264 17.32 16.93 -13.68
C GLN D 264 16.49 18.14 -13.31
N ALA D 265 15.42 17.94 -12.57
CA ALA D 265 14.59 19.05 -12.10
C ALA D 265 15.38 19.98 -11.17
N GLN D 266 16.17 19.40 -10.26
CA GLN D 266 16.98 20.21 -9.33
C GLN D 266 18.02 21.04 -10.08
N GLN D 267 18.68 20.42 -11.07
CA GLN D 267 19.65 21.07 -11.94
C GLN D 267 19.02 22.22 -12.74
N LEU D 268 17.81 22.01 -13.26
CA LEU D 268 17.14 23.07 -13.99
C LEU D 268 16.70 24.23 -13.09
N VAL D 269 16.12 23.91 -11.94
CA VAL D 269 15.76 24.97 -11.00
C VAL D 269 16.98 25.74 -10.48
N ARG D 270 18.00 25.01 -10.04
CA ARG D 270 19.24 25.64 -9.57
C ARG D 270 19.82 26.58 -10.62
N GLY D 271 19.65 26.24 -11.89
CA GLY D 271 20.15 27.05 -13.00
C GLY D 271 19.45 28.39 -13.21
N LEU D 272 18.35 28.63 -12.50
CA LEU D 272 17.61 29.88 -12.64
C LEU D 272 18.14 30.99 -11.74
N ARG D 273 19.21 30.72 -11.01
CA ARG D 273 19.83 31.71 -10.13
C ARG D 273 20.11 33.02 -10.87
N GLY D 274 19.80 34.13 -10.21
CA GLY D 274 19.98 35.47 -10.78
C GLY D 274 18.77 36.08 -11.47
N LEU D 275 17.77 35.28 -11.83
CA LEU D 275 16.59 35.81 -12.51
C LEU D 275 15.75 36.59 -11.52
N ASP D 276 14.92 37.49 -12.03
CA ASP D 276 14.06 38.26 -11.15
C ASP D 276 12.80 37.46 -10.93
N LEU D 277 12.81 36.61 -9.91
CA LEU D 277 11.70 35.69 -9.65
C LEU D 277 10.70 36.34 -8.72
N VAL D 278 9.45 36.49 -9.16
CA VAL D 278 8.44 37.25 -8.40
C VAL D 278 7.44 36.36 -7.64
N GLY D 279 7.60 35.05 -7.84
CA GLY D 279 6.73 34.06 -7.25
C GLY D 279 6.99 32.72 -7.90
N ALA D 280 6.55 31.66 -7.24
CA ALA D 280 6.68 30.31 -7.78
C ALA D 280 5.63 29.44 -7.15
N ASP D 281 5.32 28.32 -7.81
CA ASP D 281 4.50 27.29 -7.20
C ASP D 281 4.97 25.86 -7.51
N VAL D 282 4.45 24.93 -6.72
CA VAL D 282 4.65 23.52 -6.86
C VAL D 282 3.25 22.92 -6.82
N VAL D 283 2.77 22.46 -7.96
CA VAL D 283 1.38 22.04 -8.11
C VAL D 283 1.22 20.57 -8.50
N GLU D 284 0.00 20.06 -8.33
CA GLU D 284 -0.45 18.73 -8.72
C GLU D 284 0.08 17.58 -7.86
N VAL D 285 0.50 17.87 -6.64
CA VAL D 285 0.87 16.78 -5.73
C VAL D 285 -0.44 16.21 -5.24
N SER D 286 -0.71 14.95 -5.59
CA SER D 286 -1.98 14.32 -5.25
C SER D 286 -1.74 13.11 -4.32
N PRO D 287 -1.85 13.33 -3.00
CA PRO D 287 -1.62 12.27 -2.00
C PRO D 287 -2.43 10.99 -2.18
N PRO D 288 -3.68 11.08 -2.66
CA PRO D 288 -4.42 9.80 -2.84
C PRO D 288 -3.81 8.83 -3.86
N PHE D 289 -2.95 9.34 -4.74
CA PHE D 289 -2.22 8.47 -5.68
C PHE D 289 -0.74 8.39 -5.34
N ASP D 290 -0.38 8.93 -4.18
CA ASP D 290 1.01 8.95 -3.74
C ASP D 290 1.39 7.65 -3.04
N VAL D 291 2.69 7.40 -2.93
CA VAL D 291 3.22 6.16 -2.38
C VAL D 291 4.25 6.51 -1.32
N GLY D 292 3.94 6.21 -0.07
CA GLY D 292 4.81 6.58 1.06
C GLY D 292 5.21 8.05 1.10
N GLY D 293 4.36 8.94 0.59
CA GLY D 293 4.65 10.38 0.57
C GLY D 293 5.83 10.75 -0.31
N ALA D 294 6.14 9.89 -1.28
CA ALA D 294 7.20 10.13 -2.26
C ALA D 294 7.03 11.47 -2.99
N THR D 295 5.82 11.71 -3.51
CA THR D 295 5.57 12.92 -4.28
C THR D 295 5.48 14.15 -3.36
N ALA D 296 4.97 13.96 -2.14
CA ALA D 296 5.02 15.04 -1.14
C ALA D 296 6.45 15.45 -0.82
N LEU D 297 7.38 14.49 -0.74
CA LEU D 297 8.79 14.84 -0.49
C LEU D 297 9.42 15.60 -1.65
N VAL D 298 9.19 15.12 -2.88
CA VAL D 298 9.59 15.85 -4.07
C VAL D 298 9.08 17.28 -4.01
N GLY D 299 7.78 17.42 -3.74
CA GLY D 299 7.15 18.71 -3.56
C GLY D 299 7.92 19.57 -2.57
N ALA D 300 8.16 19.04 -1.37
CA ALA D 300 8.85 19.79 -0.32
C ALA D 300 10.24 20.24 -0.76
N THR D 301 10.98 19.33 -1.37
CA THR D 301 12.32 19.63 -1.82
C THR D 301 12.34 20.68 -2.94
N MET D 302 11.51 20.47 -3.96
CA MET D 302 11.44 21.45 -5.04
C MET D 302 10.98 22.80 -4.49
N MET D 303 10.13 22.75 -3.47
CA MET D 303 9.74 23.96 -2.76
C MET D 303 10.97 24.70 -2.22
N PHE D 304 11.85 23.96 -1.57
CA PHE D 304 13.04 24.53 -0.94
C PHE D 304 14.02 25.03 -1.99
N GLU D 305 14.12 24.31 -3.10
CA GLU D 305 15.00 24.74 -4.20
C GLU D 305 14.57 26.12 -4.65
N LEU D 306 13.26 26.28 -4.87
CA LEU D 306 12.69 27.54 -5.35
C LEU D 306 12.78 28.62 -4.28
N LEU D 307 12.57 28.23 -3.03
CA LEU D 307 12.63 29.18 -1.93
C LEU D 307 13.97 29.91 -1.88
N CYS D 308 15.05 29.17 -2.10
CA CYS D 308 16.39 29.74 -2.03
C CYS D 308 16.57 30.87 -3.05
N LEU D 309 16.04 30.69 -4.26
CA LEU D 309 16.15 31.70 -5.31
C LEU D 309 15.19 32.86 -5.06
N LEU D 310 14.01 32.55 -4.54
CA LEU D 310 13.04 33.61 -4.18
C LEU D 310 13.59 34.50 -3.08
N ALA D 311 14.26 33.87 -2.10
CA ALA D 311 14.94 34.60 -1.03
C ALA D 311 15.87 35.68 -1.59
N GLU D 312 16.71 35.30 -2.55
CA GLU D 312 17.65 36.23 -3.21
C GLU D 312 16.94 37.34 -3.99
N SER D 313 15.83 37.01 -4.63
CA SER D 313 15.09 38.01 -5.35
C SER D 313 14.37 38.95 -4.39
N ALA D 314 13.91 38.41 -3.26
CA ALA D 314 13.26 39.25 -2.26
C ALA D 314 14.24 40.24 -1.62
N ALA D 315 15.48 39.78 -1.41
CA ALA D 315 16.53 40.66 -0.91
C ALA D 315 16.87 41.74 -1.95
N ARG D 316 17.14 41.33 -3.18
CA ARG D 316 17.43 42.27 -4.28
C ARG D 316 16.30 43.31 -4.44
N SER D 317 15.05 42.85 -4.37
CA SER D 317 13.89 43.72 -4.51
C SER D 317 13.70 44.73 -3.36
N ALA D 318 14.19 44.40 -2.16
CA ALA D 318 14.14 45.35 -1.03
C ALA D 318 15.11 46.53 -1.17
N ASN E 3 -18.35 32.07 25.81
CA ASN E 3 -18.09 31.84 24.42
C ASN E 3 -16.90 32.66 24.02
N ASP E 4 -15.94 32.73 24.89
CA ASP E 4 -14.62 33.20 24.57
C ASP E 4 -13.56 32.09 24.56
N HIS E 5 -13.97 30.83 24.65
CA HIS E 5 -13.04 29.74 24.60
C HIS E 5 -12.55 29.52 23.22
N PRO E 6 -11.37 28.94 23.16
CA PRO E 6 -10.76 28.53 21.88
C PRO E 6 -11.65 27.57 21.11
N GLN E 7 -11.73 27.73 19.81
CA GLN E 7 -12.63 26.91 18.97
C GLN E 7 -11.84 26.31 17.82
N PRO E 8 -12.28 25.14 17.33
CA PRO E 8 -11.73 24.60 16.09
C PRO E 8 -12.00 25.55 14.94
N LEU E 9 -11.14 25.50 13.93
CA LEU E 9 -11.41 26.15 12.65
C LEU E 9 -12.85 25.85 12.22
N ASP E 10 -13.57 26.88 11.78
CA ASP E 10 -14.99 26.77 11.41
C ASP E 10 -15.18 26.00 10.09
N ALA E 11 -15.72 24.79 10.20
CA ALA E 11 -15.89 23.90 9.04
C ALA E 11 -16.91 24.36 7.99
N ALA E 12 -17.78 25.31 8.36
CA ALA E 12 -18.71 25.92 7.41
C ALA E 12 -18.02 26.95 6.49
N GLU E 13 -16.79 27.30 6.84
CA GLU E 13 -16.04 28.36 6.20
C GLU E 13 -14.72 27.79 5.66
N ILE E 14 -14.07 26.96 6.47
CA ILE E 14 -12.76 26.39 6.13
C ILE E 14 -12.83 24.86 6.09
N PRO E 15 -12.62 24.26 4.90
CA PRO E 15 -12.79 22.81 4.77
C PRO E 15 -11.74 21.98 5.52
N ARG E 16 -12.10 20.74 5.85
CA ARG E 16 -11.32 19.90 6.74
C ARG E 16 -9.91 19.52 6.23
N PHE E 17 -9.71 19.54 4.92
CA PHE E 17 -8.39 19.28 4.34
C PHE E 17 -7.47 20.51 4.39
N ALA E 18 -7.99 21.65 4.87
CA ALA E 18 -7.26 22.91 4.89
C ALA E 18 -6.89 23.35 6.31
N GLY E 19 -5.95 24.28 6.40
CA GLY E 19 -5.46 24.74 7.69
C GLY E 19 -4.29 23.90 8.20
N ILE E 20 -3.44 24.54 8.98
CA ILE E 20 -2.32 23.87 9.61
C ILE E 20 -2.88 22.81 10.58
N PRO E 21 -2.36 21.56 10.50
CA PRO E 21 -2.98 20.44 11.21
C PRO E 21 -2.66 20.43 12.70
N THR E 22 -3.62 20.83 13.53
CA THR E 22 -3.45 20.78 14.98
C THR E 22 -4.45 19.77 15.52
N PHE E 23 -4.36 19.42 16.80
CA PHE E 23 -5.35 18.51 17.40
C PHE E 23 -6.73 19.15 17.30
N MET E 24 -7.64 18.45 16.63
CA MET E 24 -9.03 18.90 16.47
C MET E 24 -9.13 20.29 15.80
N ARG E 25 -8.09 20.67 15.07
CA ARG E 25 -8.01 21.99 14.40
C ARG E 25 -8.19 23.17 15.38
N LEU E 26 -7.78 22.96 16.63
CA LEU E 26 -7.75 23.99 17.64
C LEU E 26 -6.54 24.91 17.46
N PRO E 27 -6.58 26.11 18.05
CA PRO E 27 -5.35 26.91 18.02
C PRO E 27 -4.21 26.29 18.86
N ALA E 28 -2.99 26.69 18.56
CA ALA E 28 -1.79 26.20 19.23
C ALA E 28 -1.46 27.10 20.42
N PHE E 29 -1.22 26.47 21.56
CA PHE E 29 -0.85 27.19 22.78
C PHE E 29 0.52 26.76 23.26
N THR E 30 1.14 27.63 24.04
CA THR E 30 2.49 27.40 24.51
C THR E 30 2.50 27.48 26.05
N ASP E 31 1.41 28.04 26.58
CA ASP E 31 1.25 28.30 27.99
C ASP E 31 0.08 27.44 28.47
N PRO E 32 0.37 26.43 29.32
CA PRO E 32 -0.67 25.55 29.87
C PRO E 32 -1.73 26.26 30.70
N ALA E 33 -1.34 27.36 31.34
CA ALA E 33 -2.26 28.12 32.21
C ALA E 33 -3.44 28.70 31.44
N ALA E 34 -3.28 28.82 30.12
CA ALA E 34 -4.34 29.31 29.24
C ALA E 34 -5.48 28.30 29.03
N LEU E 35 -5.25 27.04 29.39
CA LEU E 35 -6.19 25.97 29.06
C LEU E 35 -6.60 25.17 30.30
N GLN E 36 -7.81 24.62 30.24
CA GLN E 36 -8.30 23.69 31.27
C GLN E 36 -8.01 22.24 30.87
N VAL E 37 -8.11 21.94 29.57
CA VAL E 37 -7.69 20.64 29.05
C VAL E 37 -6.63 20.88 27.96
N GLY E 38 -5.49 20.20 28.10
CA GLY E 38 -4.37 20.40 27.20
C GLY E 38 -4.16 19.16 26.34
N LEU E 39 -4.13 19.34 25.03
CA LEU E 39 -3.93 18.24 24.09
C LEU E 39 -2.46 18.22 23.73
N ILE E 40 -1.80 17.10 24.02
CA ILE E 40 -0.34 17.02 23.96
C ILE E 40 0.16 15.79 23.19
N GLY E 41 1.13 16.00 22.32
CA GLY E 41 1.82 14.92 21.65
C GLY E 41 3.07 14.53 22.43
N VAL E 42 3.27 13.23 22.59
CA VAL E 42 4.49 12.72 23.19
C VAL E 42 5.09 11.75 22.16
N PRO E 43 5.82 12.28 21.17
CA PRO E 43 6.25 11.44 20.05
C PRO E 43 7.51 10.66 20.38
N TRP E 44 7.35 9.58 21.14
CA TRP E 44 8.48 8.88 21.72
C TRP E 44 8.28 7.38 21.69
N ASP E 45 9.21 6.68 21.09
CA ASP E 45 9.14 5.21 21.10
C ASP E 45 10.48 4.57 21.46
N GLY E 46 11.25 5.24 22.31
CA GLY E 46 12.53 4.72 22.79
C GLY E 46 12.33 3.44 23.59
N GLY E 47 11.14 3.26 24.14
CA GLY E 47 10.80 2.07 24.90
C GLY E 47 10.46 0.84 24.08
N THR E 48 10.45 0.95 22.75
CA THR E 48 10.01 -0.15 21.90
C THR E 48 11.09 -1.21 21.63
N THR E 49 10.78 -2.46 21.97
CA THR E 49 11.74 -3.55 21.85
C THR E 49 11.68 -4.31 20.52
N ASN E 50 10.55 -4.19 19.82
CA ASN E 50 10.42 -4.82 18.50
C ASN E 50 10.02 -3.84 17.35
N ARG E 51 8.73 -3.77 17.00
CA ARG E 51 8.30 -2.90 15.91
C ARG E 51 8.04 -1.48 16.41
N ALA E 52 8.89 -0.55 15.97
CA ALA E 52 8.79 0.86 16.36
C ALA E 52 8.04 1.69 15.32
N GLY E 53 8.10 3.02 15.47
CA GLY E 53 7.31 3.93 14.64
C GLY E 53 6.28 4.76 15.40
N ALA E 54 6.01 4.43 16.65
CA ALA E 54 5.06 5.24 17.43
C ALA E 54 5.50 6.71 17.63
N ARG E 55 6.78 6.99 17.43
CA ARG E 55 7.24 8.38 17.43
C ARG E 55 6.46 9.27 16.43
N HIS E 56 5.96 8.68 15.35
CA HIS E 56 5.18 9.38 14.33
C HIS E 56 3.70 9.44 14.64
N GLY E 57 3.30 8.84 15.75
CA GLY E 57 1.90 8.77 16.16
C GLY E 57 1.19 10.11 16.26
N PRO E 58 1.78 11.10 16.98
CA PRO E 58 1.07 12.36 17.22
C PRO E 58 0.86 13.22 15.98
N ARG E 59 1.80 13.19 15.05
CA ARG E 59 1.60 13.93 13.80
C ARG E 59 0.40 13.40 12.99
N GLU E 60 0.24 12.07 12.92
CA GLU E 60 -0.84 11.49 12.12
C GLU E 60 -2.16 11.61 12.81
N VAL E 61 -2.16 11.49 14.13
CA VAL E 61 -3.40 11.71 14.87
C VAL E 61 -3.84 13.17 14.70
N ARG E 62 -2.90 14.10 14.74
CA ARG E 62 -3.23 15.50 14.44
C ARG E 62 -3.94 15.60 13.07
N ASN E 63 -3.28 15.08 12.02
CA ASN E 63 -3.80 15.09 10.65
C ASN E 63 -5.25 14.58 10.57
N LEU E 64 -5.50 13.39 11.11
CA LEU E 64 -6.82 12.77 11.02
C LEU E 64 -7.87 13.32 11.98
N SER E 65 -7.43 14.07 13.00
CA SER E 65 -8.35 14.70 13.95
C SER E 65 -9.16 15.78 13.26
N SER E 66 -8.66 16.22 12.11
CA SER E 66 -9.41 17.05 11.15
C SER E 66 -10.81 16.60 10.85
N LEU E 67 -11.08 15.29 10.99
CA LEU E 67 -12.40 14.75 10.71
C LEU E 67 -13.34 14.82 11.89
N MET E 68 -12.84 15.23 13.05
CA MET E 68 -13.68 15.35 14.24
C MET E 68 -14.54 16.59 14.15
N ARG E 69 -15.73 16.51 14.75
CA ARG E 69 -16.63 17.66 14.83
C ARG E 69 -16.78 18.11 16.29
N LYS E 70 -17.64 19.11 16.53
CA LYS E 70 -17.65 19.83 17.80
C LYS E 70 -18.49 19.19 18.90
N VAL E 71 -19.49 18.39 18.54
CA VAL E 71 -20.45 17.88 19.53
C VAL E 71 -20.62 16.35 19.54
N HIS E 72 -20.54 15.75 20.74
CA HIS E 72 -20.80 14.32 20.91
C HIS E 72 -22.26 14.00 20.65
N HIS E 73 -22.53 13.11 19.71
CA HIS E 73 -23.89 12.90 19.24
C HIS E 73 -24.76 12.16 20.25
N VAL E 74 -24.13 11.39 21.13
CA VAL E 74 -24.85 10.65 22.16
C VAL E 74 -25.04 11.50 23.43
N SER E 75 -23.92 11.98 23.99
CA SER E 75 -23.95 12.60 25.30
C SER E 75 -24.31 14.07 25.22
N ARG E 76 -24.09 14.66 24.04
CA ARG E 76 -24.43 16.08 23.75
C ARG E 76 -23.42 17.11 24.29
N ILE E 77 -22.30 16.60 24.79
CA ILE E 77 -21.22 17.43 25.33
C ILE E 77 -20.54 18.20 24.22
N ALA E 78 -20.53 19.52 24.35
CA ALA E 78 -19.75 20.39 23.48
C ALA E 78 -18.53 20.81 24.27
N PRO E 79 -17.42 20.05 24.14
CA PRO E 79 -16.28 20.25 25.05
C PRO E 79 -15.63 21.64 24.95
N TYR E 80 -15.60 22.20 23.75
CA TYR E 80 -15.00 23.52 23.53
C TYR E 80 -15.84 24.65 24.11
N ASP E 81 -17.15 24.44 24.25
CA ASP E 81 -18.01 25.41 24.93
C ASP E 81 -17.91 25.22 26.44
N LEU E 82 -17.58 24.00 26.87
CA LEU E 82 -17.57 23.69 28.28
C LEU E 82 -16.36 24.25 29.01
N VAL E 83 -15.18 24.12 28.40
CA VAL E 83 -13.92 24.46 29.03
C VAL E 83 -12.93 24.94 27.97
N ARG E 84 -11.80 25.49 28.41
CA ARG E 84 -10.79 25.96 27.48
C ARG E 84 -9.87 24.79 27.06
N VAL E 85 -9.94 24.43 25.78
CA VAL E 85 -9.17 23.32 25.23
C VAL E 85 -8.26 23.85 24.13
N GLY E 86 -7.07 23.27 24.01
CA GLY E 86 -6.12 23.67 22.96
C GLY E 86 -5.00 22.68 22.75
N ASP E 87 -4.22 22.89 21.68
CA ASP E 87 -3.10 22.03 21.31
C ASP E 87 -1.81 22.60 21.89
N LEU E 88 -1.23 21.89 22.84
CA LEU E 88 -0.05 22.38 23.56
C LEU E 88 1.26 21.99 22.90
N GLY E 89 1.18 21.39 21.71
CA GLY E 89 2.36 20.93 21.01
C GLY E 89 2.87 19.58 21.51
N ASP E 90 4.16 19.33 21.31
CA ASP E 90 4.73 18.07 21.67
C ASP E 90 5.66 18.24 22.85
N ALA E 91 5.56 17.33 23.81
CA ALA E 91 6.51 17.30 24.91
C ALA E 91 7.89 17.02 24.32
N PRO E 92 8.94 17.60 24.93
CA PRO E 92 10.30 17.47 24.40
C PRO E 92 10.78 16.02 24.53
N VAL E 93 11.59 15.59 23.59
CA VAL E 93 11.90 14.19 23.39
C VAL E 93 13.34 14.11 22.89
N ASN E 94 14.13 13.21 23.46
CA ASN E 94 15.46 12.90 22.93
C ASN E 94 15.46 11.51 22.32
N PRO E 95 15.48 11.42 20.98
CA PRO E 95 15.36 10.12 20.30
C PRO E 95 16.51 9.17 20.66
N ILE E 96 17.63 9.74 21.09
CA ILE E 96 18.85 8.97 21.37
C ILE E 96 19.12 8.77 22.85
N ASP E 97 18.41 9.49 23.71
CA ASP E 97 18.68 9.40 25.14
C ASP E 97 17.41 9.18 25.95
N LEU E 98 17.24 7.95 26.43
CA LEU E 98 16.02 7.53 27.13
C LEU E 98 15.77 8.25 28.46
N LEU E 99 16.81 8.37 29.27
CA LEU E 99 16.69 9.03 30.59
C LEU E 99 16.45 10.52 30.45
N ASP E 100 17.07 11.11 29.43
CA ASP E 100 16.85 12.53 29.17
C ASP E 100 15.43 12.80 28.69
N SER E 101 14.91 11.93 27.81
CA SER E 101 13.50 11.99 27.42
C SER E 101 12.62 11.84 28.65
N LEU E 102 12.95 10.90 29.53
CA LEU E 102 12.16 10.71 30.77
C LEU E 102 12.08 11.96 31.66
N ARG E 103 13.22 12.64 31.83
CA ARG E 103 13.30 13.84 32.66
C ARG E 103 12.57 15.02 32.00
N ARG E 104 12.79 15.15 30.70
CA ARG E 104 12.29 16.29 29.96
C ARG E 104 10.80 16.20 29.70
N ILE E 105 10.31 15.00 29.42
CA ILE E 105 8.88 14.78 29.30
C ILE E 105 8.20 15.06 30.64
N GLU E 106 8.78 14.54 31.73
CA GLU E 106 8.20 14.82 33.05
C GLU E 106 8.20 16.33 33.35
N GLY E 107 9.32 16.99 33.06
CA GLY E 107 9.45 18.45 33.19
C GLY E 107 8.25 19.18 32.61
N PHE E 108 7.96 18.90 31.34
CA PHE E 108 6.80 19.43 30.62
C PHE E 108 5.47 19.18 31.35
N TYR E 109 5.24 17.93 31.76
CA TYR E 109 3.97 17.61 32.45
C TYR E 109 3.86 18.21 33.86
N ARG E 110 5.00 18.46 34.47
CA ARG E 110 5.06 19.15 35.76
C ARG E 110 4.50 20.58 35.61
N GLN E 111 4.95 21.30 34.57
CA GLN E 111 4.41 22.62 34.23
C GLN E 111 2.91 22.57 33.93
N VAL E 112 2.50 21.55 33.18
CA VAL E 112 1.08 21.33 32.89
C VAL E 112 0.29 21.08 34.17
N HIS E 113 0.79 20.19 35.04
CA HIS E 113 0.13 19.91 36.31
C HIS E 113 0.08 21.14 37.23
N ALA E 114 1.17 21.90 37.29
CA ALA E 114 1.21 23.08 38.15
C ALA E 114 0.10 24.07 37.80
N ALA E 115 -0.18 24.22 36.50
CA ALA E 115 -1.20 25.15 36.02
C ALA E 115 -2.64 24.67 36.19
N GLY E 116 -2.84 23.47 36.72
CA GLY E 116 -4.20 22.93 36.92
C GLY E 116 -4.78 22.26 35.68
N THR E 117 -3.99 22.18 34.61
CA THR E 117 -4.44 21.69 33.33
C THR E 117 -4.50 20.15 33.29
N LEU E 118 -5.61 19.62 32.82
CA LEU E 118 -5.74 18.22 32.61
C LEU E 118 -5.16 17.82 31.30
N PRO E 119 -4.24 16.88 31.32
CA PRO E 119 -3.58 16.45 30.09
C PRO E 119 -4.38 15.36 29.37
N LEU E 120 -4.55 15.54 28.05
CA LEU E 120 -5.05 14.49 27.17
C LEU E 120 -3.98 14.25 26.12
N SER E 121 -3.34 13.09 26.17
CA SER E 121 -2.10 12.92 25.42
C SER E 121 -2.14 11.85 24.33
N VAL E 122 -1.25 12.00 23.36
CA VAL E 122 -1.10 11.00 22.31
C VAL E 122 0.37 10.61 22.19
N GLY E 123 0.64 9.30 22.34
CA GLY E 123 1.97 8.76 22.19
C GLY E 123 2.26 8.53 20.73
N GLY E 124 3.46 8.01 20.41
CA GLY E 124 4.39 7.50 21.41
C GLY E 124 3.95 6.12 21.88
N ASP E 125 4.90 5.31 22.33
CA ASP E 125 4.59 3.99 22.86
C ASP E 125 4.14 4.11 24.31
N HIS E 126 3.78 2.99 24.94
CA HIS E 126 3.21 3.04 26.29
C HIS E 126 4.16 3.52 27.40
N LEU E 127 5.47 3.48 27.14
CA LEU E 127 6.43 4.06 28.08
C LEU E 127 6.15 5.54 28.36
N VAL E 128 5.51 6.25 27.44
CA VAL E 128 5.20 7.67 27.63
C VAL E 128 4.32 7.99 28.84
N THR E 129 3.57 7.01 29.30
CA THR E 129 2.65 7.21 30.41
C THR E 129 3.40 7.36 31.74
N LEU E 130 4.59 6.76 31.83
CA LEU E 130 5.36 6.79 33.08
C LEU E 130 5.72 8.21 33.51
N PRO E 131 6.43 8.97 32.64
CA PRO E 131 6.76 10.37 32.99
C PRO E 131 5.50 11.19 33.30
N ILE E 132 4.42 10.93 32.56
CA ILE E 132 3.13 11.58 32.85
C ILE E 132 2.70 11.30 34.29
N PHE E 133 2.75 10.04 34.70
CA PHE E 133 2.35 9.64 36.06
C PHE E 133 3.31 10.22 37.09
N ARG E 134 4.60 10.27 36.74
CA ARG E 134 5.60 10.87 37.61
C ARG E 134 5.28 12.33 37.97
N ALA E 135 4.47 12.99 37.15
CA ALA E 135 4.13 14.40 37.34
C ALA E 135 2.77 14.55 37.99
N LEU E 136 1.87 13.63 37.69
CA LEU E 136 0.48 13.75 38.10
C LEU E 136 0.14 12.96 39.34
N GLY E 137 1.05 12.08 39.76
CA GLY E 137 0.76 11.13 40.85
C GLY E 137 1.55 11.21 42.15
N ARG E 138 2.15 12.38 42.44
CA ARG E 138 2.97 12.52 43.67
C ARG E 138 2.16 12.77 44.93
N GLU E 139 1.20 13.69 44.88
CA GLU E 139 0.43 14.06 46.08
C GLU E 139 -0.31 12.83 46.61
N ARG E 140 -1.05 12.19 45.71
CA ARG E 140 -1.85 11.00 46.00
C ARG E 140 -1.79 10.09 44.78
N PRO E 141 -1.73 8.77 45.00
CA PRO E 141 -1.64 7.89 43.84
C PRO E 141 -2.94 7.87 43.05
N LEU E 142 -2.83 7.68 41.74
CA LEU E 142 -3.99 7.63 40.83
C LEU E 142 -4.59 6.24 40.77
N GLY E 143 -5.90 6.17 40.55
CA GLY E 143 -6.53 4.95 40.02
C GLY E 143 -6.38 4.94 38.51
N MET E 144 -6.65 3.80 37.86
CA MET E 144 -6.58 3.74 36.39
C MET E 144 -7.52 2.74 35.71
N VAL E 145 -8.20 3.22 34.67
CA VAL E 145 -8.82 2.34 33.69
C VAL E 145 -7.86 2.23 32.49
N HIS E 146 -7.50 0.99 32.16
CA HIS E 146 -6.42 0.75 31.22
C HIS E 146 -6.83 -0.28 30.17
N PHE E 147 -6.95 0.17 28.93
CA PHE E 147 -7.34 -0.70 27.78
C PHE E 147 -6.08 -1.10 27.02
N ASP E 148 -5.82 -2.39 26.92
CA ASP E 148 -4.56 -2.86 26.35
C ASP E 148 -4.65 -4.34 26.05
N ALA E 149 -3.82 -4.82 25.12
CA ALA E 149 -3.63 -6.24 24.97
C ALA E 149 -2.63 -6.77 26.00
N HIS E 150 -1.76 -5.90 26.50
CA HIS E 150 -0.74 -6.29 27.47
C HIS E 150 -0.78 -5.49 28.77
N SER E 151 -0.41 -6.15 29.85
CA SER E 151 -0.53 -5.57 31.18
C SER E 151 0.55 -4.51 31.43
N ASP E 152 1.63 -4.56 30.65
CA ASP E 152 2.72 -3.59 30.74
C ASP E 152 3.18 -3.38 32.20
N THR E 153 3.43 -4.50 32.87
CA THR E 153 3.94 -4.54 34.23
C THR E 153 5.10 -5.51 34.34
N ASN E 154 5.85 -5.68 33.26
CA ASN E 154 7.08 -6.46 33.29
C ASN E 154 8.18 -5.70 34.00
N ASP E 155 9.28 -6.40 34.27
CA ASP E 155 10.31 -5.88 35.15
C ASP E 155 11.50 -5.28 34.40
N ARG E 156 12.34 -6.15 33.83
CA ARG E 156 13.52 -5.70 33.10
C ARG E 156 13.47 -6.32 31.70
N TYR E 157 14.18 -5.72 30.75
CA TYR E 157 14.39 -6.34 29.44
C TYR E 157 15.87 -6.33 29.09
N PHE E 158 16.29 -7.30 28.29
CA PHE E 158 17.66 -7.44 27.78
C PHE E 158 18.71 -7.03 28.83
N GLY E 159 18.81 -7.82 29.89
CA GLY E 159 19.61 -7.47 31.05
C GLY E 159 18.71 -6.74 32.01
N ASP E 160 19.23 -5.71 32.67
CA ASP E 160 18.37 -4.94 33.55
C ASP E 160 18.15 -3.51 33.07
N ASN E 161 17.33 -3.38 32.04
CA ASN E 161 16.85 -2.10 31.60
C ASN E 161 15.41 -2.02 32.10
N PRO E 162 15.13 -1.06 33.01
CA PRO E 162 13.83 -1.02 33.69
C PRO E 162 12.74 -0.23 32.96
N TYR E 163 13.05 0.31 31.79
CA TYR E 163 12.15 1.21 31.09
C TYR E 163 11.94 0.79 29.65
N THR E 164 10.83 0.10 29.39
CA THR E 164 10.38 -0.21 28.02
C THR E 164 8.88 -0.01 28.02
N HIS E 165 8.24 -0.08 26.85
CA HIS E 165 6.80 0.08 26.78
C HIS E 165 6.04 -1.03 27.52
N GLY E 166 6.76 -2.06 27.97
CA GLY E 166 6.21 -3.16 28.76
C GLY E 166 6.43 -3.06 30.27
N THR E 167 7.03 -1.96 30.74
CA THR E 167 7.27 -1.78 32.17
C THR E 167 6.59 -0.57 32.85
N PRO E 168 5.88 0.29 32.09
CA PRO E 168 5.54 1.57 32.73
C PRO E 168 4.73 1.44 34.01
N PHE E 169 3.83 0.47 34.06
CA PHE E 169 2.95 0.36 35.23
C PHE E 169 3.59 -0.36 36.39
N ARG E 170 4.58 -1.21 36.11
CA ARG E 170 5.43 -1.78 37.14
C ARG E 170 6.17 -0.65 37.85
N ARG E 171 6.80 0.23 37.05
CA ARG E 171 7.51 1.37 37.59
C ARG E 171 6.58 2.29 38.37
N ALA E 172 5.43 2.60 37.78
CA ALA E 172 4.52 3.54 38.41
C ALA E 172 4.02 3.01 39.74
N ILE E 173 3.75 1.70 39.81
CA ILE E 173 3.30 1.10 41.06
C ILE E 173 4.41 1.15 42.09
N GLU E 174 5.60 0.70 41.70
CA GLU E 174 6.77 0.75 42.58
C GLU E 174 7.10 2.16 43.08
N GLU E 175 6.82 3.17 42.27
CA GLU E 175 7.11 4.55 42.63
C GLU E 175 5.98 5.23 43.41
N GLY E 176 4.97 4.44 43.78
CA GLY E 176 3.83 4.92 44.55
C GLY E 176 2.93 5.89 43.81
N LEU E 177 2.97 5.83 42.47
CA LEU E 177 2.21 6.77 41.61
C LEU E 177 0.85 6.23 41.16
N LEU E 178 0.75 4.93 41.06
CA LEU E 178 -0.45 4.27 40.67
C LEU E 178 -0.88 3.33 41.76
N ASP E 179 -2.11 3.42 42.22
CA ASP E 179 -2.67 2.51 43.21
C ASP E 179 -3.18 1.23 42.53
N PRO E 180 -2.51 0.09 42.77
CA PRO E 180 -2.84 -1.14 42.05
C PRO E 180 -4.20 -1.68 42.46
N LEU E 181 -4.67 -1.32 43.65
CA LEU E 181 -5.98 -1.74 44.13
C LEU E 181 -7.09 -0.98 43.43
N ARG E 182 -6.73 0.16 42.81
CA ARG E 182 -7.69 0.96 42.05
C ARG E 182 -7.35 0.98 40.55
N THR E 183 -6.70 -0.10 40.09
CA THR E 183 -6.29 -0.26 38.71
C THR E 183 -7.01 -1.45 38.10
N VAL E 184 -7.74 -1.18 37.02
CA VAL E 184 -8.39 -2.23 36.25
C VAL E 184 -7.87 -2.25 34.82
N GLN E 185 -7.49 -3.43 34.34
CA GLN E 185 -6.98 -3.61 32.99
C GLN E 185 -7.95 -4.45 32.19
N ILE E 186 -8.21 -4.04 30.94
CA ILE E 186 -9.25 -4.66 30.11
C ILE E 186 -8.72 -4.97 28.71
N GLY E 187 -8.84 -6.24 28.28
CA GLY E 187 -8.49 -6.66 26.92
C GLY E 187 -7.30 -7.59 26.82
N ILE E 188 -6.59 -7.80 27.92
CA ILE E 188 -5.31 -8.54 27.94
C ILE E 188 -5.42 -9.89 27.25
N ARG E 189 -4.49 -10.17 26.36
CA ARG E 189 -4.55 -11.39 25.54
C ARG E 189 -3.25 -11.67 24.81
N GLY E 190 -3.16 -12.88 24.26
CA GLY E 190 -2.01 -13.28 23.45
C GLY E 190 -1.04 -14.11 24.26
N SER E 191 -0.30 -14.97 23.56
CA SER E 191 0.69 -15.85 24.19
C SER E 191 1.72 -15.08 25.05
N VAL E 192 2.26 -15.77 26.06
CA VAL E 192 3.21 -15.16 26.99
C VAL E 192 4.58 -15.87 26.99
N TYR E 193 5.60 -15.15 27.46
CA TYR E 193 6.99 -15.59 27.40
C TYR E 193 7.25 -16.78 28.30
N SER E 194 6.62 -16.80 29.47
CA SER E 194 6.80 -17.93 30.39
C SER E 194 5.56 -18.11 31.26
N PRO E 195 5.41 -19.30 31.89
CA PRO E 195 4.22 -19.62 32.69
C PRO E 195 3.84 -18.54 33.71
N ASP E 196 4.81 -17.74 34.14
CA ASP E 196 4.56 -16.81 35.25
C ASP E 196 5.07 -15.37 35.01
N ASP E 197 4.58 -14.76 33.93
CA ASP E 197 4.70 -13.32 33.69
C ASP E 197 3.71 -12.53 34.57
N ASP E 198 2.51 -13.10 34.72
CA ASP E 198 1.34 -12.49 35.37
C ASP E 198 1.52 -12.35 36.89
N ALA E 199 2.61 -12.92 37.40
CA ALA E 199 2.89 -12.95 38.83
C ALA E 199 2.65 -11.58 39.49
N PHE E 200 3.32 -10.55 38.99
CA PHE E 200 3.29 -9.24 39.63
C PHE E 200 1.88 -8.65 39.75
N ALA E 201 1.14 -8.68 38.64
CA ALA E 201 -0.19 -8.06 38.59
C ALA E 201 -1.16 -8.66 39.62
N ARG E 202 -1.20 -9.98 39.74
CA ARG E 202 -2.10 -10.61 40.68
C ARG E 202 -1.61 -10.46 42.12
N GLU E 203 -0.30 -10.51 42.31
CA GLU E 203 0.26 -10.42 43.65
C GLU E 203 0.07 -9.04 44.30
N CYS E 204 -0.13 -8.00 43.48
CA CYS E 204 -0.42 -6.66 44.03
C CYS E 204 -1.89 -6.27 43.88
N GLY E 205 -2.67 -7.12 43.22
CA GLY E 205 -4.11 -6.97 43.19
C GLY E 205 -4.67 -6.03 42.14
N ILE E 206 -3.99 -5.90 41.01
CA ILE E 206 -4.58 -5.22 39.86
C ILE E 206 -5.75 -6.09 39.43
N ARG E 207 -6.85 -5.46 39.05
CA ARG E 207 -7.95 -6.20 38.46
C ARG E 207 -7.69 -6.44 36.97
N VAL E 208 -7.43 -7.70 36.59
CA VAL E 208 -7.05 -8.01 35.23
C VAL E 208 -8.17 -8.73 34.48
N ILE E 209 -8.87 -7.97 33.66
CA ILE E 209 -9.95 -8.52 32.86
C ILE E 209 -9.41 -8.93 31.49
N HIS E 210 -8.96 -10.18 31.39
CA HIS E 210 -8.52 -10.71 30.10
C HIS E 210 -9.62 -10.62 29.05
N MET E 211 -9.20 -10.67 27.78
CA MET E 211 -10.12 -10.70 26.65
C MET E 211 -11.20 -11.77 26.84
N GLU E 212 -10.79 -12.97 27.23
CA GLU E 212 -11.73 -14.08 27.44
C GLU E 212 -12.80 -13.70 28.45
N GLU E 213 -12.38 -13.10 29.57
CA GLU E 213 -13.32 -12.67 30.62
C GLU E 213 -14.21 -11.52 30.15
N PHE E 214 -13.63 -10.55 29.43
CA PHE E 214 -14.41 -9.47 28.84
C PHE E 214 -15.58 -9.96 27.96
N VAL E 215 -15.33 -10.99 27.16
CA VAL E 215 -16.36 -11.65 26.35
C VAL E 215 -17.44 -12.35 27.22
N GLU E 216 -16.99 -13.00 28.30
CA GLU E 216 -17.89 -13.71 29.21
C GLU E 216 -18.78 -12.70 29.93
N LEU E 217 -18.18 -11.65 30.44
CA LEU E 217 -18.89 -10.59 31.10
C LEU E 217 -19.80 -9.75 30.26
N GLY E 218 -19.34 -9.38 29.09
CA GLY E 218 -20.06 -8.45 28.22
C GLY E 218 -19.65 -7.03 28.55
N VAL E 219 -20.04 -6.06 27.72
CA VAL E 219 -19.69 -4.65 27.92
C VAL E 219 -20.22 -4.06 29.23
N GLU E 220 -21.50 -4.31 29.50
CA GLU E 220 -22.17 -3.71 30.65
C GLU E 220 -21.56 -4.17 31.98
N ALA E 221 -21.32 -5.48 32.11
CA ALA E 221 -20.73 -6.01 33.34
C ALA E 221 -19.24 -5.71 33.49
N THR E 222 -18.55 -5.50 32.36
CA THR E 222 -17.16 -5.04 32.36
C THR E 222 -17.12 -3.60 32.84
N LEU E 223 -18.02 -2.79 32.32
CA LEU E 223 -18.18 -1.41 32.78
C LEU E 223 -18.47 -1.32 34.29
N ALA E 224 -19.42 -2.12 34.76
CA ALA E 224 -19.75 -2.15 36.18
C ALA E 224 -18.52 -2.51 37.00
N GLU E 225 -17.74 -3.48 36.53
CA GLU E 225 -16.55 -3.91 37.28
C GLU E 225 -15.41 -2.88 37.27
N ALA E 226 -15.22 -2.21 36.14
CA ALA E 226 -14.20 -1.17 36.02
C ALA E 226 -14.50 0.00 36.94
N ARG E 227 -15.77 0.40 36.99
CA ARG E 227 -16.22 1.49 37.85
C ARG E 227 -16.09 1.13 39.34
N ARG E 228 -16.42 -0.12 39.66
CA ARG E 228 -16.29 -0.59 41.02
C ARG E 228 -14.83 -0.53 41.48
N VAL E 229 -13.90 -0.88 40.60
CA VAL E 229 -12.48 -0.88 40.93
C VAL E 229 -11.93 0.51 41.19
N VAL E 230 -12.36 1.49 40.40
CA VAL E 230 -11.79 2.82 40.51
C VAL E 230 -12.50 3.72 41.52
N GLY E 231 -13.77 3.44 41.80
CA GLY E 231 -14.55 4.21 42.77
C GLY E 231 -14.69 5.68 42.41
N ALA E 232 -14.78 6.51 43.44
CA ALA E 232 -14.93 7.95 43.26
C ALA E 232 -13.56 8.67 43.28
N GLY E 233 -12.48 7.91 43.44
CA GLY E 233 -11.15 8.51 43.52
C GLY E 233 -10.63 9.06 42.20
N PRO E 234 -9.55 9.86 42.24
CA PRO E 234 -8.98 10.40 41.01
C PRO E 234 -8.41 9.25 40.15
N THR E 235 -8.79 9.25 38.87
CA THR E 235 -8.57 8.13 37.96
C THR E 235 -8.03 8.62 36.61
N TYR E 236 -7.11 7.86 36.05
CA TYR E 236 -6.53 8.12 34.74
C TYR E 236 -7.03 7.04 33.80
N VAL E 237 -7.23 7.41 32.53
CA VAL E 237 -7.57 6.46 31.47
C VAL E 237 -6.43 6.32 30.47
N SER E 238 -5.91 5.10 30.33
CA SER E 238 -4.83 4.86 29.37
C SER E 238 -5.31 3.90 28.28
N PHE E 239 -5.48 4.42 27.08
CA PHE E 239 -6.04 3.64 25.99
C PHE E 239 -4.94 3.27 25.00
N ASP E 240 -4.54 2.00 25.02
CA ASP E 240 -3.59 1.47 24.07
C ASP E 240 -4.35 0.91 22.90
N VAL E 241 -4.10 1.45 21.70
CA VAL E 241 -4.84 1.01 20.51
C VAL E 241 -4.69 -0.48 20.22
N ASP E 242 -3.61 -1.09 20.70
CA ASP E 242 -3.47 -2.55 20.51
C ASP E 242 -4.53 -3.38 21.26
N VAL E 243 -5.30 -2.76 22.14
CA VAL E 243 -6.46 -3.45 22.70
C VAL E 243 -7.44 -3.84 21.60
N LEU E 244 -7.53 -3.02 20.55
CA LEU E 244 -8.48 -3.27 19.47
C LEU E 244 -7.97 -4.39 18.59
N ASP E 245 -8.87 -5.12 17.94
CA ASP E 245 -8.44 -6.05 16.93
C ASP E 245 -7.63 -5.34 15.85
N PRO E 246 -6.60 -6.00 15.33
CA PRO E 246 -5.83 -5.46 14.21
C PRO E 246 -6.68 -5.01 13.02
N ALA E 247 -7.87 -5.59 12.88
CA ALA E 247 -8.84 -5.19 11.86
C ALA E 247 -9.23 -3.73 12.01
N PHE E 248 -9.29 -3.29 13.27
CA PHE E 248 -9.67 -1.92 13.62
C PHE E 248 -8.46 -1.06 13.86
N ALA E 249 -7.35 -1.66 14.33
CA ALA E 249 -6.11 -0.91 14.58
C ALA E 249 -4.85 -1.58 14.01
N PRO E 250 -4.69 -1.58 12.67
CA PRO E 250 -3.50 -2.29 12.15
C PRO E 250 -2.17 -1.59 12.49
N GLY E 251 -2.20 -0.27 12.63
CA GLY E 251 -0.97 0.50 12.84
C GLY E 251 -0.54 0.53 14.29
N THR E 252 0.03 -0.60 14.74
CA THR E 252 0.52 -0.74 16.11
C THR E 252 1.65 -1.78 16.17
N GLY E 253 2.59 -1.57 17.09
CA GLY E 253 3.82 -2.35 17.10
C GLY E 253 3.67 -3.81 17.51
N THR E 254 2.84 -4.06 18.52
CA THR E 254 2.69 -5.39 19.06
C THR E 254 1.22 -5.84 18.99
N PRO E 255 0.74 -6.18 17.79
CA PRO E 255 -0.67 -6.58 17.66
C PRO E 255 -0.93 -8.01 18.18
N GLU E 256 -2.11 -8.22 18.74
CA GLU E 256 -2.57 -9.56 19.11
C GLU E 256 -3.95 -9.72 18.48
N ILE E 257 -4.11 -10.73 17.63
CA ILE E 257 -5.42 -10.94 17.02
C ILE E 257 -6.45 -11.26 18.10
N GLY E 258 -7.73 -11.20 17.73
CA GLY E 258 -8.85 -11.53 18.62
C GLY E 258 -9.16 -10.44 19.64
N GLY E 259 -9.25 -9.20 19.19
CA GLY E 259 -9.38 -8.09 20.12
C GLY E 259 -10.71 -7.38 20.14
N MET E 260 -10.76 -6.32 20.93
CA MET E 260 -11.94 -5.46 21.08
C MET E 260 -12.26 -4.76 19.76
N THR E 261 -13.52 -4.40 19.56
CA THR E 261 -13.92 -3.64 18.39
C THR E 261 -13.92 -2.17 18.74
N SER E 262 -13.75 -1.31 17.72
CA SER E 262 -13.95 0.14 17.86
C SER E 262 -15.23 0.46 18.62
N LEU E 263 -16.32 -0.20 18.24
CA LEU E 263 -17.61 -0.01 18.86
C LEU E 263 -17.59 -0.28 20.37
N GLN E 264 -17.03 -1.43 20.76
CA GLN E 264 -16.93 -1.80 22.16
C GLN E 264 -16.13 -0.76 22.95
N ALA E 265 -14.97 -0.36 22.40
CA ALA E 265 -14.13 0.68 23.01
C ALA E 265 -14.89 1.97 23.29
N GLN E 266 -15.71 2.37 22.31
CA GLN E 266 -16.53 3.57 22.46
C GLN E 266 -17.56 3.38 23.55
N GLN E 267 -18.28 2.26 23.50
CA GLN E 267 -19.27 1.97 24.55
C GLN E 267 -18.63 1.98 25.93
N LEU E 268 -17.44 1.38 26.05
CA LEU E 268 -16.70 1.37 27.33
C LEU E 268 -16.22 2.74 27.79
N VAL E 269 -15.54 3.50 26.94
CA VAL E 269 -15.10 4.83 27.34
C VAL E 269 -16.32 5.71 27.72
N ARG E 270 -17.34 5.74 26.85
CA ARG E 270 -18.56 6.52 27.14
C ARG E 270 -19.15 6.22 28.53
N GLY E 271 -18.98 4.97 28.99
CA GLY E 271 -19.49 4.56 30.28
C GLY E 271 -18.67 5.06 31.46
N LEU E 272 -17.56 5.73 31.18
CA LEU E 272 -16.72 6.29 32.24
C LEU E 272 -17.16 7.69 32.68
N ARG E 273 -18.23 8.19 32.06
CA ARG E 273 -18.81 9.49 32.40
C ARG E 273 -19.09 9.60 33.89
N GLY E 274 -18.76 10.75 34.47
CA GLY E 274 -19.04 11.02 35.90
C GLY E 274 -17.89 10.69 36.85
N LEU E 275 -16.90 9.95 36.37
CA LEU E 275 -15.75 9.61 37.19
C LEU E 275 -14.83 10.81 37.33
N ASP E 276 -14.00 10.79 38.36
CA ASP E 276 -13.04 11.87 38.60
C ASP E 276 -11.80 11.66 37.73
N LEU E 277 -11.90 12.06 36.46
CA LEU E 277 -10.81 11.84 35.52
C LEU E 277 -9.83 12.98 35.56
N VAL E 278 -8.58 12.68 35.89
CA VAL E 278 -7.52 13.69 36.00
C VAL E 278 -6.62 13.78 34.78
N GLY E 279 -6.88 12.91 33.79
CA GLY E 279 -6.09 12.86 32.56
C GLY E 279 -6.26 11.55 31.80
N ALA E 280 -5.80 11.55 30.55
CA ALA E 280 -5.94 10.38 29.69
C ALA E 280 -4.93 10.40 28.58
N ASP E 281 -4.67 9.23 28.00
CA ASP E 281 -3.81 9.14 26.82
C ASP E 281 -4.30 8.08 25.85
N VAL E 282 -3.87 8.23 24.61
CA VAL E 282 -4.08 7.26 23.54
C VAL E 282 -2.70 6.91 23.05
N VAL E 283 -2.33 5.64 23.18
CA VAL E 283 -0.93 5.27 22.91
C VAL E 283 -0.78 4.13 21.91
N GLU E 284 0.42 4.07 21.33
CA GLU E 284 0.86 2.97 20.45
C GLU E 284 0.35 3.08 19.02
N VAL E 285 -0.06 4.28 18.61
CA VAL E 285 -0.37 4.52 17.20
C VAL E 285 0.97 4.59 16.47
N SER E 286 1.14 3.70 15.49
CA SER E 286 2.42 3.53 14.83
C SER E 286 2.22 3.64 13.33
N PRO E 287 2.30 4.87 12.78
CA PRO E 287 2.07 5.14 11.35
C PRO E 287 2.81 4.23 10.33
N PRO E 288 4.09 3.87 10.59
CA PRO E 288 4.70 3.03 9.54
C PRO E 288 4.03 1.65 9.37
N PHE E 289 3.17 1.25 10.30
CA PHE E 289 2.37 0.02 10.14
C PHE E 289 0.87 0.27 9.89
N ASP E 290 0.46 1.53 9.84
CA ASP E 290 -0.96 1.88 9.66
C ASP E 290 -1.34 1.67 8.20
N VAL E 291 -2.64 1.64 7.93
CA VAL E 291 -3.16 1.45 6.58
C VAL E 291 -4.09 2.62 6.27
N GLY E 292 -3.70 3.49 5.35
CA GLY E 292 -4.52 4.65 5.00
C GLY E 292 -5.00 5.44 6.21
N GLY E 293 -4.22 5.40 7.29
CA GLY E 293 -4.49 6.20 8.45
C GLY E 293 -5.60 5.69 9.34
N ALA E 294 -6.00 4.43 9.15
CA ALA E 294 -7.07 3.83 9.96
C ALA E 294 -6.85 4.04 11.47
N THR E 295 -5.66 3.70 11.95
CA THR E 295 -5.40 3.70 13.39
C THR E 295 -5.25 5.12 13.91
N ALA E 296 -4.69 6.01 13.08
CA ALA E 296 -4.61 7.42 13.45
C ALA E 296 -6.02 7.96 13.65
N LEU E 297 -6.97 7.54 12.81
CA LEU E 297 -8.36 7.98 12.94
C LEU E 297 -9.01 7.42 14.20
N VAL E 298 -8.78 6.14 14.47
CA VAL E 298 -9.20 5.54 15.73
C VAL E 298 -8.63 6.35 16.90
N GLY E 299 -7.34 6.64 16.83
CA GLY E 299 -6.68 7.43 17.87
C GLY E 299 -7.34 8.79 18.06
N ALA E 300 -7.62 9.45 16.95
CA ALA E 300 -8.27 10.74 16.97
C ALA E 300 -9.68 10.66 17.57
N THR E 301 -10.47 9.67 17.17
CA THR E 301 -11.82 9.53 17.75
C THR E 301 -11.79 9.18 19.24
N MET E 302 -11.00 8.18 19.61
CA MET E 302 -10.86 7.85 21.03
C MET E 302 -10.42 9.07 21.85
N MET E 303 -9.55 9.88 21.27
CA MET E 303 -9.14 11.17 21.85
C MET E 303 -10.34 12.11 22.06
N PHE E 304 -11.20 12.22 21.05
CA PHE E 304 -12.41 13.01 21.20
C PHE E 304 -13.32 12.43 22.27
N GLU E 305 -13.51 11.12 22.28
CA GLU E 305 -14.35 10.49 23.30
C GLU E 305 -13.83 10.85 24.69
N LEU E 306 -12.53 10.63 24.90
CA LEU E 306 -11.91 10.96 26.18
C LEU E 306 -12.05 12.44 26.54
N LEU E 307 -11.81 13.32 25.55
CA LEU E 307 -11.91 14.77 25.74
C LEU E 307 -13.24 15.19 26.33
N CYS E 308 -14.33 14.65 25.81
CA CYS E 308 -15.65 15.02 26.29
C CYS E 308 -15.80 14.78 27.78
N LEU E 309 -15.23 13.68 28.26
CA LEU E 309 -15.32 13.31 29.67
C LEU E 309 -14.41 14.20 30.51
N LEU E 310 -13.22 14.44 29.99
CA LEU E 310 -12.24 15.29 30.64
C LEU E 310 -12.77 16.72 30.80
N ALA E 311 -13.44 17.21 29.76
CA ALA E 311 -14.09 18.52 29.80
C ALA E 311 -15.10 18.64 30.94
N GLU E 312 -15.86 17.58 31.17
CA GLU E 312 -16.83 17.57 32.27
C GLU E 312 -16.13 17.61 33.61
N SER E 313 -15.01 16.89 33.74
CA SER E 313 -14.27 16.89 34.99
C SER E 313 -13.68 18.26 35.30
N ALA E 314 -13.11 18.89 34.27
CA ALA E 314 -12.57 20.23 34.41
C ALA E 314 -13.67 21.24 34.81
N ALA E 315 -14.87 21.07 34.24
CA ALA E 315 -15.99 22.01 34.47
C ALA E 315 -16.52 21.93 35.90
N ARG E 316 -16.55 20.72 36.46
CA ARG E 316 -16.99 20.50 37.84
C ARG E 316 -16.00 21.10 38.83
N SER E 317 -14.71 20.84 38.63
CA SER E 317 -13.69 21.44 39.47
C SER E 317 -13.80 22.97 39.51
N ALA E 318 -14.15 23.57 38.37
CA ALA E 318 -14.31 25.03 38.26
C ALA E 318 -15.74 25.50 38.52
N ASN F 3 -14.59 9.99 -39.57
CA ASN F 3 -14.83 9.46 -40.89
C ASN F 3 -15.00 7.96 -40.93
N ASP F 4 -15.81 7.45 -40.02
CA ASP F 4 -16.34 6.09 -40.02
C ASP F 4 -15.58 4.94 -39.36
N HIS F 5 -14.36 5.16 -38.90
CA HIS F 5 -13.62 4.18 -38.14
C HIS F 5 -14.08 4.13 -36.68
N PRO F 6 -13.85 3.05 -35.97
CA PRO F 6 -14.12 3.02 -34.55
C PRO F 6 -13.31 4.06 -33.81
N GLN F 7 -13.91 4.81 -32.92
CA GLN F 7 -13.22 5.89 -32.20
C GLN F 7 -13.32 5.68 -30.70
N PRO F 8 -12.33 6.16 -29.94
CA PRO F 8 -12.47 6.15 -28.48
C PRO F 8 -13.67 6.96 -28.05
N LEU F 9 -14.21 6.66 -26.88
CA LEU F 9 -15.21 7.51 -26.27
C LEU F 9 -14.69 8.95 -26.27
N ASP F 10 -15.60 9.89 -26.56
CA ASP F 10 -15.24 11.30 -26.70
C ASP F 10 -15.05 11.92 -25.32
N ALA F 11 -13.81 12.33 -25.03
CA ALA F 11 -13.46 12.85 -23.70
C ALA F 11 -13.98 14.27 -23.42
N ALA F 12 -14.47 14.94 -24.46
CA ALA F 12 -15.20 16.20 -24.31
C ALA F 12 -16.64 15.95 -23.86
N GLU F 13 -17.06 14.68 -23.87
CA GLU F 13 -18.41 14.31 -23.50
C GLU F 13 -18.38 13.38 -22.29
N ILE F 14 -17.55 12.33 -22.36
CA ILE F 14 -17.53 11.27 -21.34
C ILE F 14 -16.18 11.22 -20.62
N PRO F 15 -16.15 11.55 -19.33
CA PRO F 15 -14.88 11.64 -18.59
C PRO F 15 -14.16 10.30 -18.52
N ARG F 16 -12.85 10.35 -18.31
CA ARG F 16 -11.98 9.17 -18.43
C ARG F 16 -12.16 8.13 -17.31
N PHE F 17 -12.81 8.53 -16.23
CA PHE F 17 -13.14 7.61 -15.14
C PHE F 17 -14.48 6.88 -15.38
N ALA F 18 -15.17 7.27 -16.45
CA ALA F 18 -16.50 6.72 -16.76
C ALA F 18 -16.46 5.80 -17.97
N GLY F 19 -17.54 5.04 -18.15
CA GLY F 19 -17.61 4.07 -19.24
C GLY F 19 -17.04 2.74 -18.82
N ILE F 20 -17.64 1.67 -19.34
CA ILE F 20 -17.09 0.32 -19.18
C ILE F 20 -15.71 0.36 -19.85
N PRO F 21 -14.67 -0.12 -19.13
CA PRO F 21 -13.30 0.10 -19.56
C PRO F 21 -12.81 -0.91 -20.59
N THR F 22 -12.60 -0.44 -21.81
CA THR F 22 -11.99 -1.20 -22.89
C THR F 22 -10.62 -0.59 -23.19
N PHE F 23 -9.74 -1.33 -23.87
CA PHE F 23 -8.48 -0.77 -24.37
C PHE F 23 -8.76 0.52 -25.12
N MET F 24 -8.08 1.58 -24.71
CA MET F 24 -8.18 2.90 -25.34
C MET F 24 -9.60 3.47 -25.45
N ARG F 25 -10.51 2.94 -24.65
CA ARG F 25 -11.92 3.39 -24.66
C ARG F 25 -12.61 3.10 -26.00
N LEU F 26 -11.99 2.20 -26.78
CA LEU F 26 -12.54 1.76 -28.06
C LEU F 26 -13.80 0.90 -27.90
N PRO F 27 -14.62 0.77 -28.97
CA PRO F 27 -15.74 -0.19 -28.88
C PRO F 27 -15.24 -1.62 -28.80
N ALA F 28 -16.03 -2.49 -28.18
CA ALA F 28 -15.75 -3.94 -28.11
C ALA F 28 -16.19 -4.62 -29.41
N PHE F 29 -15.38 -5.59 -29.84
CA PHE F 29 -15.66 -6.35 -31.04
C PHE F 29 -15.53 -7.84 -30.82
N THR F 30 -16.37 -8.60 -31.47
CA THR F 30 -16.21 -10.03 -31.50
C THR F 30 -15.73 -10.56 -32.82
N ASP F 31 -15.87 -9.80 -33.87
CA ASP F 31 -15.47 -10.25 -35.18
C ASP F 31 -14.23 -9.46 -35.63
N PRO F 32 -13.08 -10.15 -35.80
CA PRO F 32 -11.83 -9.49 -36.15
C PRO F 32 -11.80 -8.96 -37.59
N ALA F 33 -12.68 -9.48 -38.44
CA ALA F 33 -12.80 -8.99 -39.82
C ALA F 33 -13.34 -7.58 -39.84
N ALA F 34 -13.98 -7.17 -38.74
CA ALA F 34 -14.39 -5.78 -38.59
C ALA F 34 -13.22 -4.80 -38.37
N LEU F 35 -11.99 -5.32 -38.13
CA LEU F 35 -10.83 -4.47 -37.77
C LEU F 35 -9.53 -4.76 -38.53
N GLN F 36 -8.64 -3.78 -38.54
CA GLN F 36 -7.32 -3.90 -39.16
C GLN F 36 -6.23 -4.12 -38.09
N VAL F 37 -6.41 -3.50 -36.93
CA VAL F 37 -5.57 -3.77 -35.75
C VAL F 37 -6.52 -4.16 -34.63
N GLY F 38 -6.24 -5.29 -34.01
CA GLY F 38 -7.11 -5.80 -32.94
C GLY F 38 -6.34 -5.83 -31.63
N LEU F 39 -6.95 -5.28 -30.60
CA LEU F 39 -6.35 -5.21 -29.27
C LEU F 39 -6.90 -6.37 -28.44
N ILE F 40 -5.99 -7.22 -27.97
CA ILE F 40 -6.38 -8.50 -27.38
C ILE F 40 -5.66 -8.72 -26.05
N GLY F 41 -6.42 -9.14 -25.04
CA GLY F 41 -5.83 -9.56 -23.79
C GLY F 41 -5.56 -11.05 -23.82
N VAL F 42 -4.45 -11.46 -23.24
CA VAL F 42 -4.23 -12.89 -23.00
C VAL F 42 -3.96 -13.11 -21.52
N PRO F 43 -5.04 -13.18 -20.73
CA PRO F 43 -4.94 -13.20 -19.26
C PRO F 43 -4.48 -14.58 -18.77
N TRP F 44 -3.18 -14.82 -18.81
CA TRP F 44 -2.66 -16.17 -18.67
C TRP F 44 -1.26 -16.17 -18.08
N ASP F 45 -1.08 -16.93 -17.00
CA ASP F 45 0.23 -17.02 -16.38
C ASP F 45 0.56 -18.44 -15.90
N GLY F 46 -0.01 -19.43 -16.58
CA GLY F 46 0.23 -20.84 -16.25
C GLY F 46 1.68 -21.25 -16.42
N GLY F 47 2.47 -20.38 -17.04
CA GLY F 47 3.87 -20.67 -17.29
C GLY F 47 4.85 -20.05 -16.30
N THR F 48 4.33 -19.34 -15.30
CA THR F 48 5.14 -18.62 -14.34
C THR F 48 5.62 -19.56 -13.25
N THR F 49 6.94 -19.56 -13.03
CA THR F 49 7.56 -20.52 -12.13
C THR F 49 7.79 -19.97 -10.72
N ASN F 50 7.69 -18.64 -10.58
CA ASN F 50 7.86 -17.98 -9.28
C ASN F 50 6.69 -17.03 -8.90
N ARG F 51 6.86 -15.72 -9.10
CA ARG F 51 5.82 -14.75 -8.75
C ARG F 51 4.81 -14.58 -9.89
N ALA F 52 3.61 -15.10 -9.69
CA ALA F 52 2.56 -15.04 -10.70
C ALA F 52 1.71 -13.77 -10.57
N GLY F 53 0.57 -13.74 -11.25
CA GLY F 53 -0.34 -12.60 -11.18
C GLY F 53 -0.55 -11.88 -12.50
N ALA F 54 0.23 -12.26 -13.51
CA ALA F 54 0.13 -11.61 -14.82
C ALA F 54 -1.18 -11.93 -15.51
N ARG F 55 -1.89 -12.94 -15.03
CA ARG F 55 -3.24 -13.19 -15.51
C ARG F 55 -4.17 -11.99 -15.31
N HIS F 56 -3.82 -11.09 -14.39
CA HIS F 56 -4.64 -9.89 -14.10
C HIS F 56 -4.22 -8.68 -14.94
N GLY F 57 -3.12 -8.82 -15.68
CA GLY F 57 -2.57 -7.75 -16.48
C GLY F 57 -3.55 -7.05 -17.40
N PRO F 58 -4.20 -7.81 -18.31
CA PRO F 58 -5.06 -7.20 -19.32
C PRO F 58 -6.17 -6.34 -18.73
N ARG F 59 -6.71 -6.75 -17.59
CA ARG F 59 -7.76 -5.94 -16.97
C ARG F 59 -7.26 -4.55 -16.52
N GLU F 60 -6.12 -4.51 -15.83
CA GLU F 60 -5.60 -3.24 -15.30
C GLU F 60 -5.04 -2.36 -16.42
N VAL F 61 -4.43 -2.97 -17.41
CA VAL F 61 -4.00 -2.22 -18.57
C VAL F 61 -5.20 -1.56 -19.23
N ARG F 62 -6.31 -2.29 -19.41
CA ARG F 62 -7.53 -1.69 -19.97
C ARG F 62 -7.90 -0.47 -19.16
N ASN F 63 -7.98 -0.66 -17.83
CA ASN F 63 -8.33 0.39 -16.89
C ASN F 63 -7.49 1.63 -17.12
N LEU F 64 -6.18 1.47 -17.03
CA LEU F 64 -5.27 2.59 -17.12
C LEU F 64 -5.10 3.20 -18.51
N SER F 65 -5.42 2.41 -19.56
CA SER F 65 -5.42 2.89 -20.93
C SER F 65 -6.44 4.02 -21.15
N SER F 66 -7.34 4.21 -20.18
CA SER F 66 -8.27 5.35 -20.16
C SER F 66 -7.59 6.70 -20.30
N LEU F 67 -6.29 6.73 -19.98
CA LEU F 67 -5.50 7.96 -19.94
C LEU F 67 -4.82 8.26 -21.25
N MET F 68 -4.94 7.35 -22.23
CA MET F 68 -4.37 7.57 -23.54
C MET F 68 -5.26 8.51 -24.36
N ARG F 69 -4.63 9.31 -25.22
CA ARG F 69 -5.37 10.22 -26.08
C ARG F 69 -5.27 9.78 -27.56
N LYS F 70 -5.92 10.55 -28.44
CA LYS F 70 -6.10 10.17 -29.86
C LYS F 70 -4.85 10.24 -30.78
N VAL F 71 -3.95 11.17 -30.51
CA VAL F 71 -2.84 11.43 -31.46
C VAL F 71 -1.48 11.35 -30.77
N HIS F 72 -0.54 10.69 -31.42
CA HIS F 72 0.84 10.66 -30.94
C HIS F 72 1.47 12.02 -31.12
N HIS F 73 2.15 12.53 -30.08
CA HIS F 73 2.59 13.93 -30.08
C HIS F 73 3.86 14.18 -30.90
N VAL F 74 4.65 13.12 -31.09
CA VAL F 74 5.86 13.22 -31.90
C VAL F 74 5.58 12.92 -33.39
N SER F 75 5.17 11.69 -33.68
CA SER F 75 4.99 11.23 -35.06
C SER F 75 3.73 11.79 -35.71
N ARG F 76 2.80 12.27 -34.89
CA ARG F 76 1.51 12.81 -35.35
C ARG F 76 0.53 11.75 -35.88
N ILE F 77 0.93 10.48 -35.81
CA ILE F 77 0.07 9.36 -36.20
C ILE F 77 -1.22 9.38 -35.39
N ALA F 78 -2.35 9.35 -36.10
CA ALA F 78 -3.69 9.30 -35.50
C ALA F 78 -4.28 7.93 -35.79
N PRO F 79 -3.92 6.91 -34.97
CA PRO F 79 -4.11 5.51 -35.35
C PRO F 79 -5.55 5.13 -35.69
N TYR F 80 -6.52 5.74 -35.02
CA TYR F 80 -7.92 5.40 -35.24
C TYR F 80 -8.52 6.06 -36.49
N ASP F 81 -7.78 7.00 -37.09
CA ASP F 81 -8.17 7.59 -38.37
C ASP F 81 -7.50 6.86 -39.54
N LEU F 82 -6.28 6.38 -39.34
CA LEU F 82 -5.53 5.65 -40.36
C LEU F 82 -6.17 4.31 -40.69
N VAL F 83 -6.49 3.55 -39.63
CA VAL F 83 -7.00 2.18 -39.74
C VAL F 83 -8.10 1.95 -38.70
N ARG F 84 -8.81 0.84 -38.86
CA ARG F 84 -9.87 0.44 -37.93
C ARG F 84 -9.28 -0.41 -36.78
N VAL F 85 -9.47 0.08 -35.55
CA VAL F 85 -8.92 -0.50 -34.31
C VAL F 85 -10.06 -0.77 -33.34
N GLY F 86 -9.98 -1.88 -32.62
CA GLY F 86 -11.01 -2.20 -31.62
C GLY F 86 -10.53 -3.18 -30.56
N ASP F 87 -11.32 -3.30 -29.50
CA ASP F 87 -11.03 -4.23 -28.41
C ASP F 87 -11.72 -5.57 -28.65
N LEU F 88 -10.93 -6.60 -28.93
CA LEU F 88 -11.45 -7.93 -29.26
C LEU F 88 -11.69 -8.83 -28.02
N GLY F 89 -11.55 -8.22 -26.84
CA GLY F 89 -11.75 -8.95 -25.59
C GLY F 89 -10.56 -9.84 -25.27
N ASP F 90 -10.81 -10.88 -24.50
CA ASP F 90 -9.75 -11.80 -24.10
C ASP F 90 -9.79 -13.09 -24.88
N ALA F 91 -8.59 -13.54 -25.29
CA ALA F 91 -8.40 -14.89 -25.79
C ALA F 91 -8.79 -15.85 -24.69
N PRO F 92 -9.51 -16.93 -25.04
CA PRO F 92 -9.97 -17.89 -24.04
C PRO F 92 -8.79 -18.58 -23.34
N VAL F 93 -8.93 -18.80 -22.04
CA VAL F 93 -7.83 -19.27 -21.22
C VAL F 93 -8.33 -20.33 -20.24
N ASN F 94 -7.52 -21.36 -20.04
CA ASN F 94 -7.83 -22.40 -19.06
C ASN F 94 -6.76 -22.37 -17.98
N PRO F 95 -7.09 -21.79 -16.81
CA PRO F 95 -6.11 -21.56 -15.75
C PRO F 95 -5.62 -22.86 -15.08
N ILE F 96 -6.24 -23.98 -15.40
CA ILE F 96 -5.83 -25.24 -14.77
C ILE F 96 -5.17 -26.21 -15.75
N ASP F 97 -5.27 -25.91 -17.04
CA ASP F 97 -4.78 -26.82 -18.07
C ASP F 97 -3.96 -26.04 -19.10
N LEU F 98 -2.65 -26.24 -19.04
CA LEU F 98 -1.70 -25.46 -19.82
C LEU F 98 -1.82 -25.72 -21.32
N LEU F 99 -1.92 -27.00 -21.68
CA LEU F 99 -2.06 -27.37 -23.09
C LEU F 99 -3.41 -26.93 -23.65
N ASP F 100 -4.45 -27.01 -22.84
CA ASP F 100 -5.76 -26.55 -23.27
C ASP F 100 -5.74 -25.05 -23.53
N SER F 101 -4.99 -24.30 -22.72
CA SER F 101 -4.78 -22.86 -22.98
C SER F 101 -4.04 -22.63 -24.28
N LEU F 102 -2.93 -23.36 -24.49
CA LEU F 102 -2.15 -23.24 -25.73
C LEU F 102 -2.99 -23.45 -26.98
N ARG F 103 -3.84 -24.47 -26.96
CA ARG F 103 -4.76 -24.75 -28.07
C ARG F 103 -5.73 -23.59 -28.25
N ARG F 104 -6.39 -23.18 -27.16
CA ARG F 104 -7.48 -22.23 -27.24
C ARG F 104 -7.02 -20.81 -27.57
N ILE F 105 -5.90 -20.38 -27.00
CA ILE F 105 -5.33 -19.08 -27.35
C ILE F 105 -4.98 -19.02 -28.84
N GLU F 106 -4.31 -20.06 -29.34
CA GLU F 106 -3.99 -20.14 -30.76
C GLU F 106 -5.23 -20.15 -31.66
N GLY F 107 -6.26 -20.88 -31.27
CA GLY F 107 -7.50 -20.93 -32.03
C GLY F 107 -8.05 -19.54 -32.25
N PHE F 108 -8.01 -18.74 -31.17
CA PHE F 108 -8.45 -17.37 -31.22
C PHE F 108 -7.60 -16.55 -32.20
N TYR F 109 -6.28 -16.66 -32.05
CA TYR F 109 -5.35 -15.96 -32.96
C TYR F 109 -5.40 -16.46 -34.39
N ARG F 110 -5.79 -17.72 -34.58
CA ARG F 110 -6.02 -18.24 -35.93
C ARG F 110 -7.11 -17.46 -36.67
N GLN F 111 -8.19 -17.12 -35.96
CA GLN F 111 -9.26 -16.32 -36.56
C GLN F 111 -8.80 -14.90 -36.86
N VAL F 112 -8.03 -14.34 -35.93
CA VAL F 112 -7.51 -13.00 -36.06
C VAL F 112 -6.57 -12.90 -37.27
N HIS F 113 -5.68 -13.90 -37.42
CA HIS F 113 -4.78 -13.98 -38.58
C HIS F 113 -5.52 -14.22 -39.91
N ALA F 114 -6.53 -15.11 -39.90
CA ALA F 114 -7.32 -15.39 -41.12
C ALA F 114 -8.06 -14.16 -41.64
N ALA F 115 -8.50 -13.30 -40.72
CA ALA F 115 -9.21 -12.10 -41.08
C ALA F 115 -8.25 -10.97 -41.53
N GLY F 116 -6.95 -11.21 -41.40
CA GLY F 116 -5.95 -10.25 -41.92
C GLY F 116 -5.66 -9.14 -40.94
N THR F 117 -6.12 -9.33 -39.71
CA THR F 117 -5.98 -8.35 -38.65
C THR F 117 -4.63 -8.58 -37.97
N LEU F 118 -3.87 -7.50 -37.80
CA LEU F 118 -2.64 -7.53 -37.01
C LEU F 118 -2.97 -7.49 -35.51
N PRO F 119 -2.49 -8.47 -34.72
CA PRO F 119 -2.84 -8.45 -33.31
C PRO F 119 -1.88 -7.58 -32.51
N LEU F 120 -2.43 -6.80 -31.58
CA LEU F 120 -1.65 -6.10 -30.53
C LEU F 120 -2.12 -6.62 -29.18
N SER F 121 -1.25 -7.35 -28.48
CA SER F 121 -1.67 -8.13 -27.33
C SER F 121 -1.09 -7.66 -26.00
N VAL F 122 -1.83 -7.91 -24.92
CA VAL F 122 -1.38 -7.66 -23.56
C VAL F 122 -1.46 -8.95 -22.74
N GLY F 123 -0.33 -9.34 -22.17
CA GLY F 123 -0.24 -10.54 -21.33
C GLY F 123 -0.69 -10.27 -19.91
N GLY F 124 -0.60 -11.27 -19.02
CA GLY F 124 -0.07 -12.59 -19.36
C GLY F 124 1.43 -12.63 -19.22
N ASP F 125 1.96 -13.77 -18.79
CA ASP F 125 3.42 -13.90 -18.73
C ASP F 125 3.97 -14.18 -20.14
N HIS F 126 5.28 -14.35 -20.30
CA HIS F 126 5.83 -14.39 -21.65
C HIS F 126 5.46 -15.63 -22.48
N LEU F 127 5.04 -16.70 -21.82
CA LEU F 127 4.54 -17.88 -22.52
C LEU F 127 3.40 -17.57 -23.51
N VAL F 128 2.63 -16.52 -23.24
CA VAL F 128 1.54 -16.11 -24.11
C VAL F 128 1.94 -15.81 -25.55
N THR F 129 3.20 -15.44 -25.73
CA THR F 129 3.70 -15.13 -27.08
C THR F 129 3.76 -16.36 -28.00
N LEU F 130 3.97 -17.54 -27.43
CA LEU F 130 4.08 -18.77 -28.20
C LEU F 130 2.82 -19.13 -29.03
N PRO F 131 1.63 -19.23 -28.40
CA PRO F 131 0.45 -19.55 -29.21
C PRO F 131 0.17 -18.46 -30.25
N ILE F 132 0.60 -17.24 -29.96
CA ILE F 132 0.51 -16.16 -30.94
C ILE F 132 1.38 -16.50 -32.14
N PHE F 133 2.63 -16.87 -31.88
CA PHE F 133 3.58 -17.19 -32.96
C PHE F 133 3.14 -18.41 -33.75
N ARG F 134 2.49 -19.35 -33.09
CA ARG F 134 1.92 -20.53 -33.70
C ARG F 134 0.84 -20.20 -34.67
N ALA F 135 -0.01 -19.27 -34.34
CA ALA F 135 -0.92 -18.63 -35.27
C ALA F 135 -0.35 -17.76 -36.36
N LEU F 136 0.65 -16.98 -36.00
CA LEU F 136 1.21 -15.97 -36.88
C LEU F 136 2.42 -16.26 -37.72
N GLY F 137 3.14 -17.33 -37.41
CA GLY F 137 4.37 -17.66 -38.06
C GLY F 137 4.48 -18.89 -38.91
N ARG F 138 3.37 -19.52 -39.27
CA ARG F 138 3.39 -20.71 -40.09
C ARG F 138 3.79 -20.47 -41.52
N GLU F 139 3.30 -19.41 -42.12
CA GLU F 139 3.67 -19.19 -43.52
C GLU F 139 5.11 -18.83 -43.87
N ARG F 140 5.69 -17.92 -43.13
CA ARG F 140 7.10 -17.54 -43.15
C ARG F 140 7.55 -17.26 -41.73
N PRO F 141 8.75 -17.74 -41.33
CA PRO F 141 9.19 -17.50 -39.97
C PRO F 141 9.36 -16.00 -39.69
N LEU F 142 8.94 -15.57 -38.52
CA LEU F 142 8.95 -14.14 -38.18
C LEU F 142 10.33 -13.66 -37.75
N GLY F 143 10.64 -12.40 -38.03
CA GLY F 143 11.75 -11.73 -37.36
C GLY F 143 11.21 -11.14 -36.06
N MET F 144 12.10 -10.75 -35.14
CA MET F 144 11.64 -10.17 -33.89
C MET F 144 12.60 -9.17 -33.23
N VAL F 145 12.00 -8.07 -32.76
CA VAL F 145 12.63 -7.17 -31.81
C VAL F 145 12.01 -7.49 -30.46
N HIS F 146 12.85 -7.86 -29.50
CA HIS F 146 12.42 -8.38 -28.22
C HIS F 146 13.09 -7.62 -27.07
N PHE F 147 12.29 -6.86 -26.31
CA PHE F 147 12.74 -6.11 -25.12
C PHE F 147 12.47 -6.91 -23.86
N ASP F 148 13.53 -7.31 -23.16
CA ASP F 148 13.39 -8.19 -22.00
C ASP F 148 14.65 -8.16 -21.15
N ALA F 149 14.52 -8.59 -19.90
CA ALA F 149 15.66 -8.82 -19.03
C ALA F 149 16.11 -10.26 -19.22
N HIS F 150 15.24 -11.08 -19.77
CA HIS F 150 15.54 -12.49 -19.95
C HIS F 150 15.44 -12.89 -21.39
N SER F 151 16.17 -13.94 -21.72
CA SER F 151 16.24 -14.41 -23.08
C SER F 151 15.00 -15.23 -23.46
N ASP F 152 14.38 -15.85 -22.46
CA ASP F 152 13.19 -16.71 -22.65
C ASP F 152 13.40 -17.77 -23.74
N THR F 153 14.60 -18.35 -23.77
CA THR F 153 14.96 -19.40 -24.72
C THR F 153 15.47 -20.67 -24.02
N ASN F 154 14.95 -20.94 -22.82
CA ASN F 154 15.32 -22.15 -22.08
C ASN F 154 14.63 -23.37 -22.64
N ASP F 155 15.07 -24.53 -22.18
CA ASP F 155 14.55 -25.78 -22.70
C ASP F 155 13.43 -26.36 -21.83
N ARG F 156 13.78 -26.87 -20.65
CA ARG F 156 12.84 -27.65 -19.83
C ARG F 156 12.92 -27.22 -18.38
N TYR F 157 11.80 -27.29 -17.67
CA TYR F 157 11.77 -27.01 -16.24
C TYR F 157 11.15 -28.16 -15.45
N PHE F 158 11.75 -28.45 -14.29
CA PHE F 158 11.19 -29.35 -13.27
C PHE F 158 10.62 -30.73 -13.70
N GLY F 159 11.30 -31.57 -14.48
CA GLY F 159 12.44 -31.27 -15.32
C GLY F 159 12.16 -31.66 -16.78
N ASP F 160 10.93 -32.04 -17.09
CA ASP F 160 10.53 -32.31 -18.49
C ASP F 160 9.34 -31.50 -19.00
N ASN F 161 9.21 -30.25 -18.54
CA ASN F 161 8.13 -29.38 -18.99
C ASN F 161 8.61 -28.35 -20.00
N PRO F 162 8.09 -28.43 -21.24
CA PRO F 162 8.63 -27.58 -22.31
C PRO F 162 8.01 -26.19 -22.39
N TYR F 163 6.95 -25.94 -21.62
CA TYR F 163 6.23 -24.68 -21.70
C TYR F 163 6.21 -23.85 -20.40
N THR F 164 7.11 -22.86 -20.32
CA THR F 164 7.07 -21.84 -19.27
C THR F 164 7.29 -20.47 -19.92
N HIS F 165 7.20 -19.40 -19.13
CA HIS F 165 7.46 -18.04 -19.60
C HIS F 165 8.94 -17.87 -20.00
N GLY F 166 9.77 -18.84 -19.60
CA GLY F 166 11.18 -18.87 -19.96
C GLY F 166 11.53 -19.71 -21.19
N THR F 167 10.53 -20.32 -21.83
CA THR F 167 10.78 -21.20 -22.97
C THR F 167 10.08 -20.83 -24.29
N PRO F 168 9.28 -19.74 -24.33
CA PRO F 168 8.46 -19.53 -25.53
C PRO F 168 9.23 -19.41 -26.84
N PHE F 169 10.40 -18.77 -26.81
CA PHE F 169 11.15 -18.55 -28.03
C PHE F 169 12.05 -19.74 -28.44
N ARG F 170 12.36 -20.61 -27.50
CA ARG F 170 13.05 -21.85 -27.85
C ARG F 170 12.09 -22.73 -28.67
N ARG F 171 10.88 -22.89 -28.14
CA ARG F 171 9.82 -23.57 -28.86
C ARG F 171 9.62 -22.92 -30.21
N ALA F 172 9.51 -21.59 -30.22
CA ALA F 172 9.22 -20.89 -31.45
C ALA F 172 10.29 -21.16 -32.51
N ILE F 173 11.56 -21.22 -32.07
CA ILE F 173 12.65 -21.49 -33.00
C ILE F 173 12.60 -22.96 -33.47
N GLU F 174 12.43 -23.89 -32.54
CA GLU F 174 12.30 -25.32 -32.82
C GLU F 174 11.15 -25.64 -33.76
N GLU F 175 10.05 -24.90 -33.65
CA GLU F 175 8.86 -25.13 -34.46
C GLU F 175 8.90 -24.35 -35.79
N GLY F 176 10.03 -23.67 -36.04
CA GLY F 176 10.26 -22.95 -37.28
C GLY F 176 9.41 -21.71 -37.47
N LEU F 177 8.95 -21.13 -36.36
CA LEU F 177 8.04 -19.97 -36.39
C LEU F 177 8.76 -18.64 -36.21
N LEU F 178 9.92 -18.71 -35.55
CA LEU F 178 10.74 -17.55 -35.24
C LEU F 178 12.12 -17.76 -35.88
N ASP F 179 12.52 -16.83 -36.74
CA ASP F 179 13.83 -16.86 -37.37
C ASP F 179 14.84 -16.28 -36.40
N PRO F 180 15.77 -17.11 -35.90
CA PRO F 180 16.74 -16.60 -34.94
C PRO F 180 17.71 -15.61 -35.57
N LEU F 181 18.00 -15.80 -36.86
CA LEU F 181 18.95 -14.94 -37.58
C LEU F 181 18.35 -13.57 -37.85
N ARG F 182 17.05 -13.42 -37.55
CA ARG F 182 16.37 -12.14 -37.62
C ARG F 182 15.76 -11.75 -36.26
N THR F 183 16.37 -12.24 -35.19
CA THR F 183 15.92 -11.98 -33.83
C THR F 183 16.95 -11.16 -33.10
N VAL F 184 16.51 -10.03 -32.55
CA VAL F 184 17.37 -9.24 -31.67
C VAL F 184 16.72 -9.09 -30.30
N GLN F 185 17.50 -9.37 -29.26
CA GLN F 185 17.04 -9.21 -27.89
C GLN F 185 17.79 -8.09 -27.20
N ILE F 186 17.04 -7.16 -26.61
CA ILE F 186 17.60 -5.94 -25.99
C ILE F 186 17.26 -5.82 -24.51
N GLY F 187 18.30 -5.69 -23.69
CA GLY F 187 18.15 -5.40 -22.26
C GLY F 187 18.50 -6.49 -21.26
N ILE F 188 18.90 -7.66 -21.78
CA ILE F 188 19.21 -8.85 -20.97
C ILE F 188 20.20 -8.54 -19.84
N ARG F 189 19.86 -8.91 -18.61
CA ARG F 189 20.67 -8.63 -17.42
C ARG F 189 20.21 -9.46 -16.22
N GLY F 190 21.04 -9.52 -15.19
CA GLY F 190 20.71 -10.26 -13.98
C GLY F 190 21.51 -11.55 -13.89
N SER F 191 21.80 -11.96 -12.66
CA SER F 191 22.58 -13.17 -12.42
C SER F 191 21.91 -14.38 -13.08
N VAL F 192 22.73 -15.33 -13.52
CA VAL F 192 22.22 -16.54 -14.19
C VAL F 192 22.55 -17.86 -13.48
N TYR F 193 21.88 -18.93 -13.91
CA TYR F 193 21.91 -20.22 -13.26
C TYR F 193 23.24 -20.95 -13.43
N SER F 194 23.81 -20.89 -14.62
CA SER F 194 25.08 -21.50 -14.88
C SER F 194 25.92 -20.60 -15.73
N PRO F 195 27.21 -20.85 -15.69
CA PRO F 195 28.24 -19.97 -16.17
C PRO F 195 28.07 -19.64 -17.62
N ASP F 196 27.44 -20.53 -18.35
CA ASP F 196 27.10 -20.14 -19.71
C ASP F 196 25.58 -20.12 -19.94
N ASP F 197 25.04 -18.90 -19.85
CA ASP F 197 23.64 -18.61 -20.13
C ASP F 197 23.37 -18.72 -21.63
N ASP F 198 24.20 -18.03 -22.42
CA ASP F 198 23.92 -17.78 -23.83
C ASP F 198 24.19 -18.96 -24.77
N ALA F 199 24.13 -20.18 -24.24
CA ALA F 199 24.47 -21.37 -25.02
C ALA F 199 23.63 -21.45 -26.28
N PHE F 200 22.33 -21.72 -26.12
CA PHE F 200 21.39 -21.86 -27.23
C PHE F 200 21.32 -20.60 -28.10
N ALA F 201 21.29 -19.45 -27.43
CA ALA F 201 21.16 -18.15 -28.09
C ALA F 201 22.27 -17.88 -29.10
N ARG F 202 23.50 -18.17 -28.70
CA ARG F 202 24.67 -17.95 -29.55
C ARG F 202 24.72 -18.95 -30.70
N GLU F 203 24.45 -20.21 -30.39
CA GLU F 203 24.57 -21.30 -31.37
C GLU F 203 23.60 -21.20 -32.54
N CYS F 204 22.44 -20.58 -32.32
CA CYS F 204 21.49 -20.39 -33.42
C CYS F 204 21.50 -18.96 -33.94
N GLY F 205 22.39 -18.14 -33.39
CA GLY F 205 22.73 -16.84 -33.96
C GLY F 205 21.82 -15.67 -33.61
N ILE F 206 21.10 -15.77 -32.50
CA ILE F 206 20.32 -14.65 -31.99
C ILE F 206 21.28 -13.53 -31.61
N ARG F 207 20.93 -12.30 -31.99
CA ARG F 207 21.67 -11.10 -31.58
C ARG F 207 21.21 -10.67 -30.18
N VAL F 208 22.07 -10.89 -29.19
CA VAL F 208 21.76 -10.55 -27.80
C VAL F 208 22.50 -9.27 -27.36
N ILE F 209 21.74 -8.19 -27.25
CA ILE F 209 22.26 -6.93 -26.77
C ILE F 209 21.93 -6.89 -25.28
N HIS F 210 22.88 -7.33 -24.45
CA HIS F 210 22.74 -7.28 -23.00
C HIS F 210 22.59 -5.83 -22.53
N MET F 211 22.08 -5.64 -21.31
CA MET F 211 21.94 -4.31 -20.72
C MET F 211 23.25 -3.54 -20.82
N GLU F 212 24.36 -4.20 -20.50
CA GLU F 212 25.68 -3.58 -20.53
C GLU F 212 26.01 -3.04 -21.92
N GLU F 213 25.81 -3.87 -22.95
CA GLU F 213 26.10 -3.47 -24.33
C GLU F 213 25.20 -2.30 -24.76
N PHE F 214 23.92 -2.37 -24.37
CA PHE F 214 22.97 -1.28 -24.61
C PHE F 214 23.41 0.09 -24.02
N VAL F 215 24.06 0.07 -22.85
CA VAL F 215 24.62 1.29 -22.26
C VAL F 215 25.87 1.78 -23.03
N GLU F 216 26.77 0.86 -23.36
CA GLU F 216 27.93 1.15 -24.22
C GLU F 216 27.52 1.74 -25.57
N LEU F 217 26.55 1.12 -26.20
CA LEU F 217 25.99 1.55 -27.46
C LEU F 217 25.22 2.84 -27.50
N GLY F 218 24.36 3.04 -26.51
CA GLY F 218 23.39 4.15 -26.53
C GLY F 218 22.21 3.82 -27.42
N VAL F 219 21.13 4.59 -27.27
CA VAL F 219 19.86 4.36 -27.98
C VAL F 219 19.97 4.27 -29.50
N GLU F 220 20.65 5.24 -30.13
CA GLU F 220 20.66 5.32 -31.60
C GLU F 220 21.41 4.15 -32.28
N ALA F 221 22.54 3.77 -31.71
CA ALA F 221 23.32 2.65 -32.24
C ALA F 221 22.67 1.29 -31.96
N THR F 222 21.98 1.18 -30.82
CA THR F 222 21.20 -0.01 -30.51
C THR F 222 20.07 -0.13 -31.54
N LEU F 223 19.38 0.99 -31.76
CA LEU F 223 18.29 1.03 -32.70
C LEU F 223 18.75 0.63 -34.12
N ALA F 224 19.94 1.09 -34.51
CA ALA F 224 20.47 0.77 -35.82
C ALA F 224 20.86 -0.71 -35.90
N GLU F 225 21.37 -1.27 -34.81
CA GLU F 225 21.71 -2.69 -34.79
C GLU F 225 20.46 -3.58 -34.85
N ALA F 226 19.39 -3.14 -34.17
CA ALA F 226 18.11 -3.83 -34.17
C ALA F 226 17.46 -3.76 -35.55
N ARG F 227 17.61 -2.62 -36.23
CA ARG F 227 17.08 -2.47 -37.59
C ARG F 227 17.88 -3.32 -38.60
N ARG F 228 19.19 -3.38 -38.39
CA ARG F 228 20.04 -4.25 -39.21
C ARG F 228 19.62 -5.73 -39.09
N VAL F 229 19.40 -6.22 -37.87
CA VAL F 229 19.12 -7.64 -37.66
C VAL F 229 17.80 -8.09 -38.28
N VAL F 230 16.78 -7.24 -38.20
CA VAL F 230 15.45 -7.64 -38.63
C VAL F 230 15.16 -7.29 -40.10
N GLY F 231 15.90 -6.35 -40.66
CA GLY F 231 15.84 -6.07 -42.10
C GLY F 231 14.46 -5.62 -42.56
N ALA F 232 14.18 -5.79 -43.85
CA ALA F 232 12.91 -5.38 -44.44
C ALA F 232 11.80 -6.44 -44.27
N GLY F 233 12.14 -7.54 -43.61
CA GLY F 233 11.21 -8.67 -43.47
C GLY F 233 10.12 -8.47 -42.43
N PRO F 234 9.12 -9.39 -42.41
CA PRO F 234 8.02 -9.37 -41.45
C PRO F 234 8.53 -9.63 -40.03
N THR F 235 8.15 -8.74 -39.12
CA THR F 235 8.75 -8.66 -37.81
C THR F 235 7.71 -8.46 -36.73
N TYR F 236 7.92 -9.13 -35.61
CA TYR F 236 7.08 -9.02 -34.44
C TYR F 236 7.84 -8.26 -33.38
N VAL F 237 7.13 -7.48 -32.56
CA VAL F 237 7.74 -6.77 -31.44
C VAL F 237 7.19 -7.25 -30.10
N SER F 238 8.05 -7.83 -29.27
CA SER F 238 7.63 -8.31 -27.98
C SER F 238 8.21 -7.46 -26.87
N PHE F 239 7.36 -6.71 -26.18
CA PHE F 239 7.81 -5.87 -25.08
C PHE F 239 7.47 -6.48 -23.72
N ASP F 240 8.51 -6.86 -22.99
CA ASP F 240 8.35 -7.41 -21.65
C ASP F 240 8.66 -6.31 -20.68
N VAL F 241 7.69 -5.95 -19.85
CA VAL F 241 7.87 -4.81 -18.96
C VAL F 241 9.08 -4.94 -18.04
N ASP F 242 9.52 -6.18 -17.78
CA ASP F 242 10.67 -6.37 -16.89
C ASP F 242 12.00 -5.88 -17.48
N VAL F 243 11.98 -5.46 -18.75
CA VAL F 243 13.12 -4.79 -19.37
C VAL F 243 13.36 -3.45 -18.69
N LEU F 244 12.27 -2.84 -18.24
CA LEU F 244 12.34 -1.58 -17.51
C LEU F 244 12.90 -1.82 -16.12
N ASP F 245 13.59 -0.84 -15.57
CA ASP F 245 13.98 -0.89 -14.17
C ASP F 245 12.74 -0.96 -13.27
N PRO F 246 12.79 -1.75 -12.19
CA PRO F 246 11.68 -1.81 -11.22
C PRO F 246 11.07 -0.46 -10.86
N ALA F 247 11.87 0.60 -10.88
CA ALA F 247 11.38 1.95 -10.55
C ALA F 247 10.23 2.37 -11.47
N PHE F 248 10.30 1.93 -12.72
CA PHE F 248 9.31 2.28 -13.73
C PHE F 248 8.27 1.18 -13.87
N ALA F 249 8.66 -0.05 -13.53
CA ALA F 249 7.78 -1.21 -13.67
C ALA F 249 7.87 -2.17 -12.48
N PRO F 250 7.38 -1.78 -11.30
CA PRO F 250 7.52 -2.72 -10.18
C PRO F 250 6.62 -3.96 -10.28
N GLY F 251 5.56 -3.87 -11.08
CA GLY F 251 4.54 -4.90 -11.14
C GLY F 251 4.89 -5.98 -12.14
N THR F 252 5.94 -6.73 -11.83
CA THR F 252 6.38 -7.79 -12.72
C THR F 252 6.95 -8.96 -11.90
N GLY F 253 6.81 -10.18 -12.44
CA GLY F 253 7.18 -11.39 -11.72
C GLY F 253 8.66 -11.48 -11.43
N THR F 254 9.50 -11.21 -12.42
CA THR F 254 10.93 -11.45 -12.26
C THR F 254 11.77 -10.21 -12.55
N PRO F 255 11.72 -9.24 -11.62
CA PRO F 255 12.44 -8.01 -11.84
C PRO F 255 13.96 -8.21 -11.65
N GLU F 256 14.75 -7.47 -12.42
CA GLU F 256 16.20 -7.39 -12.25
C GLU F 256 16.54 -5.90 -12.23
N ILE F 257 17.26 -5.46 -11.20
CA ILE F 257 17.53 -4.04 -11.07
C ILE F 257 18.45 -3.52 -12.19
N GLY F 258 18.55 -2.19 -12.28
CA GLY F 258 19.45 -1.54 -13.24
C GLY F 258 18.97 -1.74 -14.66
N GLY F 259 17.69 -1.48 -14.89
CA GLY F 259 17.09 -1.66 -16.20
C GLY F 259 16.91 -0.40 -17.03
N MET F 260 16.22 -0.56 -18.14
CA MET F 260 15.85 0.52 -19.05
C MET F 260 14.90 1.55 -18.37
N THR F 261 14.91 2.80 -18.83
CA THR F 261 13.93 3.78 -18.39
C THR F 261 12.77 3.75 -19.37
N SER F 262 11.58 4.13 -18.90
CA SER F 262 10.40 4.32 -19.75
C SER F 262 10.74 5.22 -20.94
N LEU F 263 11.42 6.33 -20.66
CA LEU F 263 11.89 7.24 -21.69
C LEU F 263 12.68 6.51 -22.78
N GLN F 264 13.69 5.74 -22.37
CA GLN F 264 14.49 4.97 -23.31
C GLN F 264 13.63 4.01 -24.13
N ALA F 265 12.70 3.31 -23.47
CA ALA F 265 11.80 2.36 -24.13
C ALA F 265 10.97 3.01 -25.23
N GLN F 266 10.38 4.18 -24.93
CA GLN F 266 9.64 4.97 -25.91
C GLN F 266 10.50 5.37 -27.11
N GLN F 267 11.69 5.88 -26.84
CA GLN F 267 12.66 6.24 -27.88
C GLN F 267 12.94 5.03 -28.80
N LEU F 268 13.22 3.87 -28.19
CA LEU F 268 13.58 2.67 -28.95
C LEU F 268 12.38 2.16 -29.77
N VAL F 269 11.20 2.14 -29.18
CA VAL F 269 10.02 1.71 -29.93
C VAL F 269 9.65 2.68 -31.07
N ARG F 270 9.67 3.99 -30.81
CA ARG F 270 9.43 4.97 -31.88
C ARG F 270 10.40 4.81 -33.06
N GLY F 271 11.65 4.42 -32.76
CA GLY F 271 12.66 4.18 -33.80
C GLY F 271 12.39 2.99 -34.71
N LEU F 272 11.44 2.15 -34.34
CA LEU F 272 11.02 1.01 -35.16
C LEU F 272 10.05 1.42 -36.27
N ARG F 273 9.79 2.72 -36.39
CA ARG F 273 8.88 3.22 -37.41
C ARG F 273 9.30 2.74 -38.80
N GLY F 274 8.32 2.35 -39.61
CA GLY F 274 8.57 1.97 -41.00
C GLY F 274 8.94 0.51 -41.27
N LEU F 275 9.14 -0.29 -40.22
CA LEU F 275 9.44 -1.71 -40.41
C LEU F 275 8.18 -2.46 -40.75
N ASP F 276 8.32 -3.66 -41.31
CA ASP F 276 7.15 -4.43 -41.60
C ASP F 276 6.75 -5.19 -40.35
N LEU F 277 5.89 -4.54 -39.56
CA LEU F 277 5.44 -5.07 -38.27
C LEU F 277 4.15 -5.86 -38.45
N VAL F 278 4.17 -7.12 -38.03
CA VAL F 278 3.00 -8.00 -38.25
C VAL F 278 2.18 -8.26 -37.00
N GLY F 279 2.71 -7.75 -35.88
CA GLY F 279 2.09 -7.89 -34.57
C GLY F 279 3.06 -7.45 -33.49
N ALA F 280 2.53 -7.27 -32.28
CA ALA F 280 3.35 -6.96 -31.11
C ALA F 280 2.61 -7.31 -29.84
N ASP F 281 3.34 -7.42 -28.73
CA ASP F 281 2.69 -7.61 -27.46
C ASP F 281 3.38 -6.85 -26.33
N VAL F 282 2.65 -6.70 -25.22
CA VAL F 282 3.19 -6.15 -23.99
C VAL F 282 2.87 -7.19 -22.94
N VAL F 283 3.90 -7.75 -22.32
CA VAL F 283 3.75 -8.90 -21.44
C VAL F 283 4.35 -8.69 -20.05
N GLU F 284 3.92 -9.52 -19.10
CA GLU F 284 4.48 -9.59 -17.74
C GLU F 284 4.05 -8.47 -16.76
N VAL F 285 3.03 -7.70 -17.12
CA VAL F 285 2.41 -6.77 -16.19
C VAL F 285 1.68 -7.62 -15.15
N SER F 286 2.10 -7.50 -13.90
CA SER F 286 1.50 -8.29 -12.83
C SER F 286 0.93 -7.40 -11.74
N PRO F 287 -0.38 -7.11 -11.78
CA PRO F 287 -1.06 -6.22 -10.83
C PRO F 287 -0.85 -6.51 -9.33
N PRO F 288 -0.78 -7.80 -8.90
CA PRO F 288 -0.58 -8.03 -7.45
C PRO F 288 0.75 -7.51 -6.89
N PHE F 289 1.70 -7.20 -7.77
CA PHE F 289 2.98 -6.62 -7.35
C PHE F 289 3.10 -5.19 -7.88
N ASP F 290 2.04 -4.70 -8.51
CA ASP F 290 2.04 -3.33 -9.04
C ASP F 290 1.83 -2.32 -7.90
N VAL F 291 2.21 -1.07 -8.14
CA VAL F 291 2.05 0.00 -7.16
C VAL F 291 1.22 1.11 -7.77
N GLY F 292 0.00 1.31 -7.26
CA GLY F 292 -0.93 2.32 -7.78
C GLY F 292 -1.05 2.38 -9.29
N GLY F 293 -1.08 1.21 -9.93
CA GLY F 293 -1.27 1.08 -11.38
C GLY F 293 -0.10 1.52 -12.23
N ALA F 294 1.05 1.79 -11.61
CA ALA F 294 2.23 2.21 -12.35
C ALA F 294 2.58 1.32 -13.56
N THR F 295 2.80 0.03 -13.32
CA THR F 295 3.19 -0.88 -14.40
C THR F 295 2.05 -1.03 -15.42
N ALA F 296 0.82 -0.98 -14.95
CA ALA F 296 -0.34 -1.02 -15.86
C ALA F 296 -0.36 0.19 -16.78
N LEU F 297 -0.05 1.38 -16.25
CA LEU F 297 0.07 2.57 -17.10
C LEU F 297 1.20 2.46 -18.14
N VAL F 298 2.35 1.93 -17.72
CA VAL F 298 3.47 1.73 -18.62
C VAL F 298 3.04 0.83 -19.80
N GLY F 299 2.36 -0.27 -19.47
CA GLY F 299 1.90 -1.24 -20.43
C GLY F 299 0.96 -0.55 -21.39
N ALA F 300 0.00 0.20 -20.85
CA ALA F 300 -0.98 0.92 -21.66
C ALA F 300 -0.32 1.89 -22.64
N THR F 301 0.74 2.55 -22.18
CA THR F 301 1.39 3.58 -22.98
C THR F 301 2.28 2.95 -24.04
N MET F 302 3.04 1.94 -23.64
CA MET F 302 3.83 1.20 -24.59
C MET F 302 2.90 0.56 -25.64
N MET F 303 1.74 0.09 -25.20
CA MET F 303 0.71 -0.40 -26.12
C MET F 303 0.34 0.66 -27.15
N PHE F 304 0.11 1.89 -26.70
CA PHE F 304 -0.24 2.97 -27.63
C PHE F 304 0.90 3.23 -28.60
N GLU F 305 2.13 3.18 -28.08
CA GLU F 305 3.33 3.38 -28.91
C GLU F 305 3.39 2.33 -30.03
N LEU F 306 3.17 1.07 -29.68
CA LEU F 306 3.17 0.01 -30.67
C LEU F 306 1.98 0.15 -31.63
N LEU F 307 0.82 0.54 -31.09
CA LEU F 307 -0.38 0.71 -31.90
C LEU F 307 -0.14 1.65 -33.07
N CYS F 308 0.56 2.74 -32.83
CA CYS F 308 0.83 3.71 -33.87
C CYS F 308 1.62 3.10 -35.03
N LEU F 309 2.66 2.32 -34.71
CA LEU F 309 3.48 1.71 -35.75
C LEU F 309 2.71 0.62 -36.49
N LEU F 310 1.99 -0.21 -35.73
CA LEU F 310 1.13 -1.21 -36.30
C LEU F 310 0.07 -0.61 -37.22
N ALA F 311 -0.43 0.57 -36.87
CA ALA F 311 -1.42 1.24 -37.70
C ALA F 311 -0.84 1.64 -39.06
N GLU F 312 0.41 2.10 -39.07
CA GLU F 312 1.05 2.46 -40.33
C GLU F 312 1.27 1.25 -41.26
N SER F 313 1.75 0.14 -40.70
CA SER F 313 1.88 -1.10 -41.45
C SER F 313 0.55 -1.50 -42.07
N ALA F 314 -0.50 -1.58 -41.24
CA ALA F 314 -1.81 -1.96 -41.75
C ALA F 314 -2.32 -0.99 -42.82
N ALA F 315 -1.89 0.27 -42.74
CA ALA F 315 -2.27 1.27 -43.75
C ALA F 315 -1.53 1.05 -45.06
N ARG F 316 -0.25 0.68 -44.96
CA ARG F 316 0.57 0.37 -46.14
C ARG F 316 0.06 -0.87 -46.89
N SER F 317 -0.51 -1.82 -46.15
CA SER F 317 -1.03 -3.06 -46.76
C SER F 317 -2.30 -2.82 -47.57
N ALA F 318 -3.18 -1.96 -47.06
CA ALA F 318 -4.45 -1.66 -47.72
C ALA F 318 -4.32 -0.90 -49.05
N1 16D G . -14.31 -6.25 3.30
C1 16D G . -14.45 -7.00 2.01
C2 16D G . -13.25 -7.01 1.06
C3 16D G . -12.33 -8.25 1.03
C4 16D G . -10.90 -7.99 0.56
C5 16D G . -10.13 -9.26 0.22
C6 16D G . -9.11 -9.06 -0.92
N2 16D G . -9.62 -8.11 -1.92
N1 16D H . 0.66 -6.26 10.75
C1 16D H . -0.26 -5.42 11.55
C2 16D H . -1.41 -6.20 12.24
C3 16D H . -2.27 -7.13 11.39
C4 16D H . -2.57 -8.45 12.16
C5 16D H . -3.66 -9.44 11.72
C6 16D H . -5.10 -8.87 11.76
N2 16D H . -6.15 -9.62 11.08
N1 16D I . 5.83 4.29 -14.11
C1 16D I . 4.51 4.05 -14.73
C2 16D I . 3.37 5.02 -14.38
C3 16D I . 3.11 5.18 -12.86
C4 16D I . 2.30 6.42 -12.48
C5 16D I . 0.99 6.04 -11.81
C6 16D I . 0.41 7.19 -11.01
N2 16D I . -0.85 6.69 -10.50
N1 16D J . 10.57 10.38 -5.64
C1 16D J . 11.29 10.68 -4.41
C2 16D J . 10.45 11.15 -3.22
C3 16D J . 10.89 10.53 -1.90
C4 16D J . 10.20 9.23 -1.46
C5 16D J . 10.96 8.58 -0.31
C6 16D J . 10.06 8.10 0.83
N2 16D J . 10.75 7.00 1.48
N1 16D K . -20.80 6.43 17.69
C1 16D K . -19.68 6.15 16.82
C2 16D K . -19.12 7.46 16.26
C3 16D K . -17.85 7.32 15.44
C4 16D K . -17.23 8.73 15.39
C5 16D K . -16.38 9.04 14.17
C6 16D K . -15.01 8.37 14.24
N2 16D K . -14.18 8.71 13.11
#